data_8G0U
#
_entry.id   8G0U
#
_cell.length_a   71.879
_cell.length_b   183.779
_cell.length_c   84.076
_cell.angle_alpha   90.00
_cell.angle_beta   92.98
_cell.angle_gamma   90.00
#
_symmetry.space_group_name_H-M   'P 1 21 1'
#
loop_
_entity.id
_entity.type
_entity.pdbx_description
1 polymer 'Acetyl-coenzyme A synthetase'
2 non-polymer 1,2-ETHANEDIOL
3 non-polymer "5'-O-{(R)-hydroxy[(propan-2-yl)oxy]phosphoryl}adenosine"
4 water water
#
_entity_poly.entity_id   1
_entity_poly.type   'polypeptide(L)'
_entity_poly.pdbx_seq_one_letter_code
;MHHHHHHHHENLYFQGKTEVAPGVHHVHPLPDSVPESEDLFAPPPRMQGKEGRPKPHIGPNYESYVKEWAKTVGPNSDEW
WAAKARETLDWYDDFKTVRAGGFEHGDVQWFPEGTLNAAYNCLDRHYYKNPKKTAIIYEADEPSESREVSYEELMQETCR
VANVLKSYGVKKGDAVSIYLPMTWQAAAAFLACARIGAIHSAVFAGFSAESLRDRVNDCECKVLITTDEGRRGGKTIATK
QIVDAALQQCPLVENVLVLRRTGNKVPMTEGRDKWWDEECAKMPAYCPCERMASEDPLFILYTSGSTGKPKGVVHSTAGY
LLGTALTLKYVFDAHPDDRFACMADIGWITGHSYIIYGPLANGITTAVFESTPVYPTPSRYWDFVDKWKATQLYTAPTAI
RLLRRMGEDHVKNHDLSSLRVLGSVGEPINPEAWHWYNDFAGKNQCAIVDTYWMTETGSISIAPLPGAISTKPGSATFPF
FGMDVDIIDPQTGQVLEGNDVEGVLVARRPWPSIARTVYRDHKRYLETYMKPYPGYFFFGDGAARDYDGYMWIKGRVDDV
INVSGHRLSTAEVESALILHKGVAETAVVGCADDLTGQAVYAFVTMKPEFDLKATKEADLSKELAIQVRKVIGPFAAPKK
IYLVSDLPKTRSGKIMRRVLRKIVAGEGDQLGDLSSIADPQIVEEVKQKVTGSA
;
_entity_poly.pdbx_strand_id   A,B,C
#
loop_
_chem_comp.id
_chem_comp.type
_chem_comp.name
_chem_comp.formula
EDO non-polymer 1,2-ETHANEDIOL 'C2 H6 O2'
YHQ non-polymer 5'-O-{(R)-hydroxy[(propan-2-yl)oxy]phosphoryl}adenosine 'C13 H20 N5 O7 P'
#
# COMPACT_ATOMS: atom_id res chain seq x y z
N VAL A 24 -39.68 -30.64 37.22
CA VAL A 24 -38.25 -30.96 37.35
C VAL A 24 -37.41 -29.76 36.89
N HIS A 25 -37.43 -29.48 35.59
CA HIS A 25 -36.66 -28.39 35.01
C HIS A 25 -37.57 -27.40 34.29
N HIS A 26 -37.22 -26.11 34.36
CA HIS A 26 -37.96 -25.09 33.62
C HIS A 26 -37.58 -25.07 32.15
N VAL A 27 -36.31 -25.33 31.82
CA VAL A 27 -35.82 -25.34 30.45
C VAL A 27 -35.77 -26.79 29.96
N HIS A 28 -36.35 -27.04 28.80
CA HIS A 28 -36.35 -28.38 28.22
C HIS A 28 -35.52 -28.42 26.95
N PRO A 29 -34.90 -29.56 26.64
CA PRO A 29 -34.23 -29.69 25.34
C PRO A 29 -35.27 -29.64 24.22
N LEU A 30 -34.79 -29.30 23.03
CA LEU A 30 -35.66 -29.33 21.86
C LEU A 30 -36.24 -30.73 21.69
N PRO A 31 -37.53 -30.85 21.36
CA PRO A 31 -38.15 -32.17 21.29
C PRO A 31 -37.37 -33.17 20.45
N ASP A 32 -37.19 -34.37 20.99
CA ASP A 32 -36.44 -35.42 20.32
C ASP A 32 -37.07 -36.77 20.66
N SER A 33 -36.98 -37.70 19.71
CA SER A 33 -37.50 -39.05 19.93
C SER A 33 -36.58 -39.91 20.78
N VAL A 34 -35.35 -39.48 20.99
CA VAL A 34 -34.39 -40.20 21.83
C VAL A 34 -34.57 -39.73 23.28
N PRO A 35 -34.62 -40.63 24.26
CA PRO A 35 -34.72 -40.18 25.66
C PRO A 35 -33.51 -39.33 26.04
N GLU A 36 -33.75 -38.38 26.96
CA GLU A 36 -32.68 -37.48 27.36
C GLU A 36 -31.47 -38.23 27.91
N SER A 37 -31.72 -39.32 28.66
CA SER A 37 -30.63 -40.08 29.27
C SER A 37 -29.76 -40.79 28.24
N GLU A 38 -30.23 -40.91 27.00
CA GLU A 38 -29.45 -41.54 25.94
C GLU A 38 -29.01 -40.52 24.89
N ASP A 39 -29.14 -39.22 25.18
CA ASP A 39 -28.98 -38.19 24.17
C ASP A 39 -27.75 -37.32 24.39
N LEU A 40 -26.75 -37.83 25.12
CA LEU A 40 -25.49 -37.12 25.35
C LEU A 40 -24.40 -37.88 24.61
N PHE A 41 -23.69 -37.18 23.72
CA PHE A 41 -22.76 -37.81 22.78
C PHE A 41 -21.34 -37.29 23.03
N ALA A 42 -20.54 -38.10 23.70
CA ALA A 42 -19.17 -37.72 24.00
C ALA A 42 -18.34 -37.69 22.72
N PRO A 43 -17.23 -36.95 22.73
CA PRO A 43 -16.36 -36.93 21.53
C PRO A 43 -16.00 -38.34 21.09
N PRO A 44 -16.28 -38.70 19.84
CA PRO A 44 -16.04 -40.09 19.40
C PRO A 44 -14.57 -40.34 19.14
N PRO A 45 -14.20 -41.61 18.88
CA PRO A 45 -12.76 -41.94 18.70
C PRO A 45 -12.04 -41.14 17.63
N ARG A 46 -12.70 -40.81 16.51
CA ARG A 46 -12.04 -39.97 15.51
C ARG A 46 -11.63 -38.61 16.08
N MET A 47 -12.24 -38.20 17.19
CA MET A 47 -11.92 -36.94 17.86
C MET A 47 -11.23 -37.16 19.21
N GLN A 48 -10.64 -38.33 19.42
CA GLN A 48 -9.89 -38.63 20.63
C GLN A 48 -8.40 -38.83 20.36
N GLY A 49 -7.94 -38.56 19.14
CA GLY A 49 -6.57 -38.85 18.80
C GLY A 49 -6.30 -40.29 18.46
N LYS A 50 -7.34 -41.12 18.34
CA LYS A 50 -7.17 -42.51 17.96
C LYS A 50 -7.26 -42.66 16.44
N GLU A 51 -7.03 -43.89 15.96
CA GLU A 51 -7.11 -44.23 14.54
C GLU A 51 -6.17 -43.38 13.69
N GLY A 52 -5.15 -42.78 14.30
CA GLY A 52 -4.23 -41.94 13.55
C GLY A 52 -4.74 -40.57 13.23
N ARG A 53 -5.83 -40.12 13.84
CA ARG A 53 -6.31 -38.78 13.57
C ARG A 53 -5.52 -37.77 14.41
N PRO A 54 -5.50 -36.51 13.98
CA PRO A 54 -4.80 -35.49 14.77
C PRO A 54 -5.38 -35.40 16.18
N LYS A 55 -4.50 -35.18 17.15
CA LYS A 55 -4.96 -34.96 18.50
C LYS A 55 -5.69 -33.62 18.60
N PRO A 56 -6.81 -33.56 19.31
CA PRO A 56 -7.55 -32.30 19.39
C PRO A 56 -6.74 -31.20 20.07
N HIS A 57 -6.97 -29.98 19.61
CA HIS A 57 -6.31 -28.82 20.22
C HIS A 57 -6.81 -28.59 21.64
N ILE A 58 -8.07 -28.90 21.90
CA ILE A 58 -8.65 -28.79 23.22
C ILE A 58 -9.32 -30.11 23.57
N GLY A 59 -9.03 -30.64 24.74
CA GLY A 59 -9.59 -31.90 25.15
C GLY A 59 -9.07 -32.37 26.48
N PRO A 60 -9.64 -33.46 27.00
CA PRO A 60 -10.67 -34.28 26.39
C PRO A 60 -12.09 -34.07 26.93
N ASN A 61 -12.34 -33.05 27.75
CA ASN A 61 -13.62 -32.97 28.46
C ASN A 61 -14.03 -31.51 28.66
N TYR A 62 -15.18 -31.34 29.30
CA TYR A 62 -15.70 -30.00 29.56
C TYR A 62 -14.70 -29.16 30.31
N GLU A 63 -14.04 -29.73 31.32
CA GLU A 63 -13.13 -28.94 32.14
C GLU A 63 -11.94 -28.44 31.34
N SER A 64 -11.49 -29.18 30.33
CA SER A 64 -10.39 -28.68 29.50
C SER A 64 -10.83 -27.47 28.70
N TYR A 65 -12.09 -27.43 28.26
CA TYR A 65 -12.61 -26.22 27.61
C TYR A 65 -12.67 -25.05 28.59
N VAL A 66 -13.21 -25.28 29.79
CA VAL A 66 -13.36 -24.16 30.73
C VAL A 66 -12.00 -23.62 31.13
N LYS A 67 -11.03 -24.51 31.34
CA LYS A 67 -9.70 -24.07 31.76
C LYS A 67 -9.10 -23.11 30.74
N GLU A 68 -9.27 -23.39 29.45
CA GLU A 68 -8.76 -22.46 28.45
C GLU A 68 -9.69 -21.26 28.27
N TRP A 69 -11.00 -21.49 28.27
CA TRP A 69 -11.94 -20.39 28.04
C TRP A 69 -11.81 -19.30 29.09
N ALA A 70 -11.55 -19.68 30.35
CA ALA A 70 -11.46 -18.72 31.43
C ALA A 70 -10.32 -17.74 31.25
N LYS A 71 -9.31 -18.10 30.45
CA LYS A 71 -8.21 -17.18 30.14
C LYS A 71 -8.61 -16.11 29.15
N THR A 72 -9.73 -16.26 28.45
CA THR A 72 -10.09 -15.42 27.31
C THR A 72 -11.13 -14.38 27.65
N VAL A 73 -11.70 -14.43 28.84
CA VAL A 73 -12.70 -13.48 29.31
C VAL A 73 -12.26 -12.99 30.69
N GLY A 74 -12.83 -11.87 31.09
CA GLY A 74 -12.55 -11.30 32.39
C GLY A 74 -11.45 -10.25 32.33
N PRO A 75 -11.12 -9.68 33.50
CA PRO A 75 -10.20 -8.53 33.52
C PRO A 75 -8.75 -8.87 33.26
N ASN A 76 -8.36 -10.15 33.26
CA ASN A 76 -6.98 -10.54 33.04
C ASN A 76 -6.80 -11.32 31.74
N SER A 77 -7.66 -11.09 30.76
CA SER A 77 -7.61 -11.82 29.50
C SER A 77 -6.79 -11.13 28.41
N ASP A 78 -6.29 -9.91 28.64
CA ASP A 78 -5.46 -9.26 27.63
C ASP A 78 -4.25 -10.11 27.27
N GLU A 79 -3.65 -10.77 28.27
CA GLU A 79 -2.45 -11.57 28.03
C GLU A 79 -2.70 -12.66 27.00
N TRP A 80 -3.78 -13.43 27.18
CA TRP A 80 -4.10 -14.49 26.25
C TRP A 80 -4.35 -13.95 24.84
N TRP A 81 -5.13 -12.87 24.74
CA TRP A 81 -5.49 -12.36 23.42
C TRP A 81 -4.29 -11.73 22.72
N ALA A 82 -3.41 -11.04 23.46
CA ALA A 82 -2.20 -10.51 22.84
C ALA A 82 -1.33 -11.63 22.30
N ALA A 83 -1.17 -12.72 23.06
CA ALA A 83 -0.35 -13.83 22.61
C ALA A 83 -0.95 -14.51 21.38
N LYS A 84 -2.27 -14.74 21.40
CA LYS A 84 -2.91 -15.39 20.25
C LYS A 84 -2.82 -14.53 19.00
N ALA A 85 -3.00 -13.21 19.14
CA ALA A 85 -2.92 -12.33 17.97
C ALA A 85 -1.52 -12.37 17.36
N ARG A 86 -0.49 -12.38 18.18
CA ARG A 86 0.88 -12.38 17.68
C ARG A 86 1.29 -13.76 17.18
N GLU A 87 0.73 -14.83 17.74
CA GLU A 87 1.06 -16.18 17.28
C GLU A 87 0.30 -16.54 16.02
N THR A 88 -0.90 -15.99 15.83
CA THR A 88 -1.82 -16.45 14.80
C THR A 88 -1.67 -15.70 13.48
N LEU A 89 -1.36 -14.42 13.54
CA LEU A 89 -1.26 -13.57 12.36
C LEU A 89 0.16 -13.04 12.23
N ASP A 90 0.55 -12.79 10.98
CA ASP A 90 1.76 -12.06 10.66
C ASP A 90 1.46 -10.56 10.62
N TRP A 91 2.28 -9.77 11.31
CA TRP A 91 2.07 -8.33 11.45
C TRP A 91 3.23 -7.58 10.81
N TYR A 92 2.92 -6.50 10.10
CA TYR A 92 3.98 -5.59 9.67
C TYR A 92 4.47 -4.73 10.82
N ASP A 93 3.55 -4.24 11.65
CA ASP A 93 3.85 -3.46 12.85
C ASP A 93 3.11 -4.07 14.03
N ASP A 94 3.80 -4.19 15.16
CA ASP A 94 3.18 -4.72 16.35
C ASP A 94 2.16 -3.73 16.91
N PHE A 95 1.21 -4.26 17.68
CA PHE A 95 0.28 -3.41 18.42
C PHE A 95 0.84 -3.18 19.83
N LYS A 96 0.30 -2.16 20.48
CA LYS A 96 0.55 -1.94 21.90
C LYS A 96 -0.69 -2.21 22.75
N THR A 97 -1.81 -1.61 22.38
CA THR A 97 -3.07 -1.77 23.11
C THR A 97 -3.80 -3.02 22.64
N VAL A 98 -4.30 -3.81 23.58
CA VAL A 98 -5.02 -5.02 23.19
C VAL A 98 -6.47 -4.68 22.82
N ARG A 99 -7.17 -3.95 23.67
CA ARG A 99 -8.56 -3.62 23.38
C ARG A 99 -8.90 -2.28 24.00
N ALA A 100 -9.89 -1.62 23.41
CA ALA A 100 -10.48 -0.42 24.00
C ALA A 100 -11.87 -0.25 23.41
N GLY A 101 -12.60 0.73 23.96
CA GLY A 101 -13.91 1.08 23.46
C GLY A 101 -14.99 0.16 23.97
N GLY A 102 -16.19 0.33 23.42
CA GLY A 102 -17.30 -0.46 23.91
C GLY A 102 -18.56 -0.30 23.09
N PHE A 103 -19.62 -0.92 23.61
CA PHE A 103 -20.91 -0.98 22.92
C PHE A 103 -21.57 0.39 22.85
N GLU A 104 -21.49 1.17 23.92
CA GLU A 104 -22.39 2.30 24.12
C GLU A 104 -22.34 3.28 22.97
N HIS A 105 -21.14 3.65 22.53
CA HIS A 105 -20.96 4.56 21.41
C HIS A 105 -20.48 3.86 20.16
N GLY A 106 -20.21 2.56 20.22
CA GLY A 106 -19.72 1.83 19.07
C GLY A 106 -18.35 2.31 18.64
N ASP A 107 -17.38 2.21 19.54
CA ASP A 107 -15.98 2.58 19.29
C ASP A 107 -15.05 1.41 19.62
N VAL A 108 -15.50 0.17 19.35
CA VAL A 108 -14.72 -1.01 19.66
C VAL A 108 -13.39 -1.00 18.89
N GLN A 109 -12.30 -1.25 19.61
CA GLN A 109 -10.96 -1.28 19.06
C GLN A 109 -10.25 -2.52 19.58
N TRP A 110 -9.53 -3.21 18.69
CA TRP A 110 -8.66 -4.31 19.04
C TRP A 110 -7.33 -4.13 18.32
N PHE A 111 -6.22 -4.29 19.04
CA PHE A 111 -4.87 -4.19 18.49
C PHE A 111 -4.69 -2.93 17.64
N PRO A 112 -5.14 -1.77 18.13
CA PRO A 112 -5.29 -0.63 17.22
C PRO A 112 -4.01 -0.15 16.55
N GLU A 113 -2.85 -0.19 17.23
CA GLU A 113 -1.63 0.36 16.65
C GLU A 113 -0.94 -0.59 15.67
N GLY A 114 -1.37 -1.85 15.61
CA GLY A 114 -0.73 -2.79 14.72
C GLY A 114 -1.17 -2.62 13.28
N THR A 115 -0.35 -3.13 12.37
CA THR A 115 -0.68 -3.14 10.96
C THR A 115 -0.43 -4.52 10.38
N LEU A 116 -1.19 -4.84 9.35
CA LEU A 116 -1.17 -6.19 8.78
C LEU A 116 -1.89 -6.11 7.46
N ASN A 117 -1.95 -7.23 6.76
CA ASN A 117 -2.74 -7.34 5.54
C ASN A 117 -3.37 -8.72 5.49
N ALA A 118 -4.67 -8.76 5.17
CA ALA A 118 -5.38 -10.04 5.18
C ALA A 118 -4.90 -10.95 4.06
N ALA A 119 -4.63 -10.40 2.88
CA ALA A 119 -4.14 -11.23 1.78
C ALA A 119 -2.76 -11.82 2.09
N TYR A 120 -1.87 -11.04 2.72
CA TYR A 120 -0.58 -11.58 3.14
C TYR A 120 -0.76 -12.79 4.06
N ASN A 121 -1.71 -12.70 4.99
CA ASN A 121 -1.91 -13.77 5.95
C ASN A 121 -2.64 -14.96 5.36
N CYS A 122 -3.46 -14.74 4.33
CA CYS A 122 -4.20 -15.81 3.69
C CYS A 122 -3.47 -16.43 2.50
N LEU A 123 -2.50 -15.72 1.92
CA LEU A 123 -1.81 -16.20 0.73
C LEU A 123 -0.30 -16.18 0.89
N ASP A 124 0.30 -14.98 0.93
CA ASP A 124 1.74 -14.85 0.79
C ASP A 124 2.50 -15.74 1.75
N ARG A 125 2.16 -15.70 3.04
CA ARG A 125 2.98 -16.39 4.04
C ARG A 125 2.92 -17.90 3.86
N HIS A 126 1.82 -18.42 3.34
CA HIS A 126 1.71 -19.85 3.04
C HIS A 126 2.39 -20.18 1.72
N TYR A 127 2.23 -19.32 0.72
CA TYR A 127 2.95 -19.50 -0.53
C TYR A 127 4.45 -19.53 -0.31
N TYR A 128 4.96 -18.70 0.60
CA TYR A 128 6.40 -18.72 0.89
C TYR A 128 6.81 -20.03 1.55
N LYS A 129 5.89 -20.72 2.20
CA LYS A 129 6.22 -21.97 2.88
C LYS A 129 6.01 -23.19 1.99
N ASN A 130 4.84 -23.29 1.36
CA ASN A 130 4.51 -24.45 0.51
C ASN A 130 3.68 -23.98 -0.68
N PRO A 131 4.33 -23.49 -1.73
CA PRO A 131 3.59 -22.90 -2.86
C PRO A 131 2.67 -23.88 -3.57
N LYS A 132 2.99 -25.16 -3.58
CA LYS A 132 2.21 -26.14 -4.32
C LYS A 132 1.08 -26.76 -3.50
N LYS A 133 1.02 -26.47 -2.19
CA LYS A 133 -0.11 -26.94 -1.40
C LYS A 133 -1.41 -26.41 -1.98
N THR A 134 -2.43 -27.25 -1.97
CA THR A 134 -3.73 -26.84 -2.49
C THR A 134 -4.38 -25.83 -1.54
N ALA A 135 -4.71 -24.65 -2.06
CA ALA A 135 -5.47 -23.69 -1.30
C ALA A 135 -6.96 -23.96 -1.44
N ILE A 136 -7.42 -24.17 -2.68
CA ILE A 136 -8.84 -24.32 -2.96
C ILE A 136 -9.08 -25.64 -3.70
N ILE A 137 -10.01 -26.44 -3.18
CA ILE A 137 -10.65 -27.51 -3.94
C ILE A 137 -11.83 -26.85 -4.63
N TYR A 138 -11.72 -26.68 -5.95
CA TYR A 138 -12.78 -26.05 -6.74
C TYR A 138 -13.68 -27.17 -7.24
N GLU A 139 -14.81 -27.34 -6.58
CA GLU A 139 -15.79 -28.34 -7.00
C GLU A 139 -16.76 -27.64 -7.94
N ALA A 140 -16.54 -27.82 -9.24
CA ALA A 140 -17.34 -27.15 -10.25
C ALA A 140 -18.77 -27.68 -10.23
N ASP A 141 -19.67 -26.91 -10.84
CA ASP A 141 -21.07 -27.34 -10.91
C ASP A 141 -21.16 -28.73 -11.52
N GLU A 142 -20.42 -28.97 -12.61
CA GLU A 142 -20.27 -30.31 -13.17
C GLU A 142 -19.10 -31.00 -12.50
N PRO A 143 -19.30 -32.13 -11.82
CA PRO A 143 -18.21 -32.75 -11.05
C PRO A 143 -16.92 -32.96 -11.83
N SER A 144 -17.01 -33.32 -13.11
CA SER A 144 -15.81 -33.69 -13.87
C SER A 144 -14.87 -32.51 -14.08
N GLU A 145 -15.34 -31.27 -13.93
CA GLU A 145 -14.52 -30.09 -14.17
C GLU A 145 -13.85 -29.57 -12.91
N SER A 146 -13.98 -30.29 -11.79
CA SER A 146 -13.37 -29.83 -10.54
C SER A 146 -11.86 -29.99 -10.58
N ARG A 147 -11.17 -29.15 -9.82
CA ARG A 147 -9.71 -29.22 -9.76
C ARG A 147 -9.19 -28.53 -8.51
N GLU A 148 -7.94 -28.81 -8.20
CA GLU A 148 -7.24 -28.17 -7.09
C GLU A 148 -6.51 -26.92 -7.57
N VAL A 149 -6.61 -25.85 -6.79
CA VAL A 149 -5.94 -24.58 -7.06
C VAL A 149 -4.90 -24.37 -5.97
N SER A 150 -3.64 -24.31 -6.37
CA SER A 150 -2.57 -24.19 -5.39
C SER A 150 -2.52 -22.79 -4.79
N TYR A 151 -1.84 -22.67 -3.65
CA TYR A 151 -1.60 -21.35 -3.08
C TYR A 151 -0.87 -20.46 -4.08
N GLU A 152 0.09 -21.01 -4.82
CA GLU A 152 0.79 -20.23 -5.83
C GLU A 152 -0.20 -19.67 -6.87
N GLU A 153 -1.04 -20.53 -7.44
CA GLU A 153 -1.97 -20.06 -8.47
C GLU A 153 -2.95 -19.04 -7.90
N LEU A 154 -3.48 -19.30 -6.70
CA LEU A 154 -4.42 -18.36 -6.11
C LEU A 154 -3.76 -17.02 -5.83
N MET A 155 -2.54 -17.04 -5.32
CA MET A 155 -1.84 -15.79 -5.03
C MET A 155 -1.55 -15.01 -6.31
N GLN A 156 -1.11 -15.71 -7.35
CA GLN A 156 -0.83 -15.05 -8.63
C GLN A 156 -2.09 -14.41 -9.20
N GLU A 157 -3.21 -15.11 -9.18
CA GLU A 157 -4.42 -14.52 -9.75
CA GLU A 157 -4.46 -14.56 -9.71
C GLU A 157 -4.91 -13.36 -8.88
N THR A 158 -4.81 -13.49 -7.56
CA THR A 158 -5.15 -12.38 -6.67
C THR A 158 -4.29 -11.16 -6.98
N CYS A 159 -2.98 -11.36 -7.19
CA CYS A 159 -2.10 -10.24 -7.48
C CYS A 159 -2.43 -9.61 -8.83
N ARG A 160 -2.75 -10.42 -9.84
CA ARG A 160 -3.12 -9.85 -11.14
CA ARG A 160 -3.12 -9.85 -11.14
C ARG A 160 -4.35 -8.96 -11.00
N VAL A 161 -5.39 -9.46 -10.32
CA VAL A 161 -6.61 -8.68 -10.14
C VAL A 161 -6.33 -7.44 -9.33
N ALA A 162 -5.52 -7.56 -8.28
CA ALA A 162 -5.16 -6.39 -7.49
C ALA A 162 -4.52 -5.32 -8.37
N ASN A 163 -3.63 -5.74 -9.26
CA ASN A 163 -3.00 -4.79 -10.18
C ASN A 163 -4.03 -4.18 -11.13
N VAL A 164 -5.01 -4.97 -11.58
CA VAL A 164 -6.06 -4.40 -12.43
C VAL A 164 -6.82 -3.32 -11.66
N LEU A 165 -7.18 -3.61 -10.41
CA LEU A 165 -7.94 -2.64 -9.63
C LEU A 165 -7.14 -1.34 -9.44
N LYS A 166 -5.85 -1.46 -9.14
CA LYS A 166 -5.03 -0.26 -9.00
C LYS A 166 -4.97 0.52 -10.32
N SER A 167 -4.96 -0.18 -11.45
CA SER A 167 -4.94 0.53 -12.73
C SER A 167 -6.24 1.28 -12.97
N TYR A 168 -7.31 0.91 -12.28
CA TYR A 168 -8.57 1.64 -12.35
C TYR A 168 -8.62 2.81 -11.38
N GLY A 169 -7.57 3.04 -10.61
CA GLY A 169 -7.58 4.11 -9.63
C GLY A 169 -8.18 3.75 -8.29
N VAL A 170 -8.40 2.46 -8.01
CA VAL A 170 -8.90 2.06 -6.71
C VAL A 170 -7.82 2.30 -5.67
N LYS A 171 -8.18 3.03 -4.62
CA LYS A 171 -7.26 3.38 -3.55
C LYS A 171 -7.69 2.70 -2.26
N LYS A 172 -6.74 2.60 -1.32
CA LYS A 172 -7.05 2.15 0.02
C LYS A 172 -8.31 2.84 0.53
N GLY A 173 -9.26 2.05 1.04
CA GLY A 173 -10.48 2.57 1.58
C GLY A 173 -11.61 2.71 0.59
N ASP A 174 -11.37 2.54 -0.70
CA ASP A 174 -12.45 2.56 -1.68
C ASP A 174 -13.25 1.26 -1.60
N ALA A 175 -14.56 1.36 -1.83
CA ALA A 175 -15.41 0.18 -1.89
C ALA A 175 -15.42 -0.39 -3.29
N VAL A 176 -15.45 -1.72 -3.38
CA VAL A 176 -15.55 -2.47 -4.63
C VAL A 176 -16.66 -3.50 -4.47
N SER A 177 -17.66 -3.45 -5.33
CA SER A 177 -18.73 -4.44 -5.28
C SER A 177 -18.32 -5.71 -6.03
N ILE A 178 -18.71 -6.86 -5.49
CA ILE A 178 -18.42 -8.16 -6.05
C ILE A 178 -19.75 -8.90 -6.23
N TYR A 179 -20.05 -9.27 -7.46
CA TYR A 179 -21.25 -10.01 -7.82
C TYR A 179 -20.79 -11.26 -8.59
N LEU A 180 -20.22 -12.20 -7.86
CA LEU A 180 -19.59 -13.39 -8.40
C LEU A 180 -20.26 -14.65 -7.88
N PRO A 181 -20.43 -15.66 -8.72
CA PRO A 181 -20.92 -16.96 -8.25
C PRO A 181 -19.77 -17.76 -7.66
N MET A 182 -20.07 -18.99 -7.28
CA MET A 182 -19.12 -19.82 -6.52
C MET A 182 -18.14 -20.54 -7.44
N THR A 183 -17.42 -19.74 -8.21
CA THR A 183 -16.21 -20.20 -8.88
C THR A 183 -15.00 -19.78 -8.04
N TRP A 184 -13.88 -20.49 -8.22
CA TRP A 184 -12.77 -20.31 -7.29
C TRP A 184 -12.22 -18.89 -7.34
N GLN A 185 -12.36 -18.21 -8.47
CA GLN A 185 -11.85 -16.84 -8.56
C GLN A 185 -12.55 -15.87 -7.64
N ALA A 186 -13.71 -16.23 -7.06
CA ALA A 186 -14.33 -15.35 -6.09
C ALA A 186 -13.37 -15.06 -4.94
N ALA A 187 -12.63 -16.07 -4.49
CA ALA A 187 -11.64 -15.87 -3.45
C ALA A 187 -10.55 -14.90 -3.90
N ALA A 188 -10.11 -15.00 -5.16
CA ALA A 188 -9.10 -14.05 -5.66
C ALA A 188 -9.65 -12.64 -5.69
N ALA A 189 -10.95 -12.47 -5.99
CA ALA A 189 -11.52 -11.13 -6.05
C ALA A 189 -11.61 -10.51 -4.65
N PHE A 190 -12.11 -11.29 -3.67
CA PHE A 190 -12.10 -10.82 -2.29
C PHE A 190 -10.70 -10.40 -1.89
N LEU A 191 -9.73 -11.30 -2.07
CA LEU A 191 -8.40 -11.08 -1.53
C LEU A 191 -7.63 -10.02 -2.30
N ALA A 192 -7.96 -9.77 -3.57
CA ALA A 192 -7.34 -8.66 -4.27
C ALA A 192 -7.77 -7.33 -3.68
N CYS A 193 -9.03 -7.21 -3.28
CA CYS A 193 -9.47 -5.99 -2.63
C CYS A 193 -8.77 -5.83 -1.29
N ALA A 194 -8.69 -6.92 -0.51
CA ALA A 194 -8.00 -6.85 0.78
C ALA A 194 -6.53 -6.54 0.60
N ARG A 195 -5.92 -7.04 -0.47
CA ARG A 195 -4.49 -6.81 -0.68
C ARG A 195 -4.16 -5.34 -0.81
N ILE A 196 -5.04 -4.57 -1.45
CA ILE A 196 -4.79 -3.15 -1.70
C ILE A 196 -5.55 -2.26 -0.71
N GLY A 197 -6.21 -2.84 0.28
CA GLY A 197 -6.94 -2.05 1.24
C GLY A 197 -8.28 -1.55 0.76
N ALA A 198 -8.76 -2.03 -0.37
CA ALA A 198 -10.11 -1.70 -0.77
C ALA A 198 -11.08 -2.49 0.11
N ILE A 199 -12.33 -2.04 0.13
CA ILE A 199 -13.38 -2.62 0.96
C ILE A 199 -14.31 -3.37 0.03
N HIS A 200 -14.27 -4.70 0.03
CA HIS A 200 -15.17 -5.43 -0.85
C HIS A 200 -16.56 -5.52 -0.25
N SER A 201 -17.55 -5.55 -1.14
CA SER A 201 -18.97 -5.69 -0.80
C SER A 201 -19.51 -6.76 -1.73
N ALA A 202 -19.59 -7.99 -1.25
CA ALA A 202 -20.00 -9.11 -2.06
C ALA A 202 -21.52 -9.29 -1.99
N VAL A 203 -22.14 -9.51 -3.15
CA VAL A 203 -23.58 -9.67 -3.27
C VAL A 203 -23.83 -11.03 -3.90
N PHE A 204 -24.70 -11.83 -3.26
CA PHE A 204 -25.10 -13.13 -3.78
C PHE A 204 -25.35 -13.08 -5.27
N ALA A 205 -24.64 -13.92 -6.03
CA ALA A 205 -24.96 -14.07 -7.44
C ALA A 205 -26.37 -14.64 -7.58
N GLY A 206 -27.18 -13.97 -8.38
CA GLY A 206 -28.59 -14.32 -8.53
C GLY A 206 -29.54 -13.34 -7.87
N PHE A 207 -29.04 -12.48 -6.98
CA PHE A 207 -29.85 -11.37 -6.48
C PHE A 207 -30.35 -10.52 -7.65
N SER A 208 -31.56 -10.00 -7.51
CA SER A 208 -32.19 -9.23 -8.58
C SER A 208 -31.42 -7.95 -8.86
N ALA A 209 -31.69 -7.38 -10.04
CA ALA A 209 -31.10 -6.09 -10.38
C ALA A 209 -31.43 -5.05 -9.34
N GLU A 210 -32.64 -5.08 -8.79
CA GLU A 210 -33.03 -4.10 -7.78
C GLU A 210 -32.20 -4.27 -6.50
N SER A 211 -32.07 -5.51 -6.03
CA SER A 211 -31.27 -5.76 -4.82
C SER A 211 -29.81 -5.42 -5.05
N LEU A 212 -29.28 -5.75 -6.23
CA LEU A 212 -27.89 -5.41 -6.54
C LEU A 212 -27.71 -3.89 -6.56
N ARG A 213 -28.60 -3.19 -7.26
CA ARG A 213 -28.53 -1.73 -7.33
C ARG A 213 -28.48 -1.11 -5.94
N ASP A 214 -29.39 -1.51 -5.05
CA ASP A 214 -29.46 -0.91 -3.73
C ASP A 214 -28.15 -1.07 -2.98
N ARG A 215 -27.50 -2.23 -3.12
CA ARG A 215 -26.24 -2.46 -2.41
C ARG A 215 -25.07 -1.78 -3.11
N VAL A 216 -25.09 -1.73 -4.44
CA VAL A 216 -24.03 -1.01 -5.17
C VAL A 216 -24.09 0.47 -4.85
N ASN A 217 -25.30 1.03 -4.80
CA ASN A 217 -25.44 2.46 -4.52
C ASN A 217 -25.09 2.77 -3.06
N ASP A 218 -25.49 1.91 -2.12
CA ASP A 218 -25.25 2.23 -0.72
C ASP A 218 -23.77 2.28 -0.39
N CYS A 219 -22.99 1.35 -0.94
CA CYS A 219 -21.55 1.34 -0.64
C CYS A 219 -20.78 2.35 -1.49
N GLU A 220 -21.42 2.98 -2.47
CA GLU A 220 -20.82 4.07 -3.27
C GLU A 220 -19.58 3.62 -4.03
N CYS A 221 -19.50 2.34 -4.36
CA CYS A 221 -18.37 1.83 -5.11
C CYS A 221 -18.34 2.42 -6.52
N LYS A 222 -17.15 2.49 -7.09
CA LYS A 222 -16.96 2.89 -8.47
C LYS A 222 -16.55 1.73 -9.36
N VAL A 223 -16.28 0.56 -8.79
CA VAL A 223 -15.82 -0.61 -9.53
C VAL A 223 -16.68 -1.80 -9.10
N LEU A 224 -17.06 -2.63 -10.06
CA LEU A 224 -17.84 -3.84 -9.83
CA LEU A 224 -17.82 -3.84 -9.80
C LEU A 224 -17.16 -4.99 -10.54
N ILE A 225 -17.08 -6.13 -9.85
CA ILE A 225 -16.47 -7.35 -10.39
C ILE A 225 -17.58 -8.39 -10.52
N THR A 226 -17.67 -9.04 -11.68
CA THR A 226 -18.72 -10.03 -11.90
C THR A 226 -18.27 -11.03 -12.96
N THR A 227 -19.17 -11.93 -13.32
CA THR A 227 -18.96 -12.91 -14.38
C THR A 227 -19.87 -12.60 -15.56
N ASP A 228 -19.57 -13.21 -16.71
CA ASP A 228 -20.53 -13.23 -17.80
C ASP A 228 -21.78 -13.98 -17.38
N GLU A 229 -21.61 -15.19 -16.84
CA GLU A 229 -22.70 -16.00 -16.32
C GLU A 229 -22.16 -16.87 -15.20
N GLY A 230 -23.06 -17.31 -14.32
CA GLY A 230 -22.74 -18.32 -13.33
C GLY A 230 -23.44 -19.62 -13.65
N ARG A 231 -22.96 -20.73 -13.10
CA ARG A 231 -23.58 -22.04 -13.29
C ARG A 231 -23.86 -22.63 -11.91
N ARG A 232 -25.10 -23.04 -11.67
CA ARG A 232 -25.46 -23.57 -10.35
C ARG A 232 -26.59 -24.56 -10.54
N GLY A 233 -26.38 -25.81 -10.13
CA GLY A 233 -27.39 -26.83 -10.28
C GLY A 233 -27.80 -27.04 -11.71
N GLY A 234 -26.87 -26.87 -12.65
CA GLY A 234 -27.18 -27.02 -14.05
C GLY A 234 -27.96 -25.87 -14.64
N LYS A 235 -28.15 -24.79 -13.89
CA LYS A 235 -28.87 -23.62 -14.36
C LYS A 235 -27.89 -22.47 -14.61
N THR A 236 -28.26 -21.60 -15.53
CA THR A 236 -27.46 -20.43 -15.83
C THR A 236 -27.96 -19.24 -15.03
N ILE A 237 -27.04 -18.53 -14.39
CA ILE A 237 -27.33 -17.28 -13.70
C ILE A 237 -26.87 -16.14 -14.60
N ALA A 238 -27.80 -15.31 -15.06
CA ALA A 238 -27.47 -14.28 -16.04
C ALA A 238 -26.88 -13.06 -15.34
N THR A 239 -25.69 -13.27 -14.77
CA THR A 239 -25.07 -12.26 -13.91
C THR A 239 -24.81 -10.96 -14.68
N LYS A 240 -24.24 -11.05 -15.88
CA LYS A 240 -23.91 -9.82 -16.60
C LYS A 240 -25.18 -9.09 -17.03
N GLN A 241 -26.22 -9.82 -17.43
CA GLN A 241 -27.48 -9.18 -17.78
CA GLN A 241 -27.48 -9.18 -17.78
C GLN A 241 -28.09 -8.48 -16.57
N ILE A 242 -28.06 -9.13 -15.41
CA ILE A 242 -28.57 -8.50 -14.19
C ILE A 242 -27.74 -7.25 -13.88
N VAL A 243 -26.42 -7.35 -14.02
CA VAL A 243 -25.56 -6.20 -13.75
C VAL A 243 -25.93 -5.04 -14.64
N ASP A 244 -26.10 -5.28 -15.94
CA ASP A 244 -26.43 -4.20 -16.86
C ASP A 244 -27.74 -3.54 -16.46
N ALA A 245 -28.73 -4.34 -16.06
CA ALA A 245 -30.00 -3.77 -15.61
C ALA A 245 -29.80 -2.91 -14.37
N ALA A 246 -29.02 -3.41 -13.41
CA ALA A 246 -28.80 -2.69 -12.16
C ALA A 246 -28.05 -1.39 -12.40
N LEU A 247 -26.97 -1.45 -13.18
CA LEU A 247 -26.10 -0.30 -13.37
C LEU A 247 -26.77 0.83 -14.12
N GLN A 248 -27.92 0.59 -14.75
CA GLN A 248 -28.70 1.69 -15.30
C GLN A 248 -29.13 2.68 -14.23
N GLN A 249 -29.07 2.29 -12.96
CA GLN A 249 -29.46 3.15 -11.85
C GLN A 249 -28.33 3.31 -10.83
N CYS A 250 -27.08 3.14 -11.27
CA CYS A 250 -25.90 3.24 -10.41
C CYS A 250 -24.91 4.20 -11.06
N PRO A 251 -25.11 5.50 -10.89
CA PRO A 251 -24.30 6.47 -11.66
C PRO A 251 -22.83 6.52 -11.27
N LEU A 252 -22.43 5.92 -10.15
CA LEU A 252 -21.04 6.04 -9.71
C LEU A 252 -20.13 4.96 -10.28
N VAL A 253 -20.69 3.87 -10.79
CA VAL A 253 -19.88 2.75 -11.25
C VAL A 253 -19.27 3.10 -12.62
N GLU A 254 -17.93 3.10 -12.69
CA GLU A 254 -17.23 3.47 -13.89
C GLU A 254 -16.47 2.32 -14.56
N ASN A 255 -16.18 1.24 -13.83
CA ASN A 255 -15.43 0.12 -14.36
C ASN A 255 -16.08 -1.18 -13.93
N VAL A 256 -16.26 -2.11 -14.87
CA VAL A 256 -16.76 -3.44 -14.57
C VAL A 256 -15.76 -4.47 -15.10
N LEU A 257 -15.32 -5.36 -14.22
CA LEU A 257 -14.42 -6.45 -14.59
C LEU A 257 -15.23 -7.74 -14.67
N VAL A 258 -15.19 -8.39 -15.82
CA VAL A 258 -16.10 -9.48 -16.15
C VAL A 258 -15.30 -10.76 -16.32
N LEU A 259 -15.51 -11.70 -15.41
CA LEU A 259 -14.86 -13.01 -15.49
C LEU A 259 -15.61 -13.90 -16.47
N ARG A 260 -14.84 -14.54 -17.35
CA ARG A 260 -15.40 -15.35 -18.44
C ARG A 260 -15.61 -16.78 -17.95
N ARG A 261 -16.65 -16.94 -17.13
CA ARG A 261 -16.91 -18.24 -16.51
C ARG A 261 -17.47 -19.24 -17.53
N THR A 262 -18.42 -18.82 -18.37
CA THR A 262 -19.01 -19.70 -19.35
C THR A 262 -18.56 -19.42 -20.77
N GLY A 263 -18.24 -18.18 -21.11
CA GLY A 263 -17.89 -17.84 -22.47
C GLY A 263 -19.06 -17.62 -23.40
N ASN A 264 -20.28 -17.78 -22.91
CA ASN A 264 -21.45 -17.48 -23.73
C ASN A 264 -21.55 -15.99 -23.99
N LYS A 265 -22.17 -15.64 -25.11
CA LYS A 265 -22.29 -14.24 -25.50
C LYS A 265 -23.09 -13.44 -24.48
N VAL A 266 -22.48 -12.35 -24.00
CA VAL A 266 -23.14 -11.40 -23.11
C VAL A 266 -22.81 -9.99 -23.57
N PRO A 267 -23.70 -9.04 -23.29
CA PRO A 267 -23.41 -7.65 -23.66
C PRO A 267 -22.23 -7.10 -22.89
N MET A 268 -21.45 -6.24 -23.55
CA MET A 268 -20.31 -5.58 -22.95
C MET A 268 -20.32 -4.13 -23.39
N THR A 269 -20.35 -3.21 -22.43
CA THR A 269 -20.41 -1.79 -22.73
C THR A 269 -19.00 -1.28 -22.99
N GLU A 270 -18.79 -0.69 -24.17
CA GLU A 270 -17.47 -0.21 -24.53
C GLU A 270 -16.97 0.81 -23.51
N GLY A 271 -15.73 0.64 -23.07
CA GLY A 271 -15.14 1.54 -22.11
C GLY A 271 -15.36 1.10 -20.69
N ARG A 272 -16.63 0.95 -20.31
CA ARG A 272 -16.97 0.58 -18.94
C ARG A 272 -16.54 -0.85 -18.62
N ASP A 273 -16.79 -1.78 -19.54
CA ASP A 273 -16.65 -3.21 -19.28
C ASP A 273 -15.39 -3.76 -19.95
N LYS A 274 -14.63 -4.54 -19.19
CA LYS A 274 -13.44 -5.20 -19.69
C LYS A 274 -13.44 -6.65 -19.23
N TRP A 275 -12.78 -7.52 -19.99
CA TRP A 275 -12.72 -8.93 -19.66
C TRP A 275 -11.60 -9.19 -18.65
N TRP A 276 -11.93 -9.96 -17.62
CA TRP A 276 -10.98 -10.30 -16.56
C TRP A 276 -9.69 -10.88 -17.14
N ASP A 277 -9.81 -11.85 -18.05
CA ASP A 277 -8.61 -12.50 -18.56
C ASP A 277 -7.74 -11.55 -19.37
N GLU A 278 -8.35 -10.67 -20.17
CA GLU A 278 -7.58 -9.75 -20.97
C GLU A 278 -6.90 -8.69 -20.10
N GLU A 279 -7.59 -8.23 -19.06
CA GLU A 279 -7.00 -7.24 -18.15
C GLU A 279 -5.86 -7.85 -17.35
N CYS A 280 -6.07 -9.04 -16.79
CA CYS A 280 -5.06 -9.67 -15.94
C CYS A 280 -3.83 -10.07 -16.73
N ALA A 281 -4.00 -10.40 -18.02
CA ALA A 281 -2.86 -10.79 -18.83
C ALA A 281 -1.87 -9.64 -19.00
N LYS A 282 -2.31 -8.41 -18.84
CA LYS A 282 -1.43 -7.25 -18.97
C LYS A 282 -0.61 -6.97 -17.72
N MET A 283 -0.96 -7.58 -16.59
CA MET A 283 -0.43 -7.20 -15.29
C MET A 283 0.58 -8.22 -14.79
N PRO A 284 1.53 -7.80 -13.96
CA PRO A 284 2.45 -8.77 -13.34
C PRO A 284 1.73 -9.63 -12.33
N ALA A 285 2.32 -10.79 -12.06
CA ALA A 285 1.70 -11.78 -11.21
C ALA A 285 2.06 -11.61 -9.74
N TYR A 286 2.70 -10.51 -9.37
CA TYR A 286 2.84 -10.12 -7.98
C TYR A 286 2.50 -8.63 -7.84
N CYS A 287 2.02 -8.28 -6.64
CA CYS A 287 1.52 -6.97 -6.27
C CYS A 287 1.88 -6.79 -4.80
N PRO A 288 2.43 -5.64 -4.39
CA PRO A 288 2.67 -5.43 -2.95
C PRO A 288 1.37 -5.43 -2.16
N CYS A 289 1.50 -5.71 -0.86
CA CYS A 289 0.38 -5.64 0.07
C CYS A 289 0.32 -4.28 0.75
N GLU A 290 -0.85 -3.67 0.76
CA GLU A 290 -1.06 -2.43 1.49
C GLU A 290 -1.03 -2.71 3.00
N ARG A 291 -0.27 -1.92 3.73
CA ARG A 291 -0.13 -2.10 5.18
C ARG A 291 -1.35 -1.48 5.86
N MET A 292 -2.24 -2.32 6.38
CA MET A 292 -3.52 -1.85 6.90
C MET A 292 -3.47 -1.74 8.41
N ALA A 293 -4.09 -0.70 8.94
CA ALA A 293 -4.30 -0.62 10.38
C ALA A 293 -5.28 -1.71 10.82
N SER A 294 -5.09 -2.20 12.04
CA SER A 294 -5.99 -3.21 12.57
CA SER A 294 -5.99 -3.21 12.58
C SER A 294 -7.45 -2.83 12.36
N GLU A 295 -7.79 -1.55 12.52
CA GLU A 295 -9.18 -1.13 12.45
C GLU A 295 -9.60 -0.56 11.11
N ASP A 296 -8.77 -0.66 10.08
CA ASP A 296 -9.23 -0.30 8.75
C ASP A 296 -10.33 -1.27 8.33
N PRO A 297 -11.37 -0.80 7.65
CA PRO A 297 -12.43 -1.73 7.23
C PRO A 297 -11.87 -2.75 6.26
N LEU A 298 -12.28 -4.00 6.44
CA LEU A 298 -11.96 -5.09 5.53
C LEU A 298 -13.07 -5.29 4.50
N PHE A 299 -14.33 -5.35 4.94
CA PHE A 299 -15.42 -5.50 3.99
C PHE A 299 -16.73 -4.97 4.57
N ILE A 300 -17.66 -4.73 3.66
CA ILE A 300 -19.06 -4.49 3.96
C ILE A 300 -19.81 -5.72 3.48
N LEU A 301 -20.73 -6.22 4.30
CA LEU A 301 -21.57 -7.34 3.89
C LEU A 301 -23.02 -7.00 4.20
N TYR A 302 -23.81 -6.81 3.16
CA TYR A 302 -25.21 -6.49 3.32
C TYR A 302 -26.00 -7.74 3.70
N THR A 303 -26.89 -7.58 4.68
CA THR A 303 -27.85 -8.61 5.02
C THR A 303 -29.25 -8.19 4.59
N SER A 304 -30.14 -9.18 4.50
CA SER A 304 -31.54 -8.94 4.20
C SER A 304 -32.30 -8.51 5.44
N THR A 307 -34.93 -6.28 7.23
CA THR A 307 -36.34 -5.92 7.38
C THR A 307 -36.62 -4.53 6.82
N GLY A 308 -35.60 -3.67 6.80
CA GLY A 308 -35.72 -2.34 6.25
C GLY A 308 -34.81 -2.13 5.05
N LYS A 309 -34.12 -0.98 5.01
CA LYS A 309 -33.12 -0.76 3.97
C LYS A 309 -32.00 -1.78 4.13
N PRO A 310 -31.23 -2.02 3.07
CA PRO A 310 -30.13 -2.98 3.18
C PRO A 310 -29.13 -2.52 4.24
N LYS A 311 -28.72 -3.46 5.08
CA LYS A 311 -27.87 -3.16 6.23
C LYS A 311 -26.45 -3.62 5.92
N GLY A 312 -25.55 -2.66 5.69
CA GLY A 312 -24.18 -2.96 5.38
C GLY A 312 -23.32 -3.19 6.59
N VAL A 313 -23.16 -4.45 6.99
CA VAL A 313 -22.39 -4.79 8.18
C VAL A 313 -20.91 -4.65 7.86
N VAL A 314 -20.21 -3.84 8.66
CA VAL A 314 -18.81 -3.53 8.42
C VAL A 314 -17.96 -4.28 9.42
N HIS A 315 -16.95 -4.99 8.89
CA HIS A 315 -15.91 -5.62 9.70
C HIS A 315 -14.56 -4.96 9.43
N SER A 316 -13.78 -4.80 10.49
CA SER A 316 -12.42 -4.30 10.35
C SER A 316 -11.50 -5.51 10.12
N THR A 317 -10.20 -5.33 10.26
CA THR A 317 -9.25 -6.29 9.69
C THR A 317 -8.70 -7.27 10.72
N ALA A 318 -7.98 -6.79 11.75
CA ALA A 318 -7.24 -7.72 12.59
C ALA A 318 -8.16 -8.56 13.47
N GLY A 319 -9.11 -7.93 14.17
CA GLY A 319 -9.97 -8.70 15.04
C GLY A 319 -10.80 -9.71 14.28
N TYR A 320 -11.33 -9.30 13.12
CA TYR A 320 -12.10 -10.22 12.30
C TYR A 320 -11.25 -11.38 11.83
N LEU A 321 -10.07 -11.11 11.28
CA LEU A 321 -9.22 -12.19 10.79
C LEU A 321 -8.82 -13.12 11.94
N LEU A 322 -8.48 -12.55 13.10
CA LEU A 322 -8.11 -13.38 14.24
C LEU A 322 -9.29 -14.25 14.66
N GLY A 323 -10.49 -13.69 14.69
CA GLY A 323 -11.65 -14.47 15.11
C GLY A 323 -11.94 -15.63 14.18
N THR A 324 -11.89 -15.41 12.87
CA THR A 324 -12.15 -16.48 11.92
C THR A 324 -11.04 -17.52 11.99
N ALA A 325 -9.79 -17.09 12.19
CA ALA A 325 -8.69 -18.05 12.28
C ALA A 325 -8.80 -18.91 13.53
N LEU A 326 -9.11 -18.30 14.68
CA LEU A 326 -9.17 -19.05 15.92
C LEU A 326 -10.37 -19.98 15.95
N THR A 327 -11.54 -19.50 15.51
CA THR A 327 -12.72 -20.36 15.55
C THR A 327 -12.56 -21.54 14.60
N LEU A 328 -12.05 -21.31 13.39
CA LEU A 328 -11.82 -22.42 12.47
C LEU A 328 -10.92 -23.46 13.10
N LYS A 329 -9.80 -23.02 13.70
CA LYS A 329 -8.86 -23.95 14.32
C LYS A 329 -9.52 -24.73 15.45
N TYR A 330 -10.25 -24.05 16.33
CA TYR A 330 -10.73 -24.69 17.55
C TYR A 330 -12.11 -25.31 17.41
N VAL A 331 -13.05 -24.65 16.72
CA VAL A 331 -14.38 -25.22 16.62
C VAL A 331 -14.38 -26.43 15.67
N PHE A 332 -13.56 -26.39 14.62
CA PHE A 332 -13.49 -27.51 13.70
C PHE A 332 -12.24 -28.35 13.89
N ASP A 333 -11.43 -28.04 14.89
CA ASP A 333 -10.18 -28.72 15.17
C ASP A 333 -9.37 -28.92 13.88
N ALA A 334 -9.07 -27.79 13.24
CA ALA A 334 -8.37 -27.81 11.97
C ALA A 334 -6.88 -28.02 12.20
N HIS A 335 -6.30 -28.94 11.44
CA HIS A 335 -4.88 -29.25 11.51
C HIS A 335 -4.25 -29.04 10.15
N PRO A 336 -2.92 -28.94 10.08
CA PRO A 336 -2.28 -28.41 8.86
C PRO A 336 -2.68 -29.10 7.55
N ASP A 337 -2.94 -30.39 7.57
CA ASP A 337 -3.22 -31.13 6.34
C ASP A 337 -4.70 -31.32 6.09
N ASP A 338 -5.57 -30.66 6.86
CA ASP A 338 -7.00 -30.88 6.72
C ASP A 338 -7.52 -30.31 5.41
N ARG A 339 -8.63 -30.88 4.95
CA ARG A 339 -9.33 -30.43 3.75
C ARG A 339 -10.73 -30.04 4.20
N PHE A 340 -10.94 -28.74 4.40
CA PHE A 340 -12.11 -28.21 5.05
C PHE A 340 -13.17 -27.87 4.02
N ALA A 341 -14.37 -28.43 4.18
CA ALA A 341 -15.44 -28.34 3.18
C ALA A 341 -16.65 -27.59 3.73
N CYS A 342 -16.62 -26.27 3.63
CA CYS A 342 -17.80 -25.44 3.90
C CYS A 342 -18.58 -25.28 2.61
N MET A 343 -19.83 -25.72 2.60
CA MET A 343 -20.61 -25.83 1.38
C MET A 343 -21.51 -24.63 1.15
N ALA A 344 -21.28 -23.54 1.86
CA ALA A 344 -22.10 -22.33 1.76
C ALA A 344 -21.64 -21.47 0.57
N ASP A 345 -22.18 -20.26 0.47
CA ASP A 345 -21.90 -19.34 -0.62
C ASP A 345 -21.13 -18.14 -0.08
N ILE A 346 -20.17 -17.61 -0.87
CA ILE A 346 -19.39 -16.49 -0.36
C ILE A 346 -20.21 -15.21 -0.26
N GLY A 347 -21.43 -15.19 -0.80
CA GLY A 347 -22.29 -14.05 -0.51
C GLY A 347 -22.79 -13.99 0.92
N TRP A 348 -22.63 -15.07 1.68
CA TRP A 348 -23.05 -15.19 3.07
C TRP A 348 -21.84 -15.02 3.97
N ILE A 349 -22.06 -14.49 5.17
CA ILE A 349 -20.95 -14.35 6.11
C ILE A 349 -20.29 -15.70 6.33
N THR A 350 -21.06 -16.79 6.27
CA THR A 350 -20.46 -18.11 6.43
C THR A 350 -19.37 -18.36 5.40
N GLY A 351 -19.58 -17.91 4.17
CA GLY A 351 -18.56 -18.06 3.14
C GLY A 351 -17.40 -17.11 3.34
N HIS A 352 -17.67 -15.89 3.80
CA HIS A 352 -16.60 -14.98 4.14
C HIS A 352 -15.65 -15.62 5.14
N SER A 353 -16.21 -16.12 6.26
CA SER A 353 -15.42 -16.49 7.41
C SER A 353 -14.85 -17.90 7.33
N TYR A 354 -15.62 -18.85 6.78
CA TYR A 354 -15.25 -20.26 6.83
C TYR A 354 -15.11 -20.89 5.46
N ILE A 355 -15.11 -20.10 4.39
CA ILE A 355 -14.57 -20.56 3.11
C ILE A 355 -13.25 -19.85 2.81
N ILE A 356 -13.25 -18.52 2.87
CA ILE A 356 -12.08 -17.74 2.49
C ILE A 356 -11.19 -17.43 3.68
N TYR A 357 -11.62 -16.55 4.58
CA TYR A 357 -10.65 -15.93 5.49
C TYR A 357 -10.13 -16.90 6.54
N GLY A 358 -11.02 -17.61 7.22
CA GLY A 358 -10.60 -18.54 8.26
C GLY A 358 -9.69 -19.64 7.78
N PRO A 359 -10.14 -20.42 6.78
CA PRO A 359 -9.30 -21.53 6.31
C PRO A 359 -7.99 -21.09 5.68
N LEU A 360 -8.00 -20.03 4.87
CA LEU A 360 -6.77 -19.60 4.21
C LEU A 360 -5.81 -18.93 5.19
N ALA A 361 -6.33 -18.22 6.18
CA ALA A 361 -5.45 -17.68 7.22
C ALA A 361 -4.69 -18.80 7.92
N ASN A 362 -5.37 -19.93 8.17
CA ASN A 362 -4.74 -21.08 8.80
C ASN A 362 -3.84 -21.86 7.85
N GLY A 363 -3.86 -21.56 6.57
CA GLY A 363 -2.98 -22.21 5.60
C GLY A 363 -3.40 -23.60 5.19
N ILE A 364 -4.67 -23.96 5.37
CA ILE A 364 -5.12 -25.31 5.02
C ILE A 364 -5.82 -25.28 3.66
N THR A 365 -6.44 -26.39 3.30
CA THR A 365 -7.20 -26.49 2.05
C THR A 365 -8.67 -26.24 2.34
N THR A 366 -9.31 -25.42 1.51
CA THR A 366 -10.71 -25.04 1.66
C THR A 366 -11.43 -25.34 0.37
N ALA A 367 -12.72 -25.69 0.48
CA ALA A 367 -13.53 -26.05 -0.68
C ALA A 367 -14.35 -24.85 -1.15
N VAL A 368 -14.41 -24.67 -2.46
CA VAL A 368 -15.36 -23.75 -3.09
C VAL A 368 -16.32 -24.60 -3.88
N PHE A 369 -17.56 -24.74 -3.38
CA PHE A 369 -18.55 -25.66 -3.93
C PHE A 369 -19.52 -24.87 -4.81
N GLU A 370 -19.51 -25.15 -6.11
CA GLU A 370 -20.26 -24.34 -7.06
C GLU A 370 -21.70 -24.81 -7.27
N SER A 371 -22.04 -26.00 -6.81
CA SER A 371 -23.30 -26.64 -7.18
C SER A 371 -24.31 -26.56 -6.02
N THR A 372 -25.34 -27.38 -6.06
CA THR A 372 -26.30 -27.53 -4.99
C THR A 372 -26.18 -28.91 -4.35
N PRO A 373 -26.82 -29.13 -3.20
CA PRO A 373 -26.73 -30.46 -2.57
C PRO A 373 -27.40 -31.57 -3.36
N VAL A 374 -28.14 -31.24 -4.43
CA VAL A 374 -28.89 -32.27 -5.13
C VAL A 374 -28.60 -32.30 -6.62
N TYR A 375 -27.48 -31.70 -7.04
CA TYR A 375 -27.11 -31.75 -8.45
C TYR A 375 -25.77 -32.44 -8.64
N PRO A 376 -25.67 -33.45 -9.52
CA PRO A 376 -26.74 -34.02 -10.36
C PRO A 376 -27.75 -34.80 -9.55
N THR A 377 -27.35 -35.36 -8.42
CA THR A 377 -28.26 -36.13 -7.57
C THR A 377 -28.03 -35.75 -6.10
N PRO A 378 -28.92 -36.15 -5.20
CA PRO A 378 -28.72 -35.86 -3.77
C PRO A 378 -27.52 -36.55 -3.16
N SER A 379 -26.79 -37.37 -3.91
CA SER A 379 -25.57 -37.94 -3.41
C SER A 379 -24.37 -36.98 -3.52
N ARG A 380 -24.60 -35.76 -4.01
CA ARG A 380 -23.48 -34.91 -4.39
C ARG A 380 -22.51 -34.64 -3.23
N TYR A 381 -23.03 -34.16 -2.10
CA TYR A 381 -22.17 -33.90 -0.96
C TYR A 381 -21.25 -35.09 -0.68
N TRP A 382 -21.80 -36.30 -0.73
CA TRP A 382 -21.07 -37.47 -0.27
C TRP A 382 -20.12 -37.98 -1.34
N ASP A 383 -20.51 -37.88 -2.61
CA ASP A 383 -19.55 -38.09 -3.69
C ASP A 383 -18.38 -37.13 -3.55
N PHE A 384 -18.68 -35.87 -3.24
CA PHE A 384 -17.62 -34.87 -3.05
C PHE A 384 -16.72 -35.25 -1.88
N VAL A 385 -17.31 -35.66 -0.76
CA VAL A 385 -16.51 -35.97 0.42
C VAL A 385 -15.57 -37.13 0.14
N ASP A 386 -16.08 -38.19 -0.50
CA ASP A 386 -15.23 -39.34 -0.76
C ASP A 386 -14.22 -39.06 -1.86
N LYS A 387 -14.58 -38.22 -2.83
CA LYS A 387 -13.65 -37.91 -3.91
C LYS A 387 -12.44 -37.15 -3.38
N TRP A 388 -12.66 -36.14 -2.55
CA TRP A 388 -11.58 -35.29 -2.05
C TRP A 388 -11.11 -35.65 -0.65
N LYS A 389 -11.71 -36.65 -0.02
CA LYS A 389 -11.34 -37.04 1.34
C LYS A 389 -11.43 -35.83 2.28
N ALA A 390 -12.58 -35.17 2.24
CA ALA A 390 -12.81 -34.03 3.12
C ALA A 390 -12.73 -34.46 4.58
N THR A 391 -12.14 -33.62 5.42
CA THR A 391 -11.96 -33.93 6.83
C THR A 391 -12.97 -33.24 7.74
N GLN A 392 -13.61 -32.18 7.25
CA GLN A 392 -14.70 -31.52 7.94
C GLN A 392 -15.71 -31.07 6.90
N LEU A 393 -16.98 -31.11 7.27
CA LEU A 393 -18.07 -30.63 6.43
C LEU A 393 -18.91 -29.65 7.24
N TYR A 394 -19.31 -28.55 6.59
CA TYR A 394 -20.01 -27.44 7.24
C TYR A 394 -21.13 -27.00 6.33
N THR A 395 -22.38 -27.14 6.78
CA THR A 395 -23.51 -26.75 5.96
C THR A 395 -24.62 -26.25 6.87
N ALA A 396 -25.84 -26.13 6.33
CA ALA A 396 -26.95 -25.53 7.03
C ALA A 396 -28.06 -26.53 7.29
N PRO A 397 -28.87 -26.28 8.33
CA PRO A 397 -30.03 -27.16 8.57
C PRO A 397 -30.94 -27.29 7.37
N THR A 398 -31.11 -26.23 6.57
CA THR A 398 -32.00 -26.35 5.41
C THR A 398 -31.47 -27.40 4.44
N ALA A 399 -30.16 -27.48 4.25
CA ALA A 399 -29.60 -28.49 3.37
C ALA A 399 -29.71 -29.87 4.00
N ILE A 400 -29.51 -29.96 5.32
CA ILE A 400 -29.61 -31.25 6.00
C ILE A 400 -31.03 -31.80 5.91
N ARG A 401 -32.03 -30.94 6.14
CA ARG A 401 -33.42 -31.37 6.03
C ARG A 401 -33.79 -31.70 4.59
N LEU A 402 -33.21 -30.99 3.62
CA LEU A 402 -33.46 -31.30 2.21
C LEU A 402 -32.95 -32.70 1.86
N LEU A 403 -31.71 -33.02 2.27
CA LEU A 403 -31.19 -34.34 1.99
C LEU A 403 -31.94 -35.41 2.77
N ARG A 404 -32.35 -35.11 4.01
CA ARG A 404 -33.16 -36.06 4.77
C ARG A 404 -34.44 -36.41 4.01
N ARG A 405 -35.10 -35.42 3.42
CA ARG A 405 -36.35 -35.66 2.70
C ARG A 405 -36.13 -36.54 1.47
N MET A 406 -34.91 -36.58 0.94
CA MET A 406 -34.62 -37.26 -0.31
C MET A 406 -34.27 -38.74 -0.15
N GLY A 407 -34.12 -39.23 1.07
CA GLY A 407 -33.95 -40.65 1.28
C GLY A 407 -32.51 -41.04 1.54
N GLU A 408 -32.35 -42.22 2.16
CA GLU A 408 -31.06 -42.67 2.67
C GLU A 408 -30.19 -43.37 1.62
N ASP A 409 -30.74 -43.71 0.45
CA ASP A 409 -29.96 -44.41 -0.57
C ASP A 409 -28.81 -43.57 -1.10
N HIS A 410 -28.86 -42.25 -0.92
CA HIS A 410 -27.86 -41.38 -1.49
C HIS A 410 -26.62 -41.22 -0.62
N VAL A 411 -26.66 -41.67 0.63
CA VAL A 411 -25.57 -41.47 1.56
C VAL A 411 -25.11 -42.80 2.13
N LYS A 412 -26.02 -43.77 2.19
CA LYS A 412 -25.75 -45.01 2.92
C LYS A 412 -24.57 -45.78 2.32
N ASN A 413 -24.43 -45.75 1.00
CA ASN A 413 -23.40 -46.51 0.30
C ASN A 413 -22.17 -45.67 0.00
N HIS A 414 -21.75 -44.82 0.93
CA HIS A 414 -20.52 -44.04 0.83
C HIS A 414 -19.58 -44.42 1.96
N ASP A 415 -18.33 -43.98 1.82
CA ASP A 415 -17.32 -44.22 2.86
C ASP A 415 -17.43 -43.15 3.95
N LEU A 416 -17.08 -41.91 3.62
CA LEU A 416 -17.21 -40.75 4.48
C LEU A 416 -16.31 -40.80 5.71
N SER A 417 -15.38 -41.76 5.78
CA SER A 417 -14.57 -41.93 6.97
C SER A 417 -13.45 -40.91 7.10
N SER A 418 -13.14 -40.14 6.05
CA SER A 418 -12.19 -39.04 6.20
C SER A 418 -12.73 -37.93 7.08
N LEU A 419 -14.05 -37.81 7.21
CA LEU A 419 -14.66 -36.80 8.06
C LEU A 419 -14.49 -37.13 9.53
N ARG A 420 -14.28 -36.09 10.34
CA ARG A 420 -14.38 -36.27 11.78
C ARG A 420 -15.16 -35.17 12.48
N VAL A 421 -15.48 -34.07 11.80
CA VAL A 421 -16.32 -33.02 12.35
C VAL A 421 -17.35 -32.63 11.29
N LEU A 422 -18.62 -32.61 11.70
CA LEU A 422 -19.72 -32.13 10.88
C LEU A 422 -20.31 -30.89 11.57
N GLY A 423 -20.41 -29.79 10.82
CA GLY A 423 -20.92 -28.54 11.37
C GLY A 423 -22.26 -28.14 10.78
N SER A 424 -23.04 -27.41 11.57
CA SER A 424 -24.35 -26.91 11.16
C SER A 424 -24.47 -25.44 11.55
N VAL A 425 -24.92 -24.61 10.61
CA VAL A 425 -25.01 -23.16 10.85
C VAL A 425 -26.23 -22.60 10.12
N GLY A 426 -26.90 -21.63 10.74
CA GLY A 426 -27.88 -20.84 10.02
C GLY A 426 -29.20 -20.70 10.75
N GLU A 427 -29.57 -21.73 11.49
CA GLU A 427 -30.82 -21.74 12.25
C GLU A 427 -30.74 -22.88 13.26
N PRO A 428 -31.69 -22.94 14.19
CA PRO A 428 -31.75 -24.12 15.06
C PRO A 428 -31.83 -25.37 14.23
N ILE A 429 -31.10 -26.39 14.63
CA ILE A 429 -31.17 -27.70 13.98
C ILE A 429 -32.07 -28.59 14.81
N ASN A 430 -33.16 -29.05 14.19
CA ASN A 430 -34.10 -29.93 14.89
C ASN A 430 -33.38 -31.24 15.26
N PRO A 431 -33.60 -31.77 16.47
CA PRO A 431 -32.97 -33.04 16.83
C PRO A 431 -33.19 -34.14 15.80
N GLU A 432 -34.36 -34.17 15.16
CA GLU A 432 -34.60 -35.16 14.10
C GLU A 432 -33.57 -35.03 12.99
N ALA A 433 -33.25 -33.80 12.57
CA ALA A 433 -32.25 -33.59 11.52
C ALA A 433 -30.84 -33.82 12.07
N TRP A 434 -30.60 -33.40 13.30
CA TRP A 434 -29.32 -33.66 13.95
C TRP A 434 -28.98 -35.15 13.92
N HIS A 435 -29.96 -36.01 14.23
CA HIS A 435 -29.68 -37.43 14.24
C HIS A 435 -29.41 -37.97 12.84
N TRP A 436 -30.18 -37.52 11.84
CA TRP A 436 -29.92 -37.91 10.47
C TRP A 436 -28.49 -37.54 10.05
N TYR A 437 -28.08 -36.30 10.38
CA TYR A 437 -26.71 -35.86 10.14
C TYR A 437 -25.72 -36.77 10.87
N ASN A 438 -25.98 -37.02 12.15
CA ASN A 438 -25.07 -37.81 12.96
C ASN A 438 -25.01 -39.26 12.48
N ASP A 439 -26.15 -39.82 12.06
CA ASP A 439 -26.22 -41.24 11.73
C ASP A 439 -25.67 -41.53 10.35
N PHE A 440 -26.02 -40.70 9.35
CA PHE A 440 -25.72 -41.00 7.96
C PHE A 440 -24.49 -40.27 7.44
N ALA A 441 -24.37 -38.97 7.69
CA ALA A 441 -23.16 -38.28 7.25
C ALA A 441 -21.97 -38.68 8.11
N GLY A 442 -22.16 -38.83 9.42
CA GLY A 442 -21.06 -39.11 10.32
C GLY A 442 -20.89 -40.58 10.68
N LYS A 443 -21.90 -41.40 10.40
CA LYS A 443 -21.90 -42.82 10.78
C LYS A 443 -21.57 -42.96 12.27
N ASN A 444 -22.08 -42.02 13.07
CA ASN A 444 -21.92 -42.04 14.53
C ASN A 444 -20.47 -42.03 14.95
N GLN A 445 -19.58 -41.50 14.12
CA GLN A 445 -18.17 -41.41 14.44
C GLN A 445 -17.61 -40.00 14.26
N CYS A 446 -18.46 -39.01 13.99
CA CYS A 446 -18.04 -37.62 13.88
C CYS A 446 -18.63 -36.80 15.03
N ALA A 447 -17.87 -35.83 15.50
CA ALA A 447 -18.44 -34.82 16.38
C ALA A 447 -19.30 -33.88 15.56
N ILE A 448 -20.46 -33.50 16.11
CA ILE A 448 -21.35 -32.55 15.45
C ILE A 448 -21.17 -31.20 16.15
N VAL A 449 -20.82 -30.17 15.40
CA VAL A 449 -20.67 -28.84 15.95
C VAL A 449 -21.81 -27.97 15.42
N ASP A 450 -22.77 -27.69 16.29
CA ASP A 450 -23.84 -26.74 16.04
C ASP A 450 -23.32 -25.35 16.36
N THR A 451 -23.04 -24.53 15.34
CA THR A 451 -22.34 -23.26 15.51
C THR A 451 -23.32 -22.11 15.43
N TYR A 452 -23.48 -21.39 16.54
CA TYR A 452 -24.33 -20.21 16.57
C TYR A 452 -23.50 -18.94 16.44
N TRP A 453 -23.91 -18.06 15.54
CA TRP A 453 -23.30 -16.74 15.38
C TRP A 453 -24.17 -15.95 14.39
N MET A 454 -23.67 -14.78 14.00
CA MET A 454 -24.37 -13.88 13.10
CA MET A 454 -24.38 -13.85 13.13
C MET A 454 -23.37 -13.12 12.25
N THR A 455 -23.86 -12.56 11.14
CA THR A 455 -23.03 -11.68 10.33
C THR A 455 -22.35 -10.64 11.22
N GLU A 456 -23.11 -10.11 12.19
CA GLU A 456 -22.61 -9.05 13.05
C GLU A 456 -21.59 -9.53 14.07
N THR A 457 -21.47 -10.84 14.31
CA THR A 457 -20.48 -11.34 15.25
C THR A 457 -19.16 -11.70 14.57
N GLY A 458 -19.14 -11.81 13.24
CA GLY A 458 -17.91 -12.05 12.51
C GLY A 458 -17.43 -13.49 12.49
N SER A 459 -17.53 -14.16 13.64
CA SER A 459 -17.07 -15.53 13.79
C SER A 459 -17.96 -16.24 14.80
N ILE A 460 -17.77 -17.56 14.89
CA ILE A 460 -18.62 -18.42 15.70
C ILE A 460 -18.63 -17.96 17.15
N SER A 461 -19.83 -17.87 17.74
CA SER A 461 -20.05 -17.32 19.08
C SER A 461 -20.26 -18.39 20.14
N ILE A 462 -21.07 -19.40 19.83
CA ILE A 462 -21.36 -20.49 20.75
C ILE A 462 -21.34 -21.76 19.92
N ALA A 463 -20.58 -22.75 20.37
CA ALA A 463 -20.42 -23.99 19.62
C ALA A 463 -19.67 -25.00 20.48
N PRO A 464 -19.88 -26.30 20.26
CA PRO A 464 -19.05 -27.28 20.96
C PRO A 464 -17.62 -27.25 20.39
N LEU A 465 -16.65 -27.43 21.27
CA LEU A 465 -15.30 -27.78 20.83
C LEU A 465 -15.24 -29.29 20.67
N PRO A 466 -15.00 -29.80 19.45
CA PRO A 466 -15.33 -31.21 19.17
C PRO A 466 -14.49 -32.22 19.94
N GLY A 467 -13.29 -31.87 20.37
CA GLY A 467 -12.49 -32.77 21.16
C GLY A 467 -12.72 -32.68 22.65
N ALA A 468 -13.67 -31.86 23.09
CA ALA A 468 -13.86 -31.60 24.52
C ALA A 468 -15.31 -31.75 24.98
N ILE A 469 -16.28 -31.31 24.18
CA ILE A 469 -17.66 -31.14 24.65
C ILE A 469 -18.49 -32.34 24.20
N SER A 470 -19.21 -32.91 25.16
CA SER A 470 -20.25 -33.88 24.85
C SER A 470 -21.50 -33.15 24.40
N THR A 471 -22.03 -33.54 23.24
CA THR A 471 -23.07 -32.76 22.58
C THR A 471 -24.47 -33.23 22.96
N LYS A 472 -25.41 -32.28 22.90
CA LYS A 472 -26.83 -32.52 23.00
C LYS A 472 -27.48 -32.11 21.68
N PRO A 473 -28.36 -32.92 21.10
CA PRO A 473 -28.95 -32.55 19.80
C PRO A 473 -29.76 -31.27 19.89
N GLY A 474 -29.30 -30.25 19.16
CA GLY A 474 -29.98 -28.97 19.09
C GLY A 474 -29.39 -27.89 19.96
N SER A 475 -28.31 -28.18 20.68
CA SER A 475 -27.69 -27.23 21.59
C SER A 475 -26.38 -26.74 21.01
N ALA A 476 -26.19 -25.42 20.99
CA ALA A 476 -24.89 -24.86 20.62
C ALA A 476 -23.84 -25.13 21.69
N THR A 477 -24.28 -25.43 22.92
CA THR A 477 -23.46 -25.78 24.07
C THR A 477 -22.82 -24.53 24.68
N PHE A 478 -21.53 -24.28 24.46
CA PHE A 478 -20.86 -23.30 25.30
C PHE A 478 -20.20 -22.18 24.49
N PRO A 479 -20.06 -20.99 25.09
CA PRO A 479 -19.54 -19.86 24.33
C PRO A 479 -18.07 -20.01 23.96
N PHE A 480 -17.73 -19.45 22.81
CA PHE A 480 -16.36 -19.51 22.34
C PHE A 480 -15.47 -18.56 23.13
N PHE A 481 -14.15 -18.78 23.00
CA PHE A 481 -13.17 -17.88 23.58
C PHE A 481 -13.53 -16.42 23.31
N GLY A 482 -13.46 -15.60 24.36
CA GLY A 482 -13.77 -14.19 24.24
C GLY A 482 -15.23 -13.85 24.32
N MET A 483 -16.12 -14.85 24.34
CA MET A 483 -17.56 -14.62 24.38
C MET A 483 -18.04 -14.84 25.81
N ASP A 484 -18.58 -13.79 26.40
CA ASP A 484 -19.13 -13.81 27.76
C ASP A 484 -20.62 -13.49 27.57
N VAL A 485 -21.46 -14.52 27.59
CA VAL A 485 -22.86 -14.36 27.25
C VAL A 485 -23.71 -14.58 28.49
N ASP A 486 -24.88 -13.97 28.50
CA ASP A 486 -25.85 -14.21 29.56
C ASP A 486 -27.26 -14.20 28.96
N ILE A 487 -28.22 -14.48 29.83
CA ILE A 487 -29.64 -14.49 29.48
C ILE A 487 -30.33 -13.37 30.25
N ILE A 488 -31.07 -12.53 29.54
CA ILE A 488 -31.89 -11.48 30.12
C ILE A 488 -33.35 -11.90 29.99
N ASP A 489 -34.12 -11.67 31.06
CA ASP A 489 -35.56 -11.82 31.01
C ASP A 489 -36.17 -10.64 30.26
N PRO A 490 -36.68 -10.83 29.04
CA PRO A 490 -37.18 -9.67 28.28
C PRO A 490 -38.37 -9.00 28.95
N GLN A 491 -39.04 -9.66 29.88
CA GLN A 491 -40.14 -9.02 30.60
C GLN A 491 -39.65 -8.10 31.71
N THR A 492 -38.38 -8.19 32.11
CA THR A 492 -37.85 -7.36 33.18
C THR A 492 -36.62 -6.55 32.78
N GLY A 493 -35.94 -6.91 31.69
CA GLY A 493 -34.71 -6.27 31.30
C GLY A 493 -33.49 -6.67 32.11
N GLN A 494 -33.64 -7.63 33.01
CA GLN A 494 -32.60 -8.00 33.95
C GLN A 494 -32.01 -9.36 33.62
N VAL A 495 -30.73 -9.50 33.96
CA VAL A 495 -29.99 -10.74 33.78
C VAL A 495 -30.53 -11.81 34.73
N LEU A 496 -30.74 -13.01 34.20
CA LEU A 496 -31.15 -14.16 34.99
C LEU A 496 -29.90 -14.94 35.42
N GLU A 497 -29.65 -14.99 36.72
CA GLU A 497 -28.49 -15.71 37.21
C GLU A 497 -28.77 -17.21 37.31
N GLY A 498 -27.73 -18.00 37.12
CA GLY A 498 -27.81 -19.42 37.28
C GLY A 498 -28.22 -20.15 36.02
N ASN A 499 -28.51 -21.43 36.20
CA ASN A 499 -28.87 -22.33 35.12
C ASN A 499 -30.38 -22.60 35.15
N ASP A 500 -30.86 -23.26 34.10
CA ASP A 500 -32.29 -23.55 33.94
C ASP A 500 -33.08 -22.24 33.82
N VAL A 501 -32.56 -21.32 32.99
CA VAL A 501 -33.18 -20.03 32.76
C VAL A 501 -33.36 -19.83 31.27
N GLU A 502 -34.36 -19.02 30.90
CA GLU A 502 -34.68 -18.77 29.50
CA GLU A 502 -34.66 -18.77 29.51
C GLU A 502 -35.07 -17.32 29.34
N GLY A 503 -34.73 -16.77 28.18
CA GLY A 503 -34.98 -15.38 27.86
C GLY A 503 -34.34 -15.01 26.53
N VAL A 504 -33.61 -13.91 26.49
CA VAL A 504 -32.94 -13.46 25.26
C VAL A 504 -31.44 -13.41 25.51
N LEU A 505 -30.68 -13.76 24.47
CA LEU A 505 -29.22 -13.84 24.55
C LEU A 505 -28.59 -12.46 24.44
N VAL A 506 -27.60 -12.19 25.31
CA VAL A 506 -26.81 -10.96 25.24
C VAL A 506 -25.35 -11.30 25.53
N ALA A 507 -24.46 -10.40 25.11
CA ALA A 507 -23.03 -10.51 25.41
C ALA A 507 -22.63 -9.35 26.31
N ARG A 508 -21.75 -9.63 27.27
CA ARG A 508 -21.36 -8.65 28.28
CA ARG A 508 -21.39 -8.63 28.27
C ARG A 508 -20.26 -7.71 27.84
N ARG A 509 -19.38 -8.15 26.93
CA ARG A 509 -18.20 -7.40 26.54
C ARG A 509 -17.94 -7.57 25.05
N PRO A 510 -17.30 -6.59 24.40
CA PRO A 510 -16.89 -6.79 23.01
C PRO A 510 -15.94 -7.97 22.85
N TRP A 511 -15.92 -8.51 21.65
CA TRP A 511 -15.00 -9.58 21.25
C TRP A 511 -14.30 -9.12 19.98
N PRO A 512 -13.17 -9.73 19.62
CA PRO A 512 -12.33 -9.13 18.56
C PRO A 512 -13.02 -9.01 17.20
N SER A 513 -13.89 -9.94 16.82
CA SER A 513 -14.46 -9.93 15.48
C SER A 513 -15.85 -9.31 15.40
N ILE A 514 -16.26 -8.54 16.41
CA ILE A 514 -17.57 -7.92 16.36
C ILE A 514 -17.62 -6.90 15.24
N ALA A 515 -18.74 -6.84 14.54
CA ALA A 515 -18.95 -5.78 13.55
C ALA A 515 -18.74 -4.42 14.22
N ARG A 516 -18.13 -3.50 13.47
CA ARG A 516 -17.76 -2.20 14.02
C ARG A 516 -18.79 -1.13 13.73
N THR A 517 -19.60 -1.27 12.69
CA THR A 517 -20.64 -0.31 12.37
C THR A 517 -21.55 -0.93 11.33
N VAL A 518 -22.59 -0.18 10.98
CA VAL A 518 -23.38 -0.39 9.78
C VAL A 518 -23.03 0.74 8.84
N TYR A 519 -22.69 0.40 7.59
CA TYR A 519 -22.02 1.37 6.72
C TYR A 519 -22.81 2.66 6.57
N ARG A 520 -22.18 3.77 6.95
CA ARG A 520 -22.78 5.11 6.92
C ARG A 520 -24.12 5.17 7.65
N ASP A 521 -24.32 4.29 8.62
CA ASP A 521 -25.55 4.31 9.40
C ASP A 521 -25.24 3.81 10.81
N HIS A 522 -24.30 4.46 11.48
CA HIS A 522 -23.92 4.02 12.82
C HIS A 522 -25.08 4.10 13.81
N LYS A 523 -26.01 5.03 13.61
CA LYS A 523 -27.16 5.10 14.50
C LYS A 523 -27.97 3.80 14.46
N ARG A 524 -28.15 3.24 13.26
CA ARG A 524 -28.87 1.97 13.15
C ARG A 524 -28.13 0.86 13.88
N TYR A 525 -26.80 0.85 13.79
CA TYR A 525 -25.99 -0.12 14.52
C TYR A 525 -26.22 0.01 16.02
N LEU A 526 -26.15 1.24 16.55
CA LEU A 526 -26.35 1.41 17.99
C LEU A 526 -27.77 1.05 18.40
N GLU A 527 -28.76 1.50 17.62
CA GLU A 527 -30.15 1.27 18.00
C GLU A 527 -30.53 -0.21 17.90
N THR A 528 -29.92 -0.96 17.00
CA THR A 528 -30.29 -2.36 16.81
C THR A 528 -29.63 -3.28 17.83
N TYR A 529 -28.34 -3.07 18.11
CA TYR A 529 -27.56 -4.00 18.93
C TYR A 529 -27.25 -3.51 20.32
N MET A 530 -27.09 -2.20 20.52
CA MET A 530 -26.55 -1.66 21.76
C MET A 530 -27.57 -0.95 22.64
N LYS A 531 -28.70 -0.52 22.08
CA LYS A 531 -29.70 0.22 22.83
C LYS A 531 -30.75 -0.66 23.50
N PRO A 532 -31.18 -1.77 22.91
CA PRO A 532 -32.26 -2.55 23.55
C PRO A 532 -31.98 -2.94 24.98
N TYR A 533 -30.76 -3.39 25.28
CA TYR A 533 -30.35 -3.76 26.64
C TYR A 533 -29.05 -3.04 26.93
N PRO A 534 -29.14 -1.80 27.42
CA PRO A 534 -27.93 -0.99 27.60
C PRO A 534 -26.91 -1.68 28.48
N GLY A 535 -25.65 -1.58 28.06
CA GLY A 535 -24.56 -2.29 28.70
C GLY A 535 -24.20 -3.60 28.03
N TYR A 536 -25.05 -4.09 27.12
CA TYR A 536 -24.89 -5.40 26.51
C TYR A 536 -25.01 -5.28 25.00
N PHE A 537 -24.59 -6.34 24.31
CA PHE A 537 -24.87 -6.57 22.89
C PHE A 537 -26.08 -7.49 22.77
N PHE A 538 -27.07 -7.06 22.00
CA PHE A 538 -28.32 -7.81 21.82
C PHE A 538 -28.30 -8.55 20.50
N PHE A 539 -28.32 -9.90 20.57
CA PHE A 539 -28.26 -10.73 19.38
C PHE A 539 -29.58 -10.75 18.59
N GLY A 540 -30.71 -10.66 19.28
CA GLY A 540 -32.00 -10.77 18.63
C GLY A 540 -32.58 -12.17 18.63
N ASP A 541 -32.00 -13.10 19.38
CA ASP A 541 -32.46 -14.48 19.47
C ASP A 541 -32.89 -14.81 20.89
N GLY A 542 -33.93 -15.63 21.00
CA GLY A 542 -34.28 -16.20 22.30
C GLY A 542 -33.37 -17.37 22.62
N ALA A 543 -33.03 -17.51 23.90
CA ALA A 543 -32.07 -18.51 24.31
C ALA A 543 -32.39 -18.99 25.71
N ALA A 544 -31.87 -20.18 26.03
CA ALA A 544 -32.04 -20.79 27.34
C ALA A 544 -30.73 -21.44 27.74
N ARG A 545 -30.45 -21.42 29.05
CA ARG A 545 -29.30 -22.10 29.63
C ARG A 545 -29.88 -23.19 30.54
N ASP A 546 -29.64 -24.45 30.19
CA ASP A 546 -30.28 -25.54 30.92
C ASP A 546 -29.50 -25.85 32.20
N TYR A 547 -29.96 -26.88 32.93
CA TYR A 547 -29.40 -27.21 34.23
C TYR A 547 -27.93 -27.63 34.16
N ASP A 548 -27.45 -28.11 33.01
CA ASP A 548 -26.04 -28.41 32.84
C ASP A 548 -25.24 -27.21 32.32
N GLY A 549 -25.89 -26.06 32.12
CA GLY A 549 -25.23 -24.91 31.57
C GLY A 549 -25.14 -24.88 30.06
N TYR A 550 -25.74 -25.85 29.36
CA TYR A 550 -25.73 -25.84 27.91
C TYR A 550 -26.68 -24.75 27.41
N MET A 551 -26.23 -24.03 26.38
CA MET A 551 -27.04 -22.97 25.78
CA MET A 551 -27.04 -22.97 25.79
C MET A 551 -27.87 -23.54 24.65
N TRP A 552 -29.13 -23.12 24.58
CA TRP A 552 -30.06 -23.49 23.52
C TRP A 552 -30.53 -22.22 22.85
N ILE A 553 -30.24 -22.08 21.55
CA ILE A 553 -30.72 -20.94 20.77
C ILE A 553 -31.92 -21.43 19.97
N LYS A 554 -33.11 -20.92 20.28
CA LYS A 554 -34.35 -21.56 19.86
C LYS A 554 -35.19 -20.74 18.89
N GLY A 555 -34.63 -19.68 18.31
CA GLY A 555 -35.32 -18.87 17.33
C GLY A 555 -35.19 -17.40 17.61
N ARG A 556 -35.62 -16.61 16.63
CA ARG A 556 -35.58 -15.16 16.75
C ARG A 556 -36.57 -14.69 17.82
N VAL A 557 -36.20 -13.62 18.52
CA VAL A 557 -37.10 -13.01 19.49
C VAL A 557 -38.39 -12.57 18.83
N ASP A 558 -38.27 -11.98 17.62
CA ASP A 558 -39.45 -11.53 16.89
C ASP A 558 -40.35 -12.69 16.46
N ASP A 559 -39.88 -13.93 16.53
CA ASP A 559 -40.68 -15.10 16.15
C ASP A 559 -41.30 -15.81 17.33
N VAL A 560 -40.99 -15.39 18.56
CA VAL A 560 -41.59 -16.02 19.73
C VAL A 560 -43.10 -15.84 19.66
N ILE A 561 -43.82 -16.86 20.09
CA ILE A 561 -45.28 -16.87 20.07
C ILE A 561 -45.76 -16.98 21.51
N ASN A 562 -46.60 -16.04 21.94
CA ASN A 562 -47.06 -15.94 23.31
C ASN A 562 -48.53 -16.37 23.35
N VAL A 563 -48.77 -17.58 23.87
CA VAL A 563 -50.11 -18.15 23.95
C VAL A 563 -50.48 -18.22 25.42
N SER A 564 -51.45 -17.38 25.83
CA SER A 564 -51.96 -17.39 27.20
C SER A 564 -50.82 -17.33 28.22
N GLY A 565 -49.80 -16.54 27.92
CA GLY A 565 -48.67 -16.36 28.82
C GLY A 565 -47.55 -17.36 28.65
N HIS A 566 -47.73 -18.40 27.83
CA HIS A 566 -46.64 -19.32 27.55
C HIS A 566 -45.92 -18.81 26.31
N ARG A 567 -44.65 -18.45 26.49
CA ARG A 567 -43.82 -17.98 25.39
C ARG A 567 -43.19 -19.18 24.71
N LEU A 568 -43.52 -19.37 23.44
CA LEU A 568 -43.11 -20.54 22.68
C LEU A 568 -42.07 -20.12 21.65
N SER A 569 -40.95 -20.81 21.64
CA SER A 569 -39.93 -20.59 20.61
C SER A 569 -40.29 -21.38 19.36
N THR A 570 -39.89 -20.85 18.21
CA THR A 570 -40.17 -21.56 16.96
C THR A 570 -39.49 -22.92 16.92
N ALA A 571 -38.25 -22.99 17.42
CA ALA A 571 -37.49 -24.22 17.29
C ALA A 571 -38.18 -25.38 18.03
N GLU A 572 -38.71 -25.11 19.22
CA GLU A 572 -39.28 -26.21 19.99
C GLU A 572 -40.53 -26.76 19.33
N VAL A 573 -41.41 -25.90 18.82
CA VAL A 573 -42.62 -26.39 18.17
C VAL A 573 -42.28 -27.05 16.83
N GLU A 574 -41.39 -26.42 16.05
CA GLU A 574 -40.99 -27.01 14.78
C GLU A 574 -40.28 -28.34 14.97
N SER A 575 -39.52 -28.48 16.06
CA SER A 575 -38.86 -29.75 16.34
C SER A 575 -39.85 -30.82 16.76
N ALA A 576 -40.93 -30.44 17.46
CA ALA A 576 -41.97 -31.42 17.80
C ALA A 576 -42.71 -31.89 16.55
N LEU A 577 -43.02 -30.96 15.65
CA LEU A 577 -43.80 -31.31 14.45
C LEU A 577 -43.05 -32.29 13.58
N ILE A 578 -41.74 -32.10 13.41
CA ILE A 578 -40.97 -32.96 12.50
C ILE A 578 -40.82 -34.38 13.02
N LEU A 579 -41.19 -34.64 14.28
CA LEU A 579 -41.19 -36.00 14.79
C LEU A 579 -42.29 -36.85 14.15
N HIS A 580 -43.28 -36.23 13.51
CA HIS A 580 -44.34 -36.96 12.84
C HIS A 580 -43.85 -37.51 11.51
N LYS A 581 -44.26 -38.75 11.19
CA LYS A 581 -43.85 -39.36 9.94
C LYS A 581 -44.25 -38.48 8.76
N GLY A 582 -43.39 -38.43 7.74
CA GLY A 582 -43.69 -37.75 6.51
C GLY A 582 -43.45 -36.26 6.49
N VAL A 583 -43.22 -35.63 7.63
CA VAL A 583 -42.98 -34.20 7.67
C VAL A 583 -41.55 -33.93 7.20
N ALA A 584 -41.40 -32.99 6.27
CA ALA A 584 -40.08 -32.62 5.77
C ALA A 584 -39.53 -31.38 6.45
N GLU A 585 -40.37 -30.37 6.67
CA GLU A 585 -39.93 -29.08 7.16
C GLU A 585 -41.15 -28.26 7.54
N THR A 586 -41.03 -27.48 8.61
CA THR A 586 -42.17 -26.70 9.08
C THR A 586 -41.70 -25.32 9.53
N ALA A 587 -42.66 -24.41 9.63
CA ALA A 587 -42.45 -23.10 10.21
C ALA A 587 -43.73 -22.68 10.93
N VAL A 588 -43.60 -22.15 12.14
CA VAL A 588 -44.76 -21.70 12.91
C VAL A 588 -44.63 -20.20 13.15
N VAL A 589 -45.78 -19.51 13.05
CA VAL A 589 -45.84 -18.08 13.34
C VAL A 589 -47.05 -17.85 14.24
N GLY A 590 -47.01 -16.71 14.93
CA GLY A 590 -48.11 -16.32 15.79
C GLY A 590 -49.07 -15.37 15.08
N CYS A 591 -50.34 -15.49 15.44
CA CYS A 591 -51.37 -14.57 14.98
C CYS A 591 -52.23 -14.20 16.18
N ALA A 592 -52.65 -12.94 16.24
CA ALA A 592 -53.44 -12.47 17.38
C ALA A 592 -54.66 -13.35 17.59
N ASP A 593 -54.98 -13.60 18.86
CA ASP A 593 -56.10 -14.45 19.25
C ASP A 593 -56.84 -13.80 20.41
N ASP A 594 -58.16 -13.71 20.28
CA ASP A 594 -58.96 -13.01 21.28
C ASP A 594 -58.89 -13.68 22.64
N LEU A 595 -58.66 -14.98 22.69
CA LEU A 595 -58.74 -15.73 23.93
C LEU A 595 -57.38 -16.12 24.50
N THR A 596 -56.35 -16.24 23.66
CA THR A 596 -55.02 -16.63 24.12
C THR A 596 -53.96 -15.58 23.82
N GLY A 597 -54.34 -14.39 23.36
CA GLY A 597 -53.37 -13.37 23.02
C GLY A 597 -52.81 -13.61 21.62
N GLN A 598 -52.11 -14.72 21.45
CA GLN A 598 -51.70 -15.20 20.14
C GLN A 598 -52.06 -16.67 20.02
N ALA A 599 -52.13 -17.14 18.77
CA ALA A 599 -52.33 -18.55 18.46
C ALA A 599 -51.23 -19.02 17.53
N VAL A 600 -50.88 -20.29 17.65
CA VAL A 600 -49.85 -20.89 16.80
C VAL A 600 -50.47 -21.29 15.47
N TYR A 601 -49.84 -20.84 14.38
CA TYR A 601 -50.19 -21.26 13.02
C TYR A 601 -48.98 -21.92 12.41
N ALA A 602 -49.18 -23.07 11.76
CA ALA A 602 -48.07 -23.88 11.27
C ALA A 602 -48.17 -24.06 9.76
N PHE A 603 -47.05 -23.86 9.08
CA PHE A 603 -46.90 -24.15 7.65
C PHE A 603 -46.03 -25.39 7.53
N VAL A 604 -46.56 -26.41 6.86
CA VAL A 604 -45.98 -27.75 6.88
C VAL A 604 -45.72 -28.22 5.46
N THR A 605 -44.49 -28.66 5.20
CA THR A 605 -44.14 -29.35 3.96
C THR A 605 -43.93 -30.82 4.27
N MET A 606 -44.53 -31.68 3.47
CA MET A 606 -44.40 -33.12 3.64
C MET A 606 -43.42 -33.68 2.62
N LYS A 607 -42.89 -34.86 2.91
CA LYS A 607 -42.03 -35.54 1.96
C LYS A 607 -42.83 -35.84 0.69
N PRO A 608 -42.18 -35.84 -0.48
CA PRO A 608 -42.94 -36.07 -1.72
C PRO A 608 -43.70 -37.38 -1.73
N GLU A 609 -43.19 -38.44 -1.10
CA GLU A 609 -43.82 -39.74 -1.16
C GLU A 609 -45.07 -39.84 -0.28
N PHE A 610 -45.26 -38.89 0.64
CA PHE A 610 -46.35 -39.02 1.61
C PHE A 610 -47.71 -38.96 0.91
N ASP A 611 -48.53 -39.98 1.14
CA ASP A 611 -49.84 -40.10 0.49
C ASP A 611 -50.83 -39.20 1.22
N LEU A 612 -51.14 -38.05 0.60
CA LEU A 612 -52.04 -37.06 1.17
C LEU A 612 -53.50 -37.35 0.85
N LYS A 613 -53.83 -38.57 0.44
CA LYS A 613 -55.20 -39.02 0.32
C LYS A 613 -55.54 -40.07 1.36
N ALA A 614 -54.61 -40.98 1.67
CA ALA A 614 -54.80 -41.87 2.80
C ALA A 614 -54.91 -41.07 4.09
N THR A 615 -54.10 -40.01 4.22
CA THR A 615 -54.16 -39.08 5.34
C THR A 615 -54.55 -37.72 4.77
N LYS A 616 -55.85 -37.42 4.78
CA LYS A 616 -56.34 -36.13 4.30
C LYS A 616 -55.74 -34.99 5.12
N GLU A 617 -55.67 -33.82 4.49
CA GLU A 617 -55.05 -32.66 5.16
C GLU A 617 -55.74 -32.38 6.49
N ALA A 618 -57.06 -32.50 6.54
CA ALA A 618 -57.77 -32.29 7.80
C ALA A 618 -57.39 -33.33 8.84
N ASP A 619 -57.16 -34.57 8.39
CA ASP A 619 -56.80 -35.63 9.32
C ASP A 619 -55.39 -35.48 9.85
N LEU A 620 -54.45 -35.11 8.97
CA LEU A 620 -53.05 -34.96 9.41
C LEU A 620 -52.93 -33.88 10.48
N SER A 621 -53.65 -32.76 10.31
CA SER A 621 -53.55 -31.67 11.27
C SER A 621 -53.88 -32.13 12.68
N LYS A 622 -54.84 -33.04 12.83
CA LYS A 622 -55.21 -33.53 14.15
C LYS A 622 -54.09 -34.32 14.80
N GLU A 623 -53.38 -35.16 14.04
CA GLU A 623 -52.25 -35.90 14.59
C GLU A 623 -51.13 -34.96 14.99
N LEU A 624 -50.87 -33.94 14.17
CA LEU A 624 -49.80 -33.01 14.48
C LEU A 624 -50.09 -32.26 15.78
N ALA A 625 -51.33 -31.81 15.96
CA ALA A 625 -51.68 -31.08 17.18
C ALA A 625 -51.50 -31.95 18.41
N ILE A 626 -51.95 -33.20 18.34
CA ILE A 626 -51.81 -34.12 19.47
C ILE A 626 -50.34 -34.32 19.82
N GLN A 627 -49.50 -34.51 18.81
CA GLN A 627 -48.07 -34.76 19.07
C GLN A 627 -47.43 -33.55 19.75
N VAL A 628 -47.79 -32.34 19.32
CA VAL A 628 -47.22 -31.15 19.95
C VAL A 628 -47.67 -31.04 21.41
N ARG A 629 -48.91 -31.42 21.70
CA ARG A 629 -49.41 -31.37 23.07
C ARG A 629 -48.67 -32.34 23.97
N LYS A 630 -48.47 -33.58 23.49
CA LYS A 630 -47.79 -34.57 24.30
C LYS A 630 -46.35 -34.14 24.61
N VAL A 631 -45.70 -33.49 23.65
CA VAL A 631 -44.27 -33.23 23.79
C VAL A 631 -43.96 -31.87 24.39
N ILE A 632 -44.85 -30.88 24.21
CA ILE A 632 -44.65 -29.53 24.70
C ILE A 632 -45.73 -29.14 25.71
N GLY A 633 -46.99 -29.27 25.32
CA GLY A 633 -48.11 -28.88 26.16
C GLY A 633 -49.31 -28.52 25.33
N PRO A 634 -50.49 -28.45 25.95
CA PRO A 634 -51.71 -28.18 25.17
C PRO A 634 -51.67 -26.84 24.44
N PHE A 635 -51.07 -25.83 25.06
CA PHE A 635 -51.03 -24.48 24.50
C PHE A 635 -50.24 -24.38 23.20
N ALA A 636 -49.34 -25.31 22.94
CA ALA A 636 -48.49 -25.23 21.75
C ALA A 636 -49.12 -25.83 20.51
N ALA A 637 -50.24 -26.55 20.64
CA ALA A 637 -50.85 -27.17 19.49
C ALA A 637 -51.27 -26.10 18.47
N PRO A 638 -50.92 -26.26 17.20
CA PRO A 638 -51.29 -25.24 16.21
C PRO A 638 -52.80 -25.10 16.08
N LYS A 639 -53.26 -23.86 16.03
CA LYS A 639 -54.68 -23.60 15.81
C LYS A 639 -55.08 -23.88 14.37
N LYS A 640 -54.17 -23.66 13.41
CA LYS A 640 -54.43 -23.96 12.01
C LYS A 640 -53.12 -24.42 11.37
N ILE A 641 -53.23 -25.38 10.46
CA ILE A 641 -52.07 -25.94 9.78
C ILE A 641 -52.27 -25.85 8.28
N TYR A 642 -51.29 -25.26 7.59
CA TYR A 642 -51.32 -25.09 6.14
C TYR A 642 -50.27 -26.01 5.51
N LEU A 643 -50.70 -26.87 4.59
CA LEU A 643 -49.79 -27.70 3.83
C LEU A 643 -49.32 -26.93 2.58
N VAL A 644 -48.00 -26.80 2.44
CA VAL A 644 -47.41 -26.08 1.31
C VAL A 644 -46.30 -26.93 0.72
N SER A 645 -46.01 -26.69 -0.57
CA SER A 645 -45.00 -27.48 -1.24
C SER A 645 -43.60 -27.06 -0.80
N ASP A 646 -43.43 -25.82 -0.35
CA ASP A 646 -42.14 -25.35 0.12
C ASP A 646 -42.39 -24.09 0.93
N LEU A 647 -41.36 -23.68 1.66
CA LEU A 647 -41.47 -22.51 2.51
C LEU A 647 -40.64 -21.36 1.95
N PRO A 648 -41.07 -20.11 2.15
CA PRO A 648 -40.25 -18.98 1.71
C PRO A 648 -38.94 -18.95 2.48
N LYS A 649 -37.83 -18.95 1.75
CA LYS A 649 -36.51 -19.02 2.37
C LYS A 649 -35.55 -18.10 1.64
N THR A 650 -34.58 -17.60 2.38
CA THR A 650 -33.52 -16.81 1.78
C THR A 650 -32.56 -17.74 1.04
N ARG A 651 -31.69 -17.13 0.22
CA ARG A 651 -30.71 -17.92 -0.50
C ARG A 651 -29.89 -18.80 0.44
N SER A 652 -29.66 -18.34 1.67
CA SER A 652 -28.82 -19.06 2.62
C SER A 652 -29.57 -20.12 3.40
N GLY A 653 -30.90 -20.14 3.31
CA GLY A 653 -31.69 -21.17 3.95
C GLY A 653 -32.53 -20.71 5.12
N LYS A 654 -32.40 -19.46 5.54
CA LYS A 654 -33.26 -18.95 6.60
C LYS A 654 -34.72 -19.01 6.16
N ILE A 655 -35.57 -19.52 7.04
CA ILE A 655 -37.01 -19.52 6.77
C ILE A 655 -37.57 -18.15 7.14
N MET A 656 -38.27 -17.53 6.19
CA MET A 656 -38.71 -16.14 6.35
C MET A 656 -40.06 -16.12 7.06
N ARG A 657 -40.01 -16.34 8.38
CA ARG A 657 -41.24 -16.41 9.15
C ARG A 657 -41.97 -15.07 9.19
N ARG A 658 -41.26 -13.95 9.02
CA ARG A 658 -41.93 -12.66 8.96
C ARG A 658 -42.91 -12.62 7.79
N VAL A 659 -42.51 -13.17 6.64
CA VAL A 659 -43.39 -13.19 5.49
C VAL A 659 -44.64 -14.00 5.81
N LEU A 660 -44.46 -15.19 6.38
CA LEU A 660 -45.59 -16.02 6.75
C LEU A 660 -46.46 -15.33 7.80
N ARG A 661 -45.82 -14.70 8.80
CA ARG A 661 -46.58 -14.05 9.86
C ARG A 661 -47.44 -12.92 9.31
N LYS A 662 -46.91 -12.13 8.39
CA LYS A 662 -47.69 -11.02 7.84
C LYS A 662 -48.78 -11.50 6.89
N ILE A 663 -48.54 -12.59 6.18
CA ILE A 663 -49.57 -13.15 5.31
C ILE A 663 -50.76 -13.64 6.14
N VAL A 664 -50.47 -14.37 7.22
CA VAL A 664 -51.54 -14.82 8.10
C VAL A 664 -52.30 -13.63 8.67
N ALA A 665 -51.57 -12.56 9.01
CA ALA A 665 -52.18 -11.34 9.52
C ALA A 665 -52.91 -10.53 8.45
N GLY A 666 -53.03 -11.04 7.23
CA GLY A 666 -53.72 -10.31 6.18
C GLY A 666 -52.95 -9.15 5.61
N GLU A 667 -51.64 -9.09 5.86
CA GLU A 667 -50.80 -7.99 5.41
C GLU A 667 -49.83 -8.43 4.31
N GLY A 668 -50.31 -9.28 3.40
CA GLY A 668 -49.48 -9.75 2.30
C GLY A 668 -49.09 -8.69 1.31
N ASP A 669 -49.66 -7.49 1.42
CA ASP A 669 -49.33 -6.37 0.55
C ASP A 669 -48.25 -5.46 1.11
N GLN A 670 -47.69 -5.79 2.28
CA GLN A 670 -46.64 -5.00 2.91
C GLN A 670 -45.51 -5.96 3.32
N LEU A 671 -44.83 -6.52 2.33
CA LEU A 671 -43.82 -7.54 2.56
C LEU A 671 -42.40 -7.11 2.23
N GLY A 672 -42.22 -6.11 1.38
CA GLY A 672 -40.90 -5.63 1.03
C GLY A 672 -40.30 -6.32 -0.17
N ASP A 673 -39.01 -6.07 -0.37
CA ASP A 673 -38.28 -6.54 -1.55
C ASP A 673 -37.94 -8.01 -1.38
N LEU A 674 -38.83 -8.88 -1.88
CA LEU A 674 -38.62 -10.31 -1.88
C LEU A 674 -38.15 -10.83 -3.23
N SER A 675 -37.64 -9.95 -4.09
CA SER A 675 -37.28 -10.34 -5.44
C SER A 675 -36.09 -11.31 -5.47
N SER A 676 -35.31 -11.36 -4.40
CA SER A 676 -34.06 -12.13 -4.40
C SER A 676 -34.08 -13.33 -3.48
N ILE A 677 -35.25 -13.69 -2.92
CA ILE A 677 -35.33 -14.87 -2.07
C ILE A 677 -35.20 -16.11 -2.95
N ALA A 678 -35.01 -17.26 -2.33
CA ALA A 678 -34.66 -18.47 -3.09
C ALA A 678 -35.72 -18.79 -4.13
N ASP A 679 -36.99 -18.78 -3.72
CA ASP A 679 -38.11 -19.03 -4.63
C ASP A 679 -39.19 -17.99 -4.36
N PRO A 680 -39.20 -16.89 -5.12
CA PRO A 680 -40.29 -15.91 -4.95
C PRO A 680 -41.66 -16.49 -5.26
N GLN A 681 -41.74 -17.53 -6.10
CA GLN A 681 -43.02 -18.11 -6.44
C GLN A 681 -43.69 -18.77 -5.23
N ILE A 682 -42.91 -19.20 -4.25
CA ILE A 682 -43.48 -19.88 -3.09
C ILE A 682 -44.36 -18.92 -2.30
N VAL A 683 -44.08 -17.62 -2.36
CA VAL A 683 -44.90 -16.66 -1.64
C VAL A 683 -46.30 -16.59 -2.23
N GLU A 684 -46.43 -16.77 -3.55
CA GLU A 684 -47.74 -16.73 -4.17
C GLU A 684 -48.59 -17.92 -3.74
N GLU A 685 -47.99 -19.11 -3.66
CA GLU A 685 -48.74 -20.28 -3.23
C GLU A 685 -49.23 -20.12 -1.80
N VAL A 686 -48.37 -19.65 -0.90
CA VAL A 686 -48.76 -19.48 0.50
C VAL A 686 -49.94 -18.51 0.60
N LYS A 687 -49.89 -17.42 -0.16
CA LYS A 687 -51.02 -16.49 -0.18
C LYS A 687 -52.30 -17.20 -0.60
N GLN A 688 -52.22 -18.06 -1.62
CA GLN A 688 -53.39 -18.80 -2.08
C GLN A 688 -53.89 -19.74 -0.99
N LYS A 689 -52.98 -20.49 -0.36
CA LYS A 689 -53.39 -21.47 0.64
C LYS A 689 -54.05 -20.80 1.83
N VAL A 690 -53.55 -19.63 2.23
CA VAL A 690 -54.15 -18.92 3.36
C VAL A 690 -55.49 -18.32 2.97
N THR A 691 -55.62 -17.88 1.73
CA THR A 691 -56.86 -17.29 1.23
C THR A 691 -57.87 -18.37 0.89
N HIS B 25 40.41 -26.18 -30.23
CA HIS B 25 39.23 -25.66 -29.53
C HIS B 25 38.12 -25.32 -30.50
N HIS B 26 36.87 -25.57 -30.10
CA HIS B 26 35.73 -25.20 -30.91
C HIS B 26 35.43 -23.71 -30.80
N VAL B 27 35.65 -23.11 -29.62
CA VAL B 27 35.38 -21.70 -29.37
C VAL B 27 36.69 -20.94 -29.49
N HIS B 28 36.68 -19.88 -30.30
CA HIS B 28 37.85 -19.04 -30.49
C HIS B 28 37.62 -17.66 -29.89
N PRO B 29 38.67 -16.98 -29.42
CA PRO B 29 38.50 -15.59 -28.97
C PRO B 29 38.17 -14.69 -30.15
N LEU B 30 37.62 -13.53 -29.84
CA LEU B 30 37.40 -12.55 -30.90
C LEU B 30 38.73 -12.24 -31.59
N PRO B 31 38.74 -12.12 -32.91
CA PRO B 31 40.01 -11.89 -33.62
C PRO B 31 40.82 -10.72 -33.06
N ASP B 32 42.12 -10.94 -32.91
CA ASP B 32 43.03 -9.95 -32.35
C ASP B 32 44.39 -10.12 -33.00
N SER B 33 45.11 -9.01 -33.15
CA SER B 33 46.45 -9.07 -33.71
C SER B 33 47.49 -9.54 -32.70
N VAL B 34 47.15 -9.59 -31.42
CA VAL B 34 48.04 -10.08 -30.37
C VAL B 34 47.87 -11.59 -30.25
N PRO B 35 48.95 -12.36 -30.20
CA PRO B 35 48.79 -13.81 -30.02
C PRO B 35 48.06 -14.13 -28.73
N GLU B 36 47.31 -15.24 -28.76
CA GLU B 36 46.51 -15.64 -27.60
C GLU B 36 47.39 -15.80 -26.36
N SER B 37 48.60 -16.32 -26.54
CA SER B 37 49.49 -16.56 -25.42
C SER B 37 49.96 -15.27 -24.75
N GLU B 38 49.84 -14.13 -25.43
CA GLU B 38 50.26 -12.85 -24.90
C GLU B 38 49.08 -11.91 -24.61
N ASP B 39 47.86 -12.45 -24.60
CA ASP B 39 46.65 -11.64 -24.58
C ASP B 39 45.86 -11.78 -23.28
N LEU B 40 46.53 -12.17 -22.18
CA LEU B 40 45.90 -12.28 -20.87
C LEU B 40 46.48 -11.19 -19.96
N PHE B 41 45.62 -10.35 -19.41
CA PHE B 41 46.02 -9.14 -18.70
C PHE B 41 45.63 -9.21 -17.23
N ALA B 42 46.61 -9.50 -16.37
CA ALA B 42 46.37 -9.59 -14.95
C ALA B 42 46.07 -8.20 -14.36
N PRO B 43 45.40 -8.16 -13.21
CA PRO B 43 45.12 -6.86 -12.57
C PRO B 43 46.38 -6.05 -12.42
N PRO B 44 46.41 -4.82 -12.94
CA PRO B 44 47.65 -4.03 -12.93
C PRO B 44 47.91 -3.45 -11.56
N PRO B 45 49.09 -2.87 -11.33
CA PRO B 45 49.42 -2.36 -9.99
C PRO B 45 48.42 -1.38 -9.43
N ARG B 46 47.85 -0.50 -10.25
CA ARG B 46 46.82 0.41 -9.74
C ARG B 46 45.63 -0.34 -9.15
N MET B 47 45.43 -1.60 -9.53
CA MET B 47 44.36 -2.43 -8.99
C MET B 47 44.90 -3.56 -8.11
N GLN B 48 46.12 -3.40 -7.59
CA GLN B 48 46.73 -4.35 -6.68
C GLN B 48 46.89 -3.78 -5.27
N GLY B 49 46.34 -2.61 -5.00
CA GLY B 49 46.59 -1.91 -3.77
C GLY B 49 47.90 -1.15 -3.76
N LYS B 50 48.61 -1.13 -4.89
CA LYS B 50 49.84 -0.36 -5.03
C LYS B 50 49.50 1.02 -5.57
N GLU B 51 50.53 1.83 -5.79
CA GLU B 51 50.39 3.18 -6.31
C GLU B 51 49.51 4.05 -5.41
N GLY B 52 49.34 3.65 -4.16
CA GLY B 52 48.54 4.40 -3.21
C GLY B 52 47.05 4.30 -3.42
N ARG B 53 46.59 3.37 -4.26
CA ARG B 53 45.16 3.20 -4.51
C ARG B 53 44.52 2.31 -3.46
N PRO B 54 43.20 2.43 -3.27
CA PRO B 54 42.52 1.53 -2.32
C PRO B 54 42.70 0.08 -2.71
N LYS B 55 42.78 -0.79 -1.71
CA LYS B 55 42.83 -2.22 -1.96
C LYS B 55 41.51 -2.69 -2.55
N PRO B 56 41.53 -3.61 -3.52
CA PRO B 56 40.28 -4.06 -4.13
C PRO B 56 39.38 -4.77 -3.13
N HIS B 57 38.06 -4.63 -3.35
CA HIS B 57 37.10 -5.33 -2.50
C HIS B 57 37.19 -6.84 -2.66
N ILE B 58 37.52 -7.29 -3.87
CA ILE B 58 37.72 -8.71 -4.15
C ILE B 58 39.05 -8.85 -4.86
N GLY B 59 39.87 -9.79 -4.41
CA GLY B 59 41.16 -10.02 -4.99
C GLY B 59 41.94 -11.10 -4.26
N PRO B 60 43.12 -11.46 -4.79
CA PRO B 60 43.79 -10.90 -5.96
C PRO B 60 43.72 -11.76 -7.21
N ASN B 61 42.92 -12.83 -7.24
CA ASN B 61 42.97 -13.78 -8.35
C ASN B 61 41.58 -14.33 -8.63
N TYR B 62 41.52 -15.22 -9.62
CA TYR B 62 40.24 -15.82 -10.02
C TYR B 62 39.55 -16.51 -8.86
N GLU B 63 40.30 -17.28 -8.07
CA GLU B 63 39.67 -18.06 -7.02
C GLU B 63 39.05 -17.16 -5.96
N SER B 64 39.59 -15.96 -5.74
CA SER B 64 38.94 -15.04 -4.81
C SER B 64 37.59 -14.59 -5.35
N TYR B 65 37.47 -14.45 -6.67
CA TYR B 65 36.18 -14.16 -7.27
C TYR B 65 35.22 -15.34 -7.08
N VAL B 66 35.69 -16.55 -7.36
CA VAL B 66 34.81 -17.72 -7.29
C VAL B 66 34.34 -17.96 -5.86
N LYS B 67 35.24 -17.82 -4.89
CA LYS B 67 34.88 -18.10 -3.50
C LYS B 67 33.75 -17.20 -3.04
N GLU B 68 33.78 -15.93 -3.44
CA GLU B 68 32.68 -15.03 -3.07
C GLU B 68 31.46 -15.29 -3.94
N TRP B 69 31.67 -15.52 -5.24
CA TRP B 69 30.54 -15.73 -6.14
C TRP B 69 29.73 -16.96 -5.73
N ALA B 70 30.40 -18.01 -5.26
CA ALA B 70 29.70 -19.22 -4.88
C ALA B 70 28.74 -18.99 -3.73
N LYS B 71 28.95 -17.94 -2.93
CA LYS B 71 28.02 -17.61 -1.86
C LYS B 71 26.74 -16.96 -2.37
N THR B 72 26.71 -16.49 -3.63
CA THR B 72 25.65 -15.65 -4.13
C THR B 72 24.66 -16.40 -5.02
N VAL B 73 24.94 -17.66 -5.36
CA VAL B 73 24.07 -18.47 -6.19
C VAL B 73 23.89 -19.82 -5.49
N GLY B 74 22.83 -20.53 -5.89
CA GLY B 74 22.58 -21.84 -5.35
C GLY B 74 21.62 -21.81 -4.19
N PRO B 75 21.39 -22.98 -3.58
CA PRO B 75 20.32 -23.10 -2.57
C PRO B 75 20.63 -22.45 -1.23
N ASN B 76 21.89 -22.06 -0.98
CA ASN B 76 22.27 -21.47 0.30
C ASN B 76 22.72 -20.02 0.16
N SER B 77 22.26 -19.33 -0.88
CA SER B 77 22.67 -17.96 -1.13
C SER B 77 21.77 -16.93 -0.48
N ASP B 78 20.68 -17.34 0.18
CA ASP B 78 19.81 -16.38 0.87
C ASP B 78 20.59 -15.61 1.93
N GLU B 79 21.44 -16.30 2.69
CA GLU B 79 22.17 -15.65 3.78
C GLU B 79 23.00 -14.49 3.25
N TRP B 80 23.75 -14.72 2.18
CA TRP B 80 24.58 -13.67 1.59
C TRP B 80 23.73 -12.50 1.12
N TRP B 81 22.63 -12.79 0.40
CA TRP B 81 21.82 -11.72 -0.14
C TRP B 81 21.08 -10.96 0.95
N ALA B 82 20.63 -11.68 1.98
CA ALA B 82 19.98 -11.00 3.11
C ALA B 82 20.96 -10.04 3.79
N ALA B 83 22.19 -10.49 4.02
CA ALA B 83 23.18 -9.64 4.67
C ALA B 83 23.54 -8.44 3.80
N LYS B 84 23.76 -8.66 2.51
CA LYS B 84 24.12 -7.56 1.63
C LYS B 84 23.00 -6.53 1.54
N ALA B 85 21.75 -6.99 1.47
CA ALA B 85 20.64 -6.05 1.39
C ALA B 85 20.55 -5.17 2.64
N ARG B 86 20.79 -5.76 3.81
CA ARG B 86 20.72 -5.00 5.06
C ARG B 86 21.96 -4.14 5.27
N GLU B 87 23.12 -4.55 4.74
CA GLU B 87 24.34 -3.76 4.89
C GLU B 87 24.40 -2.61 3.89
N THR B 88 23.80 -2.78 2.71
CA THR B 88 24.00 -1.85 1.61
C THR B 88 22.98 -0.73 1.59
N LEU B 89 21.73 -1.01 1.96
CA LEU B 89 20.65 -0.04 1.89
C LEU B 89 20.10 0.26 3.28
N ASP B 90 19.51 1.45 3.41
CA ASP B 90 18.77 1.81 4.61
CA ASP B 90 18.77 1.82 4.61
C ASP B 90 17.30 1.50 4.38
N TRP B 91 16.70 0.78 5.34
CA TRP B 91 15.32 0.34 5.26
C TRP B 91 14.49 1.00 6.35
N TYR B 92 13.28 1.42 6.00
CA TYR B 92 12.33 1.86 7.03
C TYR B 92 11.75 0.66 7.77
N ASP B 93 11.45 -0.41 7.04
CA ASP B 93 10.97 -1.65 7.60
C ASP B 93 11.81 -2.80 7.05
N ASP B 94 12.20 -3.71 7.93
CA ASP B 94 12.98 -4.87 7.55
C ASP B 94 12.11 -5.83 6.72
N PHE B 95 12.79 -6.64 5.90
CA PHE B 95 12.12 -7.70 5.18
C PHE B 95 12.22 -9.00 5.97
N LYS B 96 11.37 -9.95 5.61
CA LYS B 96 11.40 -11.29 6.16
CA LYS B 96 11.39 -11.30 6.16
C LYS B 96 11.83 -12.32 5.12
N THR B 97 11.19 -12.29 3.96
CA THR B 97 11.50 -13.20 2.87
C THR B 97 12.58 -12.60 1.98
N VAL B 98 13.57 -13.42 1.62
CA VAL B 98 14.63 -12.94 0.74
C VAL B 98 14.18 -12.91 -0.72
N ARG B 99 13.65 -14.04 -1.21
CA ARG B 99 13.23 -14.13 -2.59
C ARG B 99 12.06 -15.09 -2.73
N ALA B 100 11.28 -14.88 -3.79
CA ALA B 100 10.20 -15.77 -4.17
C ALA B 100 9.86 -15.52 -5.63
N GLY B 101 8.98 -16.34 -6.16
CA GLY B 101 8.51 -16.15 -7.53
C GLY B 101 9.52 -16.67 -8.53
N GLY B 102 9.22 -16.42 -9.80
CA GLY B 102 10.07 -16.99 -10.84
C GLY B 102 9.72 -16.48 -12.22
N PHE B 103 10.42 -17.07 -13.21
CA PHE B 103 10.28 -16.65 -14.59
C PHE B 103 8.91 -17.02 -15.17
N GLU B 104 8.40 -18.21 -14.85
CA GLU B 104 7.32 -18.79 -15.62
C GLU B 104 6.12 -17.85 -15.70
N HIS B 105 5.72 -17.28 -14.56
CA HIS B 105 4.56 -16.39 -14.51
C HIS B 105 4.94 -14.93 -14.35
N GLY B 106 6.23 -14.63 -14.18
CA GLY B 106 6.64 -13.26 -13.98
C GLY B 106 6.14 -12.70 -12.66
N ASP B 107 6.49 -13.38 -11.56
CA ASP B 107 6.12 -12.92 -10.22
C ASP B 107 7.34 -12.83 -9.32
N VAL B 108 8.47 -12.45 -9.90
CA VAL B 108 9.71 -12.37 -9.15
C VAL B 108 9.55 -11.38 -8.00
N GLN B 109 10.00 -11.80 -6.82
CA GLN B 109 9.94 -10.99 -5.61
C GLN B 109 11.28 -11.06 -4.90
N TRP B 110 11.75 -9.90 -4.41
CA TRP B 110 12.92 -9.85 -3.55
C TRP B 110 12.63 -8.94 -2.37
N PHE B 111 12.96 -9.40 -1.16
CA PHE B 111 12.78 -8.64 0.06
C PHE B 111 11.37 -8.06 0.18
N PRO B 112 10.33 -8.87 -0.11
CA PRO B 112 9.00 -8.29 -0.35
C PRO B 112 8.44 -7.47 0.80
N GLU B 113 8.65 -7.88 2.06
CA GLU B 113 8.03 -7.18 3.18
C GLU B 113 8.77 -5.91 3.59
N GLY B 114 9.96 -5.68 3.08
CA GLY B 114 10.70 -4.50 3.47
C GLY B 114 10.18 -3.24 2.83
N THR B 115 10.50 -2.10 3.46
CA THR B 115 10.18 -0.80 2.88
C THR B 115 11.41 0.09 2.92
N LEU B 116 11.47 1.00 1.96
CA LEU B 116 12.64 1.84 1.77
C LEU B 116 12.24 2.95 0.81
N ASN B 117 13.18 3.86 0.56
CA ASN B 117 12.99 4.89 -0.44
C ASN B 117 14.30 5.10 -1.15
N ALA B 118 14.25 5.15 -2.49
CA ALA B 118 15.48 5.27 -3.26
C ALA B 118 16.12 6.64 -3.06
N ALA B 119 15.32 7.69 -2.95
CA ALA B 119 15.88 9.03 -2.74
C ALA B 119 16.56 9.11 -1.37
N TYR B 120 15.98 8.49 -0.35
CA TYR B 120 16.62 8.47 0.96
C TYR B 120 18.01 7.83 0.87
N ASN B 121 18.12 6.73 0.12
CA ASN B 121 19.37 5.99 0.04
C ASN B 121 20.39 6.67 -0.87
N CYS B 122 19.92 7.42 -1.86
CA CYS B 122 20.81 8.12 -2.78
C CYS B 122 21.14 9.54 -2.34
N LEU B 123 20.34 10.12 -1.44
CA LEU B 123 20.54 11.50 -1.03
C LEU B 123 20.59 11.63 0.49
N ASP B 124 19.46 11.46 1.16
CA ASP B 124 19.32 11.84 2.55
C ASP B 124 20.44 11.25 3.41
N ARG B 125 20.68 9.94 3.33
CA ARG B 125 21.59 9.33 4.28
C ARG B 125 23.02 9.81 4.07
N HIS B 126 23.38 10.19 2.85
CA HIS B 126 24.71 10.74 2.62
C HIS B 126 24.77 12.21 3.01
N TYR B 127 23.71 12.96 2.74
CA TYR B 127 23.64 14.35 3.18
C TYR B 127 23.77 14.47 4.70
N TYR B 128 23.17 13.53 5.43
CA TYR B 128 23.28 13.55 6.89
C TYR B 128 24.70 13.28 7.35
N LYS B 129 25.53 12.63 6.53
CA LYS B 129 26.90 12.32 6.90
C LYS B 129 27.87 13.41 6.46
N ASN B 130 27.81 13.83 5.20
CA ASN B 130 28.72 14.84 4.66
C ASN B 130 27.98 15.71 3.66
N PRO B 131 27.28 16.74 4.13
CA PRO B 131 26.42 17.50 3.21
C PRO B 131 27.18 18.19 2.10
N LYS B 132 28.44 18.56 2.33
CA LYS B 132 29.20 19.30 1.34
C LYS B 132 29.98 18.39 0.39
N LYS B 133 29.96 17.08 0.62
CA LYS B 133 30.59 16.17 -0.34
C LYS B 133 29.94 16.37 -1.71
N THR B 134 30.77 16.28 -2.75
CA THR B 134 30.25 16.46 -4.10
C THR B 134 29.45 15.24 -4.52
N ALA B 135 28.20 15.45 -4.90
CA ALA B 135 27.39 14.38 -5.45
C ALA B 135 27.58 14.27 -6.96
N ILE B 136 27.52 15.39 -7.68
CA ILE B 136 27.58 15.40 -9.12
C ILE B 136 28.70 16.33 -9.56
N ILE B 137 29.59 15.82 -10.39
CA ILE B 137 30.45 16.66 -11.22
C ILE B 137 29.66 16.94 -12.49
N TYR B 138 29.17 18.17 -12.61
CA TYR B 138 28.35 18.56 -13.76
C TYR B 138 29.30 19.12 -14.81
N GLU B 139 29.63 18.29 -15.80
CA GLU B 139 30.48 18.72 -16.92
C GLU B 139 29.56 19.27 -18.00
N ALA B 140 29.43 20.58 -18.04
CA ALA B 140 28.53 21.26 -18.96
C ALA B 140 29.04 21.14 -20.39
N ASP B 141 28.14 21.36 -21.35
CA ASP B 141 28.55 21.29 -22.74
C ASP B 141 29.75 22.19 -22.99
N GLU B 142 29.71 23.42 -22.47
CA GLU B 142 30.87 24.30 -22.52
C GLU B 142 31.74 24.06 -21.29
N PRO B 143 33.02 23.70 -21.46
CA PRO B 143 33.83 23.32 -20.30
C PRO B 143 33.85 24.35 -19.18
N SER B 144 33.81 25.64 -19.49
CA SER B 144 33.96 26.66 -18.46
C SER B 144 32.79 26.67 -17.48
N GLU B 145 31.65 26.10 -17.87
CA GLU B 145 30.44 26.14 -17.07
C GLU B 145 30.28 24.92 -16.17
N SER B 146 31.28 24.04 -16.12
CA SER B 146 31.18 22.87 -15.26
C SER B 146 31.35 23.26 -13.80
N ARG B 147 30.74 22.46 -12.91
CA ARG B 147 30.86 22.73 -11.48
C ARG B 147 30.47 21.50 -10.69
N GLU B 148 30.86 21.50 -9.42
CA GLU B 148 30.49 20.45 -8.49
C GLU B 148 29.18 20.78 -7.80
N VAL B 149 28.30 19.79 -7.70
CA VAL B 149 27.01 19.93 -7.01
C VAL B 149 27.05 19.04 -5.79
N SER B 150 26.92 19.64 -4.61
CA SER B 150 27.01 18.90 -3.37
C SER B 150 25.77 18.03 -3.17
N TYR B 151 25.91 17.04 -2.27
CA TYR B 151 24.74 16.28 -1.87
C TYR B 151 23.67 17.19 -1.30
N GLU B 152 24.08 18.20 -0.53
CA GLU B 152 23.12 19.15 0.03
C GLU B 152 22.34 19.84 -1.08
N GLU B 153 23.04 20.40 -2.07
CA GLU B 153 22.35 21.11 -3.14
C GLU B 153 21.45 20.17 -3.93
N LEU B 154 21.95 18.97 -4.27
CA LEU B 154 21.14 18.03 -5.03
C LEU B 154 19.91 17.58 -4.24
N MET B 155 20.08 17.34 -2.94
CA MET B 155 18.94 16.96 -2.11
CA MET B 155 18.93 16.96 -2.12
C MET B 155 17.90 18.07 -2.07
N GLN B 156 18.34 19.31 -1.87
CA GLN B 156 17.41 20.43 -1.80
C GLN B 156 16.61 20.57 -3.09
N GLU B 157 17.28 20.51 -4.25
N GLU B 157 17.28 20.49 -4.25
CA GLU B 157 16.59 20.60 -5.52
CA GLU B 157 16.54 20.62 -5.50
C GLU B 157 15.62 19.43 -5.69
C GLU B 157 15.61 19.42 -5.72
N THR B 158 16.05 18.23 -5.33
CA THR B 158 15.17 17.07 -5.42
C THR B 158 13.93 17.27 -4.57
N CYS B 159 14.10 17.76 -3.34
CA CYS B 159 12.95 17.96 -2.46
C CYS B 159 12.03 19.05 -3.00
N ARG B 160 12.60 20.13 -3.53
CA ARG B 160 11.76 21.19 -4.10
CA ARG B 160 11.76 21.19 -4.10
C ARG B 160 10.92 20.65 -5.25
N VAL B 161 11.55 19.89 -6.15
CA VAL B 161 10.81 19.33 -7.28
C VAL B 161 9.74 18.36 -6.79
N ALA B 162 10.08 17.51 -5.82
CA ALA B 162 9.11 16.57 -5.27
C ALA B 162 7.87 17.30 -4.76
N ASN B 163 8.09 18.43 -4.06
CA ASN B 163 6.97 19.22 -3.55
C ASN B 163 6.14 19.81 -4.67
N VAL B 164 6.80 20.22 -5.76
CA VAL B 164 6.06 20.72 -6.91
C VAL B 164 5.17 19.62 -7.48
N LEU B 165 5.73 18.42 -7.63
CA LEU B 165 4.98 17.30 -8.20
C LEU B 165 3.77 16.97 -7.35
N LYS B 166 3.93 16.96 -6.02
CA LYS B 166 2.81 16.71 -5.13
C LYS B 166 1.74 17.78 -5.28
N SER B 167 2.16 19.03 -5.50
CA SER B 167 1.18 20.11 -5.69
C SER B 167 0.39 19.92 -6.99
N TYR B 168 0.92 19.14 -7.93
CA TYR B 168 0.19 18.84 -9.16
C TYR B 168 -0.76 17.65 -8.99
N GLY B 169 -0.82 17.07 -7.81
CA GLY B 169 -1.64 15.90 -7.59
C GLY B 169 -0.96 14.59 -7.93
N VAL B 170 0.35 14.59 -8.13
CA VAL B 170 1.05 13.34 -8.39
C VAL B 170 1.04 12.49 -7.12
N LYS B 171 0.56 11.26 -7.25
CA LYS B 171 0.42 10.32 -6.14
C LYS B 171 1.36 9.14 -6.31
N LYS B 172 1.65 8.48 -5.20
CA LYS B 172 2.38 7.22 -5.23
C LYS B 172 1.82 6.32 -6.34
N GLY B 173 2.70 5.81 -7.17
CA GLY B 173 2.31 4.94 -8.26
C GLY B 173 1.96 5.62 -9.56
N ASP B 174 1.86 6.96 -9.58
CA ASP B 174 1.62 7.68 -10.82
C ASP B 174 2.90 7.73 -11.65
N ALA B 175 2.74 7.68 -12.98
CA ALA B 175 3.85 7.83 -13.90
C ALA B 175 4.11 9.29 -14.19
N VAL B 176 5.40 9.65 -14.33
CA VAL B 176 5.83 10.99 -14.72
C VAL B 176 6.85 10.84 -15.84
N SER B 177 6.59 11.47 -16.98
CA SER B 177 7.54 11.42 -18.08
C SER B 177 8.61 12.49 -17.90
N ILE B 178 9.84 12.13 -18.23
CA ILE B 178 10.98 13.02 -18.12
C ILE B 178 11.65 13.10 -19.49
N TYR B 179 11.73 14.32 -20.03
CA TYR B 179 12.35 14.59 -21.33
C TYR B 179 13.40 15.67 -21.09
N LEU B 180 14.51 15.28 -20.44
CA LEU B 180 15.54 16.19 -19.99
C LEU B 180 16.88 15.81 -20.62
N PRO B 181 17.69 16.80 -21.00
CA PRO B 181 19.05 16.54 -21.47
C PRO B 181 19.99 16.37 -20.28
N MET B 182 21.28 16.22 -20.58
CA MET B 182 22.28 15.84 -19.59
C MET B 182 22.80 17.06 -18.82
N THR B 183 21.87 17.78 -18.20
CA THR B 183 22.20 18.74 -17.16
C THR B 183 21.97 18.07 -15.81
N TRP B 184 22.63 18.60 -14.77
CA TRP B 184 22.63 17.88 -13.49
C TRP B 184 21.23 17.76 -12.90
N GLN B 185 20.33 18.68 -13.21
CA GLN B 185 18.98 18.60 -12.65
C GLN B 185 18.21 17.36 -13.11
N ALA B 186 18.69 16.66 -14.13
CA ALA B 186 18.04 15.40 -14.51
C ALA B 186 18.03 14.44 -13.33
N ALA B 187 19.13 14.38 -12.57
CA ALA B 187 19.17 13.54 -11.39
C ALA B 187 18.11 13.97 -10.38
N ALA B 188 17.96 15.29 -10.18
CA ALA B 188 16.94 15.77 -9.24
C ALA B 188 15.54 15.36 -9.68
N ALA B 189 15.30 15.33 -10.99
CA ALA B 189 13.98 14.96 -11.48
C ALA B 189 13.72 13.47 -11.26
N PHE B 190 14.68 12.61 -11.58
CA PHE B 190 14.53 11.18 -11.29
C PHE B 190 14.21 10.97 -9.81
N LEU B 191 15.06 11.54 -8.94
CA LEU B 191 14.98 11.25 -7.51
C LEU B 191 13.79 11.94 -6.87
N ALA B 192 13.30 13.04 -7.45
CA ALA B 192 12.07 13.64 -6.95
C ALA B 192 10.88 12.70 -7.17
N CYS B 193 10.85 12.02 -8.32
CA CYS B 193 9.81 11.03 -8.55
C CYS B 193 9.94 9.86 -7.58
N ALA B 194 11.17 9.35 -7.41
CA ALA B 194 11.38 8.25 -6.48
C ALA B 194 11.05 8.66 -5.06
N ARG B 195 11.32 9.92 -4.70
CA ARG B 195 11.10 10.36 -3.34
C ARG B 195 9.64 10.27 -2.95
N ILE B 196 8.73 10.54 -3.90
CA ILE B 196 7.30 10.52 -3.60
C ILE B 196 6.64 9.23 -4.08
N GLY B 197 7.41 8.28 -4.58
CA GLY B 197 6.85 7.03 -5.04
C GLY B 197 6.23 7.09 -6.41
N ALA B 198 6.45 8.16 -7.16
CA ALA B 198 6.03 8.20 -8.56
C ALA B 198 6.96 7.33 -9.38
N ILE B 199 6.52 7.00 -10.59
CA ILE B 199 7.24 6.12 -11.51
C ILE B 199 7.74 7.01 -12.64
N HIS B 200 9.03 7.33 -12.65
CA HIS B 200 9.52 8.16 -13.74
C HIS B 200 9.75 7.32 -14.98
N SER B 201 9.55 7.96 -16.14
CA SER B 201 9.78 7.36 -17.45
C SER B 201 10.60 8.36 -18.27
N ALA B 202 11.90 8.14 -18.33
CA ALA B 202 12.82 9.06 -18.98
C ALA B 202 12.96 8.75 -20.47
N VAL B 203 12.91 9.80 -21.29
CA VAL B 203 13.03 9.70 -22.75
C VAL B 203 14.22 10.54 -23.19
N PHE B 204 15.11 9.93 -23.97
CA PHE B 204 16.27 10.62 -24.54
C PHE B 204 15.89 12.00 -25.06
N ALA B 205 16.56 13.03 -24.56
CA ALA B 205 16.38 14.36 -25.13
C ALA B 205 16.86 14.36 -26.57
N GLY B 206 16.02 14.85 -27.47
CA GLY B 206 16.30 14.80 -28.89
C GLY B 206 15.51 13.76 -29.64
N PHE B 207 14.87 12.82 -28.94
CA PHE B 207 13.93 11.93 -29.61
C PHE B 207 12.86 12.77 -30.28
N SER B 208 12.39 12.30 -31.44
CA SER B 208 11.42 13.04 -32.21
C SER B 208 10.11 13.19 -31.44
N ALA B 209 9.29 14.14 -31.88
CA ALA B 209 7.97 14.29 -31.28
C ALA B 209 7.19 12.98 -31.35
N GLU B 210 7.37 12.21 -32.43
CA GLU B 210 6.65 10.95 -32.59
C GLU B 210 7.11 9.92 -31.57
N SER B 211 8.42 9.76 -31.40
CA SER B 211 8.92 8.81 -30.40
C SER B 211 8.53 9.25 -29.00
N LEU B 212 8.61 10.56 -28.72
CA LEU B 212 8.21 11.06 -27.40
C LEU B 212 6.72 10.79 -27.15
N ARG B 213 5.87 11.11 -28.13
CA ARG B 213 4.43 10.91 -27.98
C ARG B 213 4.12 9.46 -27.63
N ASP B 214 4.70 8.51 -28.37
CA ASP B 214 4.39 7.10 -28.15
C ASP B 214 4.72 6.68 -26.73
N ARG B 215 5.84 7.18 -26.19
CA ARG B 215 6.24 6.80 -24.84
C ARG B 215 5.43 7.53 -23.77
N VAL B 216 5.09 8.79 -24.01
CA VAL B 216 4.25 9.54 -23.07
C VAL B 216 2.87 8.93 -23.00
N ASN B 217 2.32 8.51 -24.14
CA ASN B 217 1.00 7.92 -24.16
C ASN B 217 0.99 6.54 -23.50
N ASP B 218 2.03 5.73 -23.74
CA ASP B 218 2.01 4.36 -23.24
C ASP B 218 2.05 4.33 -21.71
N CYS B 219 2.85 5.20 -21.10
CA CYS B 219 2.92 5.20 -19.64
C CYS B 219 1.76 5.93 -18.99
N GLU B 220 0.92 6.60 -19.78
CA GLU B 220 -0.30 7.24 -19.30
C GLU B 220 0.00 8.30 -18.24
N CYS B 221 1.18 8.90 -18.30
CA CYS B 221 1.51 9.96 -17.34
C CYS B 221 0.62 11.17 -17.55
N LYS B 222 0.44 11.93 -16.47
CA LYS B 222 -0.27 13.20 -16.50
C LYS B 222 0.67 14.39 -16.34
N VAL B 223 1.94 14.16 -16.04
CA VAL B 223 2.92 15.23 -15.82
C VAL B 223 4.15 14.90 -16.65
N LEU B 224 4.76 15.95 -17.20
CA LEU B 224 5.98 15.86 -17.99
C LEU B 224 6.97 16.91 -17.51
N ILE B 225 8.23 16.51 -17.39
CA ILE B 225 9.33 17.40 -17.02
C ILE B 225 10.27 17.50 -18.20
N THR B 226 10.64 18.73 -18.57
CA THR B 226 11.51 18.93 -19.72
C THR B 226 12.27 20.25 -19.55
N THR B 227 13.04 20.60 -20.58
CA THR B 227 13.79 21.85 -20.63
C THR B 227 13.23 22.78 -21.70
N ASP B 228 13.61 24.06 -21.61
CA ASP B 228 13.38 24.95 -22.74
C ASP B 228 14.16 24.46 -23.95
N GLU B 229 15.44 24.18 -23.75
CA GLU B 229 16.31 23.64 -24.78
C GLU B 229 17.39 22.82 -24.10
N GLY B 230 18.01 21.94 -24.88
CA GLY B 230 19.22 21.26 -24.45
C GLY B 230 20.42 21.73 -25.26
N ARG B 231 21.62 21.51 -24.73
CA ARG B 231 22.88 21.80 -25.41
C ARG B 231 23.71 20.53 -25.46
N ARG B 232 24.19 20.18 -26.65
CA ARG B 232 25.00 18.97 -26.78
C ARG B 232 25.93 19.12 -27.97
N GLY B 233 27.23 19.07 -27.70
CA GLY B 233 28.20 19.26 -28.76
C GLY B 233 28.10 20.59 -29.44
N GLY B 234 27.71 21.63 -28.70
CA GLY B 234 27.56 22.95 -29.28
C GLY B 234 26.30 23.15 -30.10
N LYS B 235 25.41 22.16 -30.15
CA LYS B 235 24.16 22.25 -30.88
C LYS B 235 23.00 22.40 -29.92
N THR B 236 21.95 23.08 -30.37
CA THR B 236 20.75 23.28 -29.58
C THR B 236 19.73 22.20 -29.89
N ILE B 237 19.19 21.57 -28.85
CA ILE B 237 18.07 20.64 -28.97
C ILE B 237 16.82 21.37 -28.55
N ALA B 238 15.88 21.55 -29.48
CA ALA B 238 14.66 22.31 -29.24
C ALA B 238 13.65 21.43 -28.52
N THR B 239 13.97 21.11 -27.26
CA THR B 239 13.16 20.17 -26.50
C THR B 239 11.73 20.66 -26.34
N LYS B 240 11.55 21.94 -25.99
CA LYS B 240 10.19 22.43 -25.75
C LYS B 240 9.39 22.45 -27.03
N GLN B 241 10.02 22.79 -28.16
CA GLN B 241 9.35 22.71 -29.45
C GLN B 241 8.90 21.28 -29.74
N ILE B 242 9.78 20.30 -29.47
CA ILE B 242 9.45 18.91 -29.71
C ILE B 242 8.34 18.46 -28.77
N VAL B 243 8.43 18.86 -27.50
CA VAL B 243 7.38 18.54 -26.53
C VAL B 243 6.03 19.07 -27.00
N ASP B 244 6.01 20.32 -27.47
CA ASP B 244 4.74 20.93 -27.90
C ASP B 244 4.12 20.16 -29.05
N ALA B 245 4.94 19.74 -30.03
CA ALA B 245 4.42 18.95 -31.13
C ALA B 245 3.89 17.61 -30.63
N ALA B 246 4.61 16.95 -29.72
CA ALA B 246 4.18 15.65 -29.23
C ALA B 246 2.88 15.77 -28.44
N LEU B 247 2.79 16.75 -27.53
CA LEU B 247 1.66 16.85 -26.63
C LEU B 247 0.36 17.19 -27.34
N GLN B 248 0.42 17.64 -28.60
CA GLN B 248 -0.81 17.75 -29.37
C GLN B 248 -1.51 16.41 -29.54
N GLN B 249 -0.80 15.30 -29.31
CA GLN B 249 -1.36 13.97 -29.45
C GLN B 249 -1.22 13.16 -28.16
N CYS B 250 -1.14 13.85 -27.02
CA CYS B 250 -1.01 13.22 -25.70
C CYS B 250 -2.09 13.79 -24.79
N PRO B 251 -3.32 13.27 -24.90
CA PRO B 251 -4.46 13.92 -24.22
C PRO B 251 -4.43 13.86 -22.70
N LEU B 252 -3.57 13.06 -22.09
CA LEU B 252 -3.57 12.92 -20.64
C LEU B 252 -2.65 13.91 -19.92
N VAL B 253 -1.68 14.51 -20.62
CA VAL B 253 -0.70 15.35 -19.95
C VAL B 253 -1.33 16.71 -19.65
N GLU B 254 -1.40 17.07 -18.36
CA GLU B 254 -2.01 18.31 -17.92
C GLU B 254 -1.02 19.30 -17.30
N ASN B 255 0.18 18.85 -16.91
CA ASN B 255 1.18 19.73 -16.31
C ASN B 255 2.53 19.45 -16.95
N VAL B 256 3.23 20.50 -17.36
CA VAL B 256 4.59 20.40 -17.86
C VAL B 256 5.46 21.32 -17.02
N LEU B 257 6.53 20.78 -16.47
CA LEU B 257 7.51 21.54 -15.68
C LEU B 257 8.74 21.78 -16.55
N VAL B 258 9.09 23.04 -16.77
CA VAL B 258 10.06 23.41 -17.79
C VAL B 258 11.29 24.02 -17.13
N LEU B 259 12.43 23.33 -17.23
CA LEU B 259 13.69 23.82 -16.71
C LEU B 259 14.30 24.84 -17.68
N ARG B 260 14.74 25.97 -17.15
CA ARG B 260 15.26 27.07 -17.96
C ARG B 260 16.78 26.87 -18.16
N ARG B 261 17.10 25.91 -19.03
CA ARG B 261 18.49 25.54 -19.25
C ARG B 261 19.25 26.56 -20.09
N THR B 262 18.65 27.05 -21.18
CA THR B 262 19.34 28.00 -22.05
C THR B 262 18.83 29.43 -21.92
N GLY B 263 17.56 29.63 -21.60
CA GLY B 263 16.99 30.96 -21.53
C GLY B 263 16.53 31.54 -22.85
N ASN B 264 16.71 30.83 -23.96
CA ASN B 264 16.18 31.30 -25.24
C ASN B 264 14.65 31.26 -25.21
N LYS B 265 14.03 32.15 -25.99
CA LYS B 265 12.58 32.21 -26.02
C LYS B 265 12.01 30.90 -26.55
N VAL B 266 11.07 30.34 -25.79
CA VAL B 266 10.32 29.15 -26.20
C VAL B 266 8.85 29.35 -25.87
N PRO B 267 7.96 28.72 -26.63
CA PRO B 267 6.53 28.83 -26.31
C PRO B 267 6.21 28.19 -24.97
N MET B 268 5.26 28.79 -24.27
CA MET B 268 4.78 28.28 -22.99
C MET B 268 3.27 28.41 -23.00
N THR B 269 2.58 27.29 -22.82
CA THR B 269 1.12 27.26 -22.84
C THR B 269 0.58 27.64 -21.47
N GLU B 270 -0.27 28.67 -21.44
CA GLU B 270 -0.84 29.14 -20.19
C GLU B 270 -1.57 28.01 -19.47
N GLY B 271 -1.29 27.85 -18.18
CA GLY B 271 -1.92 26.83 -17.37
C GLY B 271 -1.18 25.52 -17.36
N ARG B 272 -0.97 24.95 -18.56
CA ARG B 272 -0.30 23.66 -18.65
C ARG B 272 1.17 23.76 -18.26
N ASP B 273 1.87 24.80 -18.73
CA ASP B 273 3.31 24.90 -18.64
C ASP B 273 3.73 25.89 -17.56
N LYS B 274 4.67 25.48 -16.71
CA LYS B 274 5.20 26.32 -15.65
C LYS B 274 6.72 26.19 -15.63
N TRP B 275 7.39 27.24 -15.15
CA TRP B 275 8.84 27.23 -15.09
C TRP B 275 9.34 26.55 -13.82
N TRP B 276 10.33 25.68 -14.00
CA TRP B 276 10.92 24.92 -12.89
C TRP B 276 11.37 25.84 -11.76
N ASP B 277 12.09 26.90 -12.09
CA ASP B 277 12.63 27.77 -11.05
C ASP B 277 11.52 28.50 -10.31
N GLU B 278 10.50 28.97 -11.04
CA GLU B 278 9.43 29.73 -10.39
C GLU B 278 8.59 28.83 -9.50
N GLU B 279 8.36 27.59 -9.94
CA GLU B 279 7.60 26.64 -9.14
C GLU B 279 8.38 26.20 -7.90
N CYS B 280 9.66 25.86 -8.09
CA CYS B 280 10.47 25.39 -6.96
C CYS B 280 10.69 26.48 -5.94
N ALA B 281 10.70 27.74 -6.37
CA ALA B 281 10.90 28.84 -5.44
C ALA B 281 9.77 28.92 -4.41
N LYS B 282 8.59 28.42 -4.75
CA LYS B 282 7.46 28.45 -3.83
C LYS B 282 7.51 27.36 -2.78
N MET B 283 8.35 26.35 -2.97
CA MET B 283 8.30 25.12 -2.18
C MET B 283 9.45 25.05 -1.18
N PRO B 284 9.26 24.34 -0.07
CA PRO B 284 10.34 24.15 0.88
C PRO B 284 11.42 23.22 0.34
N ALA B 285 12.61 23.32 0.91
CA ALA B 285 13.76 22.58 0.44
C ALA B 285 13.92 21.23 1.12
N TYR B 286 12.92 20.80 1.89
CA TYR B 286 12.84 19.42 2.36
C TYR B 286 11.43 18.90 2.14
N CYS B 287 11.34 17.60 1.93
CA CYS B 287 10.14 16.84 1.61
C CYS B 287 10.31 15.48 2.29
N PRO B 288 9.31 14.96 3.00
CA PRO B 288 9.44 13.60 3.52
C PRO B 288 9.55 12.61 2.37
N CYS B 289 10.09 11.43 2.67
CA CYS B 289 10.18 10.33 1.73
C CYS B 289 8.99 9.41 1.87
N GLU B 290 8.39 9.05 0.74
CA GLU B 290 7.33 8.05 0.73
C GLU B 290 7.93 6.68 1.02
N ARG B 291 7.33 5.95 1.95
CA ARG B 291 7.83 4.62 2.34
C ARG B 291 7.34 3.60 1.33
N MET B 292 8.27 3.09 0.52
CA MET B 292 7.93 2.24 -0.61
C MET B 292 8.16 0.78 -0.27
N ALA B 293 7.25 -0.08 -0.72
CA ALA B 293 7.50 -1.51 -0.64
C ALA B 293 8.63 -1.88 -1.61
N SER B 294 9.36 -2.93 -1.25
CA SER B 294 10.48 -3.37 -2.07
CA SER B 294 10.47 -3.39 -2.07
C SER B 294 10.06 -3.55 -3.53
N GLU B 295 8.84 -4.02 -3.76
CA GLU B 295 8.37 -4.34 -5.11
C GLU B 295 7.51 -3.24 -5.72
N ASP B 296 7.38 -2.09 -5.08
CA ASP B 296 6.74 -0.98 -5.77
C ASP B 296 7.59 -0.59 -6.99
N PRO B 297 6.96 -0.26 -8.12
CA PRO B 297 7.76 0.12 -9.29
C PRO B 297 8.55 1.39 -9.01
N LEU B 298 9.80 1.39 -9.45
CA LEU B 298 10.67 2.56 -9.38
C LEU B 298 10.64 3.36 -10.68
N PHE B 299 10.77 2.69 -11.83
CA PHE B 299 10.69 3.42 -13.08
C PHE B 299 10.27 2.51 -14.22
N ILE B 300 9.84 3.16 -15.29
CA ILE B 300 9.64 2.58 -16.60
C ILE B 300 10.73 3.15 -17.50
N LEU B 301 11.37 2.29 -18.29
CA LEU B 301 12.37 2.76 -19.25
C LEU B 301 12.06 2.12 -20.60
N TYR B 302 11.66 2.94 -21.56
CA TYR B 302 11.35 2.44 -22.89
C TYR B 302 12.62 2.18 -23.67
N THR B 303 12.68 1.03 -24.30
CA THR B 303 13.69 0.69 -25.29
C THR B 303 13.02 0.64 -26.65
N SER B 304 13.84 0.73 -27.70
CA SER B 304 13.37 0.58 -29.06
C SER B 304 13.16 -0.89 -29.41
N LYS B 309 6.17 -1.96 -31.06
CA LYS B 309 5.85 -0.81 -30.22
C LYS B 309 6.91 -0.62 -29.14
N PRO B 310 7.01 0.60 -28.60
CA PRO B 310 8.00 0.84 -27.55
C PRO B 310 7.72 -0.03 -26.34
N LYS B 311 8.79 -0.61 -25.79
CA LYS B 311 8.71 -1.57 -24.70
C LYS B 311 9.10 -0.89 -23.39
N GLY B 312 8.12 -0.68 -22.53
CA GLY B 312 8.39 -0.03 -21.24
C GLY B 312 8.87 -1.01 -20.19
N VAL B 313 10.18 -1.14 -20.05
CA VAL B 313 10.74 -2.07 -19.07
C VAL B 313 10.57 -1.50 -17.67
N VAL B 314 9.99 -2.29 -16.78
CA VAL B 314 9.66 -1.84 -15.42
C VAL B 314 10.63 -2.48 -14.43
N HIS B 315 11.25 -1.65 -13.60
CA HIS B 315 12.06 -2.10 -12.49
C HIS B 315 11.39 -1.72 -11.18
N SER B 316 11.49 -2.59 -10.19
CA SER B 316 10.98 -2.29 -8.87
C SER B 316 12.10 -1.59 -8.09
N THR B 317 12.00 -1.52 -6.77
CA THR B 317 12.82 -0.58 -6.01
C THR B 317 14.02 -1.25 -5.34
N ALA B 318 13.78 -2.18 -4.41
CA ALA B 318 14.88 -2.66 -3.57
C ALA B 318 15.86 -3.50 -4.35
N GLY B 319 15.35 -4.47 -5.12
CA GLY B 319 16.23 -5.35 -5.86
C GLY B 319 17.06 -4.61 -6.88
N TYR B 320 16.43 -3.68 -7.61
CA TYR B 320 17.16 -2.87 -8.58
C TYR B 320 18.21 -2.00 -7.90
N LEU B 321 17.83 -1.30 -6.84
CA LEU B 321 18.78 -0.42 -6.16
C LEU B 321 19.96 -1.21 -5.61
N LEU B 322 19.67 -2.38 -5.01
CA LEU B 322 20.74 -3.22 -4.49
C LEU B 322 21.66 -3.69 -5.60
N GLY B 323 21.11 -4.07 -6.75
CA GLY B 323 21.93 -4.54 -7.85
C GLY B 323 22.84 -3.46 -8.39
N THR B 324 22.32 -2.24 -8.58
CA THR B 324 23.18 -1.17 -9.06
C THR B 324 24.25 -0.82 -8.05
N ALA B 325 23.90 -0.85 -6.76
CA ALA B 325 24.89 -0.50 -5.73
C ALA B 325 25.99 -1.55 -5.63
N LEU B 326 25.62 -2.84 -5.66
CA LEU B 326 26.62 -3.88 -5.51
C LEU B 326 27.51 -3.96 -6.75
N THR B 327 26.92 -3.88 -7.95
CA THR B 327 27.75 -3.96 -9.15
C THR B 327 28.69 -2.77 -9.26
N LEU B 328 28.20 -1.56 -8.96
CA LEU B 328 29.06 -0.38 -8.95
C LEU B 328 30.23 -0.59 -8.01
N LYS B 329 29.95 -1.08 -6.80
CA LYS B 329 30.98 -1.30 -5.80
C LYS B 329 32.00 -2.34 -6.27
N TYR B 330 31.53 -3.46 -6.81
CA TYR B 330 32.42 -4.58 -7.07
C TYR B 330 33.00 -4.58 -8.48
N VAL B 331 32.22 -4.25 -9.51
CA VAL B 331 32.75 -4.28 -10.87
C VAL B 331 33.72 -3.12 -11.10
N PHE B 332 33.43 -1.96 -10.52
CA PHE B 332 34.30 -0.80 -10.67
C PHE B 332 35.16 -0.55 -9.44
N ASP B 333 35.11 -1.44 -8.46
CA ASP B 333 35.85 -1.31 -7.21
C ASP B 333 35.75 0.12 -6.67
N ALA B 334 34.51 0.54 -6.44
CA ALA B 334 34.24 1.90 -6.00
C ALA B 334 34.50 2.03 -4.51
N HIS B 335 35.23 3.07 -4.14
CA HIS B 335 35.55 3.39 -2.75
C HIS B 335 35.05 4.78 -2.41
N PRO B 336 34.97 5.10 -1.10
CA PRO B 336 34.22 6.30 -0.68
C PRO B 336 34.63 7.61 -1.34
N ASP B 337 35.90 7.81 -1.68
CA ASP B 337 36.32 9.08 -2.26
C ASP B 337 36.44 9.03 -3.78
N ASP B 338 35.95 7.97 -4.42
CA ASP B 338 36.09 7.85 -5.85
C ASP B 338 35.24 8.87 -6.58
N ARG B 339 35.70 9.27 -7.76
N ARG B 339 35.68 9.24 -7.77
CA ARG B 339 34.96 10.15 -8.66
CA ARG B 339 34.97 10.16 -8.67
C ARG B 339 34.68 9.35 -9.92
C ARG B 339 34.68 9.38 -9.94
N PHE B 340 33.44 8.92 -10.07
CA PHE B 340 33.04 7.97 -11.10
C PHE B 340 32.47 8.68 -12.31
N ALA B 341 33.05 8.42 -13.48
CA ALA B 341 32.72 9.15 -14.71
C ALA B 341 32.09 8.20 -15.72
N CYS B 342 30.78 8.02 -15.62
CA CYS B 342 30.01 7.35 -16.65
C CYS B 342 29.55 8.42 -17.64
N MET B 343 29.99 8.30 -18.88
CA MET B 343 29.80 9.33 -19.89
C MET B 343 28.56 9.10 -20.73
N ALA B 344 27.66 8.22 -20.30
CA ALA B 344 26.46 7.88 -21.05
C ALA B 344 25.38 8.92 -20.77
N ASP B 345 24.17 8.66 -21.28
CA ASP B 345 23.03 9.55 -21.15
C ASP B 345 21.99 8.91 -20.24
N ILE B 346 21.32 9.73 -19.42
CA ILE B 346 20.33 9.19 -18.50
C ILE B 346 19.09 8.66 -19.21
N GLY B 347 18.96 8.91 -20.51
CA GLY B 347 17.91 8.25 -21.27
C GLY B 347 18.14 6.77 -21.49
N TRP B 348 19.34 6.29 -21.19
CA TRP B 348 19.76 4.91 -21.35
C TRP B 348 19.83 4.27 -19.97
N ILE B 349 19.60 2.95 -19.93
CA ILE B 349 19.68 2.25 -18.65
C ILE B 349 21.05 2.45 -18.04
N THR B 350 22.09 2.55 -18.85
CA THR B 350 23.43 2.80 -18.32
C THR B 350 23.43 4.06 -17.46
N GLY B 351 22.72 5.10 -17.89
CA GLY B 351 22.64 6.31 -17.10
C GLY B 351 21.79 6.15 -15.86
N HIS B 352 20.70 5.39 -15.96
CA HIS B 352 19.90 5.10 -14.78
C HIS B 352 20.74 4.45 -13.68
N SER B 353 21.45 3.38 -14.04
CA SER B 353 22.11 2.52 -13.07
C SER B 353 23.49 3.01 -12.67
N TYR B 354 24.26 3.58 -13.59
CA TYR B 354 25.65 3.90 -13.31
C TYR B 354 25.99 5.37 -13.45
N ILE B 355 24.99 6.24 -13.60
CA ILE B 355 25.16 7.67 -13.31
C ILE B 355 24.42 8.05 -12.04
N ILE B 356 23.14 7.71 -11.95
CA ILE B 356 22.31 8.16 -10.84
C ILE B 356 22.28 7.13 -9.71
N TYR B 357 21.62 5.99 -9.93
CA TYR B 357 21.22 5.17 -8.79
C TYR B 357 22.42 4.49 -8.13
N GLY B 358 23.27 3.83 -8.91
CA GLY B 358 24.41 3.14 -8.36
C GLY B 358 25.39 4.03 -7.61
N PRO B 359 25.93 5.04 -8.30
CA PRO B 359 26.92 5.90 -7.64
C PRO B 359 26.37 6.67 -6.45
N LEU B 360 25.15 7.21 -6.55
CA LEU B 360 24.60 7.97 -5.45
C LEU B 360 24.18 7.08 -4.29
N ALA B 361 23.69 5.87 -4.59
CA ALA B 361 23.40 4.93 -3.50
C ALA B 361 24.66 4.61 -2.71
N ASN B 362 25.80 4.50 -3.39
CA ASN B 362 27.07 4.27 -2.71
C ASN B 362 27.62 5.52 -2.04
N GLY B 363 27.03 6.69 -2.28
CA GLY B 363 27.48 7.91 -1.61
C GLY B 363 28.75 8.51 -2.17
N ILE B 364 29.11 8.21 -3.42
CA ILE B 364 30.33 8.73 -4.00
C ILE B 364 30.01 9.89 -4.93
N THR B 365 30.99 10.32 -5.72
CA THR B 365 30.80 11.38 -6.69
C THR B 365 30.61 10.76 -8.07
N THR B 366 29.63 11.28 -8.82
CA THR B 366 29.28 10.77 -10.14
C THR B 366 29.24 11.92 -11.14
N ALA B 367 29.62 11.63 -12.38
CA ALA B 367 29.67 12.66 -13.41
C ALA B 367 28.38 12.69 -14.24
N VAL B 368 27.91 13.90 -14.50
CA VAL B 368 26.87 14.16 -15.48
C VAL B 368 27.54 14.94 -16.62
N PHE B 369 27.74 14.26 -17.74
CA PHE B 369 28.50 14.80 -18.87
C PHE B 369 27.50 15.25 -19.94
N GLU B 370 27.46 16.55 -20.19
CA GLU B 370 26.47 17.16 -21.07
C GLU B 370 26.92 17.22 -22.54
N SER B 371 28.18 16.92 -22.83
CA SER B 371 28.74 17.16 -24.16
C SER B 371 28.85 15.85 -24.94
N THR B 372 29.64 15.86 -26.00
CA THR B 372 30.01 14.69 -26.79
C THR B 372 31.49 14.39 -26.60
N PRO B 373 31.94 13.22 -27.05
CA PRO B 373 33.37 12.89 -26.91
C PRO B 373 34.28 13.77 -27.76
N VAL B 374 33.75 14.56 -28.68
CA VAL B 374 34.60 15.30 -29.62
C VAL B 374 34.30 16.79 -29.65
N TYR B 375 33.61 17.30 -28.62
CA TYR B 375 33.31 18.72 -28.51
C TYR B 375 33.96 19.28 -27.25
N PRO B 376 34.75 20.38 -27.34
CA PRO B 376 35.12 21.10 -28.56
C PRO B 376 36.07 20.29 -29.44
N THR B 377 36.87 19.40 -28.85
CA THR B 377 37.79 18.56 -29.62
C THR B 377 37.77 17.14 -29.07
N PRO B 378 38.36 16.19 -29.79
CA PRO B 378 38.42 14.81 -29.29
C PRO B 378 39.25 14.67 -28.03
N SER B 379 39.85 15.75 -27.52
CA SER B 379 40.53 15.68 -26.23
C SER B 379 39.55 15.76 -25.05
N ARG B 380 38.25 15.88 -25.30
CA ARG B 380 37.32 16.28 -24.26
C ARG B 380 37.33 15.28 -23.08
N TYR B 381 37.12 14.00 -23.37
CA TYR B 381 37.11 13.01 -22.30
C TYR B 381 38.33 13.18 -21.40
N TRP B 382 39.49 13.37 -22.00
CA TRP B 382 40.75 13.32 -21.26
C TRP B 382 41.03 14.64 -20.55
N ASP B 383 40.65 15.76 -21.17
CA ASP B 383 40.62 17.03 -20.43
C ASP B 383 39.74 16.91 -19.22
N PHE B 384 38.57 16.29 -19.38
CA PHE B 384 37.65 16.11 -18.27
C PHE B 384 38.30 15.26 -17.18
N VAL B 385 38.95 14.16 -17.56
CA VAL B 385 39.52 13.24 -16.59
C VAL B 385 40.60 13.92 -15.76
N ASP B 386 41.49 14.67 -16.42
CA ASP B 386 42.58 15.33 -15.71
C ASP B 386 42.10 16.51 -14.89
N LYS B 387 41.04 17.19 -15.35
CA LYS B 387 40.50 18.32 -14.60
C LYS B 387 39.92 17.87 -13.26
N TRP B 388 39.12 16.79 -13.27
CA TRP B 388 38.43 16.35 -12.07
C TRP B 388 39.11 15.16 -11.39
N LYS B 389 40.20 14.64 -11.96
CA LYS B 389 40.86 13.46 -11.41
C LYS B 389 39.87 12.29 -11.27
N ALA B 390 39.16 12.01 -12.35
CA ALA B 390 38.23 10.88 -12.34
C ALA B 390 39.00 9.59 -12.05
N THR B 391 38.40 8.72 -11.24
CA THR B 391 39.03 7.48 -10.84
C THR B 391 38.52 6.27 -11.61
N GLN B 392 37.37 6.39 -12.27
CA GLN B 392 36.86 5.35 -13.16
C GLN B 392 36.17 6.03 -14.34
N LEU B 393 36.29 5.41 -15.51
CA LEU B 393 35.62 5.90 -16.71
C LEU B 393 34.81 4.78 -17.33
N TYR B 394 33.60 5.11 -17.77
CA TYR B 394 32.65 4.11 -18.28
C TYR B 394 31.99 4.68 -19.52
N THR B 395 32.22 4.04 -20.66
CA THR B 395 31.62 4.51 -21.91
C THR B 395 31.34 3.31 -22.81
N ALA B 396 31.06 3.56 -24.08
CA ALA B 396 30.60 2.54 -25.00
C ALA B 396 31.61 2.28 -26.10
N PRO B 397 31.60 1.08 -26.70
CA PRO B 397 32.51 0.82 -27.82
C PRO B 397 32.40 1.84 -28.94
N THR B 398 31.20 2.39 -29.21
CA THR B 398 31.10 3.37 -30.28
CA THR B 398 31.08 3.37 -30.27
C THR B 398 31.93 4.61 -29.98
N ALA B 399 31.97 5.04 -28.72
CA ALA B 399 32.77 6.21 -28.38
C ALA B 399 34.25 5.88 -28.44
N ILE B 400 34.62 4.67 -28.02
CA ILE B 400 36.03 4.28 -28.04
C ILE B 400 36.53 4.21 -29.48
N ARG B 401 35.73 3.64 -30.39
CA ARG B 401 36.13 3.58 -31.78
C ARG B 401 36.13 4.97 -32.41
N LEU B 402 35.23 5.85 -32.00
CA LEU B 402 35.23 7.22 -32.51
C LEU B 402 36.52 7.95 -32.15
N LEU B 403 36.93 7.87 -30.89
CA LEU B 403 38.16 8.54 -30.48
C LEU B 403 39.38 7.87 -31.11
N ARG B 404 39.37 6.54 -31.21
CA ARG B 404 40.46 5.85 -31.90
C ARG B 404 40.59 6.36 -33.33
N ARG B 405 39.46 6.60 -33.99
CA ARG B 405 39.45 7.06 -35.36
C ARG B 405 40.08 8.45 -35.53
N MET B 406 40.06 9.27 -34.48
CA MET B 406 40.49 10.67 -34.58
C MET B 406 41.98 10.87 -34.32
N GLY B 407 42.70 9.85 -33.91
CA GLY B 407 44.14 9.98 -33.75
C GLY B 407 44.55 10.14 -32.30
N GLU B 408 45.82 9.84 -32.05
CA GLU B 408 46.35 9.73 -30.70
C GLU B 408 46.81 11.07 -30.11
N ASP B 409 46.92 12.11 -30.93
CA ASP B 409 47.39 13.40 -30.43
C ASP B 409 46.46 13.99 -29.38
N HIS B 410 45.21 13.55 -29.32
CA HIS B 410 44.23 14.12 -28.40
C HIS B 410 44.28 13.47 -27.02
N VAL B 411 44.96 12.33 -26.88
CA VAL B 411 44.94 11.58 -25.63
C VAL B 411 46.36 11.33 -25.13
N LYS B 412 47.33 11.29 -26.04
CA LYS B 412 48.68 10.85 -25.69
C LYS B 412 49.34 11.78 -24.69
N ASN B 413 49.10 13.09 -24.81
CA ASN B 413 49.76 14.08 -23.97
C ASN B 413 48.90 14.49 -22.78
N HIS B 414 48.25 13.53 -22.14
CA HIS B 414 47.49 13.74 -20.92
C HIS B 414 48.12 12.90 -19.81
N ASP B 415 47.70 13.20 -18.59
CA ASP B 415 48.14 12.42 -17.43
C ASP B 415 47.31 11.15 -17.28
N LEU B 416 46.03 11.31 -16.93
CA LEU B 416 45.06 10.23 -16.83
C LEU B 416 45.39 9.24 -15.72
N SER B 417 46.38 9.52 -14.88
CA SER B 417 46.79 8.55 -13.86
C SER B 417 45.81 8.48 -12.69
N SER B 418 44.87 9.41 -12.58
CA SER B 418 43.83 9.28 -11.56
C SER B 418 42.92 8.07 -11.84
N LEU B 419 42.84 7.64 -13.10
CA LEU B 419 42.01 6.49 -13.46
C LEU B 419 42.63 5.18 -12.99
N ARG B 420 41.80 4.23 -12.58
CA ARG B 420 42.29 2.88 -12.38
C ARG B 420 41.38 1.79 -12.96
N VAL B 421 40.15 2.12 -13.35
CA VAL B 421 39.26 1.19 -14.01
C VAL B 421 38.62 1.88 -15.21
N LEU B 422 38.69 1.21 -16.37
CA LEU B 422 38.01 1.67 -17.58
C LEU B 422 36.95 0.64 -17.97
N GLY B 423 35.72 1.09 -18.15
CA GLY B 423 34.60 0.22 -18.49
C GLY B 423 34.10 0.45 -19.90
N SER B 424 33.54 -0.60 -20.48
CA SER B 424 32.95 -0.58 -21.80
C SER B 424 31.60 -1.30 -21.73
N VAL B 425 30.57 -0.68 -22.31
CA VAL B 425 29.22 -1.23 -22.28
C VAL B 425 28.50 -0.89 -23.59
N GLY B 426 27.68 -1.82 -24.08
CA GLY B 426 26.74 -1.51 -25.12
C GLY B 426 26.73 -2.50 -26.26
N GLU B 427 27.89 -3.06 -26.53
CA GLU B 427 28.09 -4.01 -27.62
C GLU B 427 29.40 -4.72 -27.38
N PRO B 428 29.68 -5.79 -28.12
CA PRO B 428 31.01 -6.38 -28.06
C PRO B 428 32.05 -5.31 -28.38
N ILE B 429 33.14 -5.31 -27.65
CA ILE B 429 34.27 -4.42 -27.94
C ILE B 429 35.29 -5.21 -28.73
N ASN B 430 35.57 -4.75 -29.95
CA ASN B 430 36.56 -5.42 -30.77
C ASN B 430 37.90 -5.38 -30.05
N PRO B 431 38.66 -6.48 -30.05
CA PRO B 431 39.99 -6.44 -29.41
C PRO B 431 40.86 -5.28 -29.87
N GLU B 432 40.76 -4.88 -31.14
CA GLU B 432 41.52 -3.72 -31.61
C GLU B 432 41.16 -2.46 -30.82
N ALA B 433 39.86 -2.23 -30.58
CA ALA B 433 39.46 -1.06 -29.80
C ALA B 433 39.78 -1.25 -28.32
N TRP B 434 39.64 -2.48 -27.83
CA TRP B 434 40.04 -2.80 -26.45
C TRP B 434 41.49 -2.40 -26.20
N HIS B 435 42.38 -2.70 -27.15
CA HIS B 435 43.79 -2.37 -26.95
C HIS B 435 44.02 -0.86 -26.99
N TRP B 436 43.33 -0.16 -27.89
CA TRP B 436 43.44 1.30 -27.90
C TRP B 436 43.00 1.87 -26.57
N TYR B 437 41.87 1.40 -26.05
CA TYR B 437 41.40 1.78 -24.73
C TYR B 437 42.45 1.47 -23.67
N ASN B 438 43.00 0.26 -23.72
CA ASN B 438 43.99 -0.17 -22.73
C ASN B 438 45.26 0.65 -22.84
N ASP B 439 45.69 0.95 -24.08
CA ASP B 439 46.99 1.57 -24.31
C ASP B 439 46.97 3.07 -24.05
N PHE B 440 45.94 3.78 -24.53
CA PHE B 440 45.96 5.24 -24.52
C PHE B 440 45.15 5.84 -23.38
N ALA B 441 43.93 5.36 -23.14
CA ALA B 441 43.17 5.87 -22.00
C ALA B 441 43.75 5.39 -20.69
N GLY B 442 44.19 4.13 -20.64
CA GLY B 442 44.67 3.55 -19.40
C GLY B 442 46.19 3.52 -19.27
N LYS B 443 46.90 3.78 -20.36
CA LYS B 443 48.36 3.70 -20.39
C LYS B 443 48.86 2.37 -19.83
N ASN B 444 48.11 1.31 -20.13
CA ASN B 444 48.44 -0.05 -19.73
C ASN B 444 48.54 -0.20 -18.20
N GLN B 445 47.85 0.66 -17.46
CA GLN B 445 47.85 0.59 -16.01
C GLN B 445 46.45 0.57 -15.41
N CYS B 446 45.41 0.48 -16.23
CA CYS B 446 44.05 0.35 -15.76
C CYS B 446 43.52 -1.04 -16.09
N ALA B 447 42.69 -1.57 -15.19
CA ALA B 447 41.88 -2.73 -15.54
C ALA B 447 40.77 -2.31 -16.47
N ILE B 448 40.48 -3.15 -17.48
CA ILE B 448 39.39 -2.94 -18.40
C ILE B 448 38.25 -3.86 -17.99
N VAL B 449 37.08 -3.30 -17.72
CA VAL B 449 35.91 -4.09 -17.39
C VAL B 449 34.93 -3.99 -18.55
N ASP B 450 34.85 -5.05 -19.34
CA ASP B 450 33.85 -5.21 -20.38
C ASP B 450 32.58 -5.75 -19.72
N THR B 451 31.57 -4.89 -19.58
CA THR B 451 30.37 -5.19 -18.79
C THR B 451 29.21 -5.53 -19.70
N TYR B 452 28.75 -6.77 -19.63
CA TYR B 452 27.61 -7.22 -20.39
C TYR B 452 26.37 -7.20 -19.51
N TRP B 453 25.29 -6.59 -20.03
CA TRP B 453 23.99 -6.61 -19.37
C TRP B 453 22.97 -6.00 -20.34
N MET B 454 21.74 -5.85 -19.86
CA MET B 454 20.67 -5.27 -20.67
CA MET B 454 20.65 -5.29 -20.66
C MET B 454 19.78 -4.41 -19.79
N THR B 455 18.99 -3.55 -20.44
CA THR B 455 17.96 -2.80 -19.73
C THR B 455 17.16 -3.73 -18.84
N GLU B 456 16.83 -4.92 -19.35
CA GLU B 456 15.99 -5.86 -18.63
C GLU B 456 16.68 -6.54 -17.46
N THR B 457 18.02 -6.48 -17.38
CA THR B 457 18.71 -7.08 -16.25
C THR B 457 18.94 -6.10 -15.11
N GLY B 458 18.74 -4.80 -15.35
CA GLY B 458 18.86 -3.80 -14.30
C GLY B 458 20.28 -3.40 -13.95
N SER B 459 21.18 -4.38 -13.88
CA SER B 459 22.57 -4.12 -13.49
C SER B 459 23.49 -5.12 -14.19
N ILE B 460 24.79 -4.88 -14.06
CA ILE B 460 25.79 -5.63 -14.80
C ILE B 460 25.66 -7.12 -14.50
N SER B 461 25.65 -7.92 -15.58
CA SER B 461 25.40 -9.36 -15.52
C SER B 461 26.67 -10.19 -15.61
N ILE B 462 27.57 -9.83 -16.51
CA ILE B 462 28.83 -10.54 -16.69
C ILE B 462 29.91 -9.49 -16.89
N ALA B 463 30.97 -9.56 -16.09
CA ALA B 463 32.02 -8.56 -16.12
C ALA B 463 33.20 -9.03 -15.29
N PRO B 464 34.42 -8.59 -15.60
CA PRO B 464 35.54 -8.89 -14.71
C PRO B 464 35.42 -8.11 -13.41
N LEU B 465 35.80 -8.73 -12.32
CA LEU B 465 36.08 -7.98 -11.10
C LEU B 465 37.52 -7.48 -11.20
N PRO B 466 37.75 -6.17 -11.27
CA PRO B 466 39.04 -5.67 -11.78
C PRO B 466 40.24 -6.02 -10.89
N GLY B 467 40.03 -6.26 -9.61
CA GLY B 467 41.12 -6.65 -8.74
C GLY B 467 41.37 -8.13 -8.65
N ALA B 468 40.64 -8.93 -9.43
CA ALA B 468 40.70 -10.38 -9.33
C ALA B 468 40.91 -11.07 -10.66
N ILE B 469 40.32 -10.57 -11.74
CA ILE B 469 40.22 -11.32 -12.99
C ILE B 469 41.28 -10.82 -13.97
N SER B 470 42.02 -11.76 -14.56
CA SER B 470 42.86 -11.45 -15.70
C SER B 470 42.00 -11.42 -16.96
N THR B 471 42.09 -10.32 -17.70
CA THR B 471 41.14 -10.05 -18.78
C THR B 471 41.63 -10.59 -20.11
N LYS B 472 40.69 -10.91 -20.98
CA LYS B 472 40.95 -11.21 -22.37
C LYS B 472 40.26 -10.14 -23.23
N PRO B 473 40.93 -9.58 -24.23
CA PRO B 473 40.28 -8.55 -25.04
C PRO B 473 39.05 -9.08 -25.75
N GLY B 474 37.89 -8.50 -25.41
CA GLY B 474 36.62 -8.87 -26.01
C GLY B 474 35.76 -9.80 -25.18
N SER B 475 36.23 -10.21 -24.01
CA SER B 475 35.50 -11.14 -23.15
C SER B 475 34.93 -10.43 -21.93
N ALA B 476 33.64 -10.63 -21.68
CA ALA B 476 33.05 -10.17 -20.43
C ALA B 476 33.57 -10.97 -19.24
N THR B 477 34.13 -12.16 -19.48
CA THR B 477 34.73 -13.04 -18.48
C THR B 477 33.64 -13.76 -17.69
N PHE B 478 33.38 -13.36 -16.43
CA PHE B 478 32.62 -14.24 -15.54
C PHE B 478 31.38 -13.57 -14.97
N PRO B 479 30.35 -14.34 -14.64
CA PRO B 479 29.09 -13.75 -14.20
C PRO B 479 29.17 -13.09 -12.83
N PHE B 480 28.39 -12.04 -12.68
CA PHE B 480 28.36 -11.30 -11.43
C PHE B 480 27.63 -12.09 -10.33
N PHE B 481 27.82 -11.64 -9.10
CA PHE B 481 27.12 -12.21 -7.96
C PHE B 481 25.63 -12.36 -8.25
N GLY B 482 25.09 -13.54 -7.97
CA GLY B 482 23.69 -13.83 -8.19
C GLY B 482 23.34 -14.22 -9.61
N MET B 483 24.26 -14.14 -10.55
CA MET B 483 24.01 -14.49 -11.94
C MET B 483 24.56 -15.88 -12.19
N ASP B 484 23.67 -16.79 -12.56
CA ASP B 484 24.00 -18.17 -12.89
C ASP B 484 23.59 -18.35 -14.35
N VAL B 485 24.56 -18.29 -15.26
CA VAL B 485 24.27 -18.26 -16.68
C VAL B 485 24.74 -19.57 -17.31
N ASP B 486 24.07 -19.95 -18.39
CA ASP B 486 24.44 -21.15 -19.14
C ASP B 486 24.31 -20.86 -20.62
N ILE B 487 24.78 -21.82 -21.41
CA ILE B 487 24.71 -21.79 -22.86
C ILE B 487 23.77 -22.90 -23.27
N ILE B 488 22.78 -22.56 -24.10
CA ILE B 488 21.84 -23.53 -24.64
C ILE B 488 22.12 -23.72 -26.13
N ASP B 489 22.08 -24.97 -26.57
CA ASP B 489 22.11 -25.31 -27.99
C ASP B 489 20.76 -24.97 -28.59
N PRO B 490 20.66 -23.94 -29.45
CA PRO B 490 19.34 -23.55 -29.96
C PRO B 490 18.68 -24.61 -30.83
N GLN B 491 19.45 -25.57 -31.35
CA GLN B 491 18.86 -26.64 -32.16
C GLN B 491 18.22 -27.72 -31.32
N THR B 492 18.54 -27.80 -30.02
CA THR B 492 18.00 -28.83 -29.16
C THR B 492 17.27 -28.29 -27.94
N GLY B 493 17.47 -27.03 -27.58
CA GLY B 493 16.87 -26.50 -26.37
C GLY B 493 17.57 -26.92 -25.11
N GLN B 494 18.71 -27.59 -25.21
CA GLN B 494 19.37 -28.18 -24.05
C GLN B 494 20.58 -27.36 -23.64
N VAL B 495 20.87 -27.39 -22.34
CA VAL B 495 22.07 -26.74 -21.82
C VAL B 495 23.29 -27.52 -22.27
N LEU B 496 24.30 -26.80 -22.75
CA LEU B 496 25.59 -27.42 -23.06
C LEU B 496 26.45 -27.30 -21.82
N GLU B 497 26.72 -28.43 -21.17
CA GLU B 497 27.52 -28.41 -19.95
C GLU B 497 29.00 -28.34 -20.30
N GLY B 498 29.76 -27.74 -19.40
CA GLY B 498 31.19 -27.72 -19.56
C GLY B 498 31.68 -26.50 -20.33
N ASN B 499 32.95 -26.57 -20.70
CA ASN B 499 33.62 -25.46 -21.37
C ASN B 499 33.79 -25.78 -22.85
N ASP B 500 34.21 -24.75 -23.58
CA ASP B 500 34.38 -24.84 -25.04
C ASP B 500 33.04 -25.14 -25.72
N VAL B 501 32.01 -24.41 -25.30
CA VAL B 501 30.67 -24.57 -25.85
C VAL B 501 30.18 -23.23 -26.35
N GLU B 502 29.29 -23.27 -27.35
CA GLU B 502 28.75 -22.07 -27.98
C GLU B 502 27.28 -22.26 -28.26
N GLY B 503 26.54 -21.16 -28.19
CA GLY B 503 25.10 -21.20 -28.37
C GLY B 503 24.43 -19.88 -28.02
N VAL B 504 23.35 -19.93 -27.23
CA VAL B 504 22.64 -18.73 -26.82
C VAL B 504 22.70 -18.65 -25.30
N LEU B 505 22.84 -17.42 -24.79
CA LEU B 505 22.99 -17.20 -23.36
C LEU B 505 21.64 -17.24 -22.68
N VAL B 506 21.58 -17.93 -21.54
CA VAL B 506 20.39 -17.96 -20.68
C VAL B 506 20.82 -17.85 -19.23
N ALA B 507 19.87 -17.45 -18.37
CA ALA B 507 20.07 -17.40 -16.93
C ALA B 507 19.16 -18.40 -16.24
N ARG B 508 19.70 -19.09 -15.24
CA ARG B 508 19.00 -20.21 -14.61
C ARG B 508 18.00 -19.76 -13.54
N ARG B 509 18.32 -18.69 -12.80
CA ARG B 509 17.52 -18.24 -11.68
C ARG B 509 17.33 -16.73 -11.73
N PRO B 510 16.23 -16.23 -11.15
CA PRO B 510 16.08 -14.78 -11.03
C PRO B 510 17.20 -14.18 -10.20
N TRP B 511 17.43 -12.90 -10.41
CA TRP B 511 18.38 -12.11 -9.65
C TRP B 511 17.68 -10.84 -9.20
N PRO B 512 18.22 -10.15 -8.18
CA PRO B 512 17.43 -9.08 -7.55
C PRO B 512 17.03 -7.94 -8.48
N SER B 513 17.85 -7.55 -9.45
CA SER B 513 17.54 -6.38 -10.27
C SER B 513 16.85 -6.74 -11.58
N ILE B 514 16.32 -7.95 -11.73
CA ILE B 514 15.68 -8.30 -13.00
C ILE B 514 14.44 -7.44 -13.19
N ALA B 515 14.20 -7.00 -14.43
CA ALA B 515 12.97 -6.29 -14.72
C ALA B 515 11.78 -7.15 -14.30
N ARG B 516 10.75 -6.52 -13.75
CA ARG B 516 9.62 -7.26 -13.22
C ARG B 516 8.48 -7.44 -14.23
N THR B 517 8.40 -6.58 -15.23
CA THR B 517 7.35 -6.68 -16.24
C THR B 517 7.70 -5.72 -17.38
N VAL B 518 6.83 -5.71 -18.39
CA VAL B 518 6.77 -4.67 -19.40
C VAL B 518 5.46 -3.92 -19.15
N TYR B 519 5.55 -2.60 -19.09
CA TYR B 519 4.46 -1.80 -18.55
C TYR B 519 3.16 -2.10 -19.28
N ARG B 520 2.17 -2.56 -18.51
CA ARG B 520 0.84 -2.93 -19.03
C ARG B 520 0.92 -3.91 -20.20
N ASP B 521 1.99 -4.70 -20.27
CA ASP B 521 2.09 -5.70 -21.33
C ASP B 521 2.89 -6.90 -20.81
N HIS B 522 2.41 -7.48 -19.71
CA HIS B 522 3.11 -8.60 -19.09
C HIS B 522 3.22 -9.77 -20.06
N LYS B 523 2.25 -9.94 -20.94
CA LYS B 523 2.32 -11.02 -21.93
C LYS B 523 3.54 -10.86 -22.81
N ARG B 524 3.85 -9.63 -23.24
CA ARG B 524 5.04 -9.42 -24.05
C ARG B 524 6.30 -9.75 -23.27
N TYR B 525 6.32 -9.41 -21.97
CA TYR B 525 7.44 -9.77 -21.11
C TYR B 525 7.65 -11.27 -21.03
N LEU B 526 6.57 -12.02 -20.81
CA LEU B 526 6.71 -13.47 -20.72
C LEU B 526 7.12 -14.07 -22.06
N GLU B 527 6.52 -13.60 -23.16
CA GLU B 527 6.80 -14.20 -24.46
C GLU B 527 8.21 -13.88 -24.94
N THR B 528 8.76 -12.73 -24.54
CA THR B 528 10.07 -12.33 -25.03
C THR B 528 11.20 -12.99 -24.26
N TYR B 529 11.08 -13.06 -22.93
CA TYR B 529 12.18 -13.48 -22.08
C TYR B 529 12.01 -14.86 -21.48
N MET B 530 10.77 -15.29 -21.21
CA MET B 530 10.54 -16.49 -20.40
C MET B 530 10.03 -17.70 -21.17
N LYS B 531 9.46 -17.50 -22.36
CA LYS B 531 8.88 -18.60 -23.11
C LYS B 531 9.85 -19.25 -24.09
N PRO B 532 10.78 -18.52 -24.70
CA PRO B 532 11.66 -19.17 -25.69
C PRO B 532 12.37 -20.40 -25.13
N TYR B 533 12.86 -20.33 -23.91
CA TYR B 533 13.49 -21.46 -23.25
C TYR B 533 12.87 -21.59 -21.87
N PRO B 534 11.78 -22.33 -21.74
CA PRO B 534 11.09 -22.43 -20.45
C PRO B 534 12.01 -22.91 -19.35
N GLY B 535 11.90 -22.26 -18.20
CA GLY B 535 12.78 -22.51 -17.08
C GLY B 535 13.94 -21.53 -16.98
N TYR B 536 14.19 -20.73 -18.02
CA TYR B 536 15.32 -19.84 -18.08
C TYR B 536 14.86 -18.44 -18.49
N PHE B 537 15.75 -17.47 -18.28
CA PHE B 537 15.64 -16.14 -18.85
C PHE B 537 16.50 -16.09 -20.12
N PHE B 538 15.90 -15.65 -21.23
CA PHE B 538 16.55 -15.59 -22.54
C PHE B 538 17.02 -14.17 -22.83
N PHE B 539 18.34 -13.98 -22.93
CA PHE B 539 18.89 -12.64 -23.14
C PHE B 539 18.69 -12.17 -24.58
N GLY B 540 18.77 -13.08 -25.55
CA GLY B 540 18.72 -12.70 -26.95
C GLY B 540 20.07 -12.49 -27.59
N ASP B 541 21.14 -12.91 -26.95
CA ASP B 541 22.49 -12.80 -27.48
C ASP B 541 23.10 -14.18 -27.67
N GLY B 542 23.93 -14.29 -28.72
CA GLY B 542 24.76 -15.47 -28.88
C GLY B 542 25.97 -15.37 -27.97
N ALA B 543 26.38 -16.50 -27.41
CA ALA B 543 27.47 -16.51 -26.45
C ALA B 543 28.25 -17.81 -26.55
N ALA B 544 29.47 -17.77 -26.04
CA ALA B 544 30.34 -18.94 -25.98
C ALA B 544 31.13 -18.90 -24.69
N ARG B 545 31.41 -20.09 -24.15
CA ARG B 545 32.29 -20.25 -22.99
C ARG B 545 33.50 -21.06 -23.44
N ASP B 546 34.68 -20.45 -23.35
CA ASP B 546 35.88 -21.07 -23.90
C ASP B 546 36.46 -22.09 -22.91
N TYR B 547 37.60 -22.67 -23.30
CA TYR B 547 38.20 -23.74 -22.52
C TYR B 547 38.61 -23.28 -21.13
N ASP B 548 38.85 -21.99 -20.93
CA ASP B 548 39.18 -21.44 -19.63
C ASP B 548 37.96 -21.01 -18.83
N GLY B 549 36.76 -21.22 -19.36
CA GLY B 549 35.56 -20.80 -18.68
C GLY B 549 35.19 -19.35 -18.90
N TYR B 550 35.92 -18.62 -19.74
CA TYR B 550 35.57 -17.23 -20.04
C TYR B 550 34.36 -17.16 -20.96
N MET B 551 33.45 -16.24 -20.65
N MET B 551 33.45 -16.24 -20.65
CA MET B 551 32.27 -16.01 -21.46
CA MET B 551 32.27 -16.05 -21.48
C MET B 551 32.55 -14.98 -22.54
C MET B 551 32.54 -14.98 -22.54
N TRP B 552 32.08 -15.25 -23.76
CA TRP B 552 32.21 -14.34 -24.89
C TRP B 552 30.80 -14.08 -25.42
N ILE B 553 30.37 -12.83 -25.36
CA ILE B 553 29.08 -12.43 -25.92
C ILE B 553 29.36 -11.75 -27.25
N LYS B 554 28.90 -12.35 -28.35
CA LYS B 554 29.43 -12.00 -29.66
C LYS B 554 28.41 -11.35 -30.59
N GLY B 555 27.25 -10.95 -30.08
CA GLY B 555 26.25 -10.27 -30.89
C GLY B 555 24.86 -10.82 -30.66
N ARG B 556 23.88 -10.13 -31.24
CA ARG B 556 22.49 -10.53 -31.12
C ARG B 556 22.24 -11.84 -31.87
N VAL B 557 21.33 -12.66 -31.32
CA VAL B 557 20.92 -13.89 -31.99
C VAL B 557 20.35 -13.58 -33.38
N ASP B 558 19.55 -12.52 -33.47
CA ASP B 558 18.94 -12.10 -34.72
C ASP B 558 19.96 -11.60 -35.75
N ASP B 559 21.20 -11.34 -35.34
CA ASP B 559 22.24 -10.87 -36.25
C ASP B 559 23.18 -11.98 -36.72
N VAL B 560 22.98 -13.21 -36.24
CA VAL B 560 23.84 -14.31 -36.66
C VAL B 560 23.68 -14.56 -38.14
N ILE B 561 24.78 -14.90 -38.79
CA ILE B 561 24.82 -15.17 -40.23
C ILE B 561 25.27 -16.61 -40.40
N ASN B 562 24.58 -17.34 -41.27
CA ASN B 562 24.86 -18.75 -41.50
CA ASN B 562 24.87 -18.75 -41.50
C ASN B 562 25.31 -18.91 -42.95
N VAL B 563 26.58 -19.26 -43.15
CA VAL B 563 27.17 -19.39 -44.47
C VAL B 563 27.63 -20.84 -44.62
N SER B 564 26.98 -21.58 -45.52
CA SER B 564 27.36 -22.96 -45.79
C SER B 564 27.45 -23.77 -44.49
N GLY B 565 26.53 -23.53 -43.58
CA GLY B 565 26.47 -24.27 -42.33
C GLY B 565 27.33 -23.72 -41.22
N HIS B 566 28.12 -22.67 -41.47
CA HIS B 566 28.92 -22.02 -40.45
C HIS B 566 28.14 -20.89 -39.81
N ARG B 567 27.92 -20.98 -38.50
CA ARG B 567 27.24 -19.93 -37.75
C ARG B 567 28.23 -18.83 -37.39
N LEU B 568 27.98 -17.62 -37.87
CA LEU B 568 28.87 -16.49 -37.68
C LEU B 568 28.23 -15.44 -36.78
N SER B 569 28.96 -15.01 -35.76
CA SER B 569 28.59 -13.87 -34.95
C SER B 569 29.07 -12.59 -35.62
N THR B 570 28.35 -11.49 -35.39
CA THR B 570 28.76 -10.23 -35.98
C THR B 570 30.10 -9.78 -35.41
N ALA B 571 30.31 -9.99 -34.10
CA ALA B 571 31.51 -9.48 -33.45
C ALA B 571 32.77 -10.09 -34.04
N GLU B 572 32.74 -11.39 -34.38
CA GLU B 572 33.98 -12.01 -34.85
C GLU B 572 34.39 -11.48 -36.21
N VAL B 573 33.43 -11.30 -37.13
CA VAL B 573 33.78 -10.75 -38.43
C VAL B 573 34.16 -9.28 -38.31
N GLU B 574 33.38 -8.51 -37.54
CA GLU B 574 33.70 -7.09 -37.37
C GLU B 574 35.04 -6.91 -36.67
N SER B 575 35.39 -7.81 -35.76
CA SER B 575 36.69 -7.73 -35.11
C SER B 575 37.82 -8.07 -36.08
N ALA B 576 37.57 -8.99 -37.02
CA ALA B 576 38.60 -9.28 -38.02
C ALA B 576 38.83 -8.10 -38.95
N LEU B 577 37.75 -7.45 -39.39
CA LEU B 577 37.89 -6.36 -40.35
C LEU B 577 38.70 -5.20 -39.78
N ILE B 578 38.46 -4.85 -38.51
CA ILE B 578 39.12 -3.70 -37.91
C ILE B 578 40.60 -3.94 -37.66
N LEU B 579 41.08 -5.18 -37.81
CA LEU B 579 42.52 -5.43 -37.74
C LEU B 579 43.27 -4.83 -38.92
N HIS B 580 42.57 -4.52 -40.01
CA HIS B 580 43.19 -3.92 -41.18
C HIS B 580 43.44 -2.43 -40.93
N LYS B 581 44.60 -1.95 -41.36
CA LYS B 581 44.94 -0.55 -41.18
C LYS B 581 43.85 0.34 -41.79
N GLY B 582 43.59 1.47 -41.13
CA GLY B 582 42.67 2.46 -41.66
C GLY B 582 41.20 2.21 -41.39
N VAL B 583 40.82 1.02 -40.93
CA VAL B 583 39.41 0.73 -40.64
C VAL B 583 39.05 1.38 -39.30
N ALA B 584 37.94 2.11 -39.29
CA ALA B 584 37.45 2.74 -38.06
C ALA B 584 36.35 1.92 -37.39
N GLU B 585 35.42 1.38 -38.16
CA GLU B 585 34.23 0.74 -37.62
C GLU B 585 33.54 0.00 -38.74
N THR B 586 32.98 -1.18 -38.44
CA THR B 586 32.30 -1.96 -39.45
C THR B 586 31.04 -2.60 -38.87
N ALA B 587 30.16 -3.03 -39.78
CA ALA B 587 28.98 -3.79 -39.43
C ALA B 587 28.74 -4.82 -40.52
N VAL B 588 28.44 -6.05 -40.13
CA VAL B 588 28.17 -7.13 -41.09
C VAL B 588 26.75 -7.64 -40.91
N VAL B 589 26.10 -7.93 -42.04
CA VAL B 589 24.77 -8.50 -42.07
C VAL B 589 24.77 -9.65 -43.07
N GLY B 590 23.77 -10.50 -42.94
CA GLY B 590 23.59 -11.60 -43.87
C GLY B 590 22.64 -11.20 -44.98
N CYS B 591 22.90 -11.76 -46.16
CA CYS B 591 22.05 -11.63 -47.32
C CYS B 591 21.81 -13.03 -47.86
N ALA B 592 20.57 -13.30 -48.27
CA ALA B 592 20.22 -14.61 -48.78
C ALA B 592 21.11 -14.96 -49.98
N ASP B 593 21.53 -16.22 -50.05
CA ASP B 593 22.34 -16.70 -51.15
C ASP B 593 21.87 -18.09 -51.54
N ASP B 594 21.61 -18.27 -52.84
CA ASP B 594 21.05 -19.54 -53.32
C ASP B 594 21.98 -20.71 -53.06
N LEU B 595 23.29 -20.46 -52.98
CA LEU B 595 24.25 -21.55 -52.92
C LEU B 595 24.88 -21.75 -51.56
N THR B 596 24.94 -20.71 -50.72
CA THR B 596 25.53 -20.81 -49.40
C THR B 596 24.52 -20.47 -48.30
N GLY B 597 23.23 -20.32 -48.65
CA GLY B 597 22.22 -19.96 -47.67
C GLY B 597 22.19 -18.49 -47.38
N GLN B 598 23.26 -17.99 -46.79
CA GLN B 598 23.49 -16.57 -46.65
C GLN B 598 24.93 -16.28 -47.07
N ALA B 599 25.19 -15.01 -47.36
CA ALA B 599 26.54 -14.50 -47.58
C ALA B 599 26.73 -13.28 -46.68
N VAL B 600 27.98 -13.06 -46.26
CA VAL B 600 28.32 -11.92 -45.43
C VAL B 600 28.45 -10.68 -46.31
N TYR B 601 27.75 -9.62 -45.92
CA TYR B 601 27.89 -8.29 -46.51
C TYR B 601 28.38 -7.36 -45.41
N ALA B 602 29.36 -6.53 -45.75
CA ALA B 602 30.04 -5.70 -44.75
C ALA B 602 29.94 -4.24 -45.14
N PHE B 603 29.60 -3.39 -44.17
CA PHE B 603 29.62 -1.94 -44.30
C PHE B 603 30.80 -1.43 -43.49
N VAL B 604 31.70 -0.70 -44.14
CA VAL B 604 33.01 -0.38 -43.56
C VAL B 604 33.22 1.13 -43.59
N THR B 605 33.64 1.68 -42.46
CA THR B 605 34.00 3.09 -42.36
CA THR B 605 34.00 3.09 -42.36
C THR B 605 35.49 3.18 -42.08
N MET B 606 36.16 4.07 -42.80
CA MET B 606 37.61 4.24 -42.66
C MET B 606 37.92 5.51 -41.88
N LYS B 607 39.13 5.55 -41.34
CA LYS B 607 39.59 6.75 -40.68
C LYS B 607 39.66 7.90 -41.69
N PRO B 608 39.46 9.14 -41.23
CA PRO B 608 39.45 10.27 -42.18
C PRO B 608 40.70 10.36 -43.04
N GLU B 609 41.86 9.98 -42.48
CA GLU B 609 43.12 10.14 -43.19
C GLU B 609 43.31 9.13 -44.32
N PHE B 610 42.53 8.05 -44.35
CA PHE B 610 42.79 7.00 -45.32
C PHE B 610 42.53 7.49 -46.74
N ASP B 611 43.56 7.43 -47.58
CA ASP B 611 43.50 7.91 -48.95
C ASP B 611 42.91 6.83 -49.85
N LEU B 612 41.70 7.06 -50.35
CA LEU B 612 41.03 6.11 -51.22
C LEU B 612 41.50 6.20 -52.68
N LYS B 613 42.65 6.83 -52.92
CA LYS B 613 43.31 6.85 -54.23
C LYS B 613 44.60 6.06 -54.26
N ALA B 614 45.42 6.12 -53.21
CA ALA B 614 46.59 5.26 -53.13
C ALA B 614 46.17 3.79 -53.06
N THR B 615 45.12 3.49 -52.30
CA THR B 615 44.51 2.17 -52.23
C THR B 615 43.09 2.29 -52.77
N LYS B 616 42.91 1.99 -54.05
CA LYS B 616 41.58 2.08 -54.62
C LYS B 616 40.61 1.20 -53.83
N GLU B 617 39.33 1.57 -53.86
CA GLU B 617 38.34 0.88 -53.06
C GLU B 617 38.32 -0.62 -53.35
N ALA B 618 38.45 -1.00 -54.62
CA ALA B 618 38.43 -2.42 -54.98
C ALA B 618 39.61 -3.16 -54.35
N ASP B 619 40.79 -2.52 -54.29
CA ASP B 619 41.94 -3.16 -53.69
C ASP B 619 41.78 -3.27 -52.18
N LEU B 620 41.26 -2.21 -51.54
CA LEU B 620 41.02 -2.28 -50.10
C LEU B 620 40.01 -3.37 -49.78
N SER B 621 38.92 -3.44 -50.54
CA SER B 621 37.91 -4.45 -50.27
C SER B 621 38.50 -5.86 -50.38
N LYS B 622 39.42 -6.06 -51.33
CA LYS B 622 40.05 -7.36 -51.45
C LYS B 622 40.92 -7.66 -50.24
N GLU B 623 41.69 -6.68 -49.77
CA GLU B 623 42.52 -6.91 -48.59
C GLU B 623 41.65 -7.23 -47.37
N LEU B 624 40.54 -6.53 -47.21
CA LEU B 624 39.66 -6.79 -46.08
C LEU B 624 39.11 -8.21 -46.13
N ALA B 625 38.70 -8.66 -47.32
CA ALA B 625 38.17 -10.02 -47.46
C ALA B 625 39.25 -11.05 -47.16
N ILE B 626 40.46 -10.83 -47.69
CA ILE B 626 41.56 -11.75 -47.40
C ILE B 626 41.80 -11.83 -45.89
N GLN B 627 41.78 -10.68 -45.22
CA GLN B 627 42.03 -10.67 -43.79
CA GLN B 627 42.01 -10.63 -43.78
C GLN B 627 41.01 -11.51 -43.05
N VAL B 628 39.73 -11.40 -43.39
CA VAL B 628 38.71 -12.21 -42.75
C VAL B 628 38.93 -13.69 -43.05
N ARG B 629 39.25 -14.00 -44.31
CA ARG B 629 39.46 -15.39 -44.69
CA ARG B 629 39.46 -15.40 -44.69
C ARG B 629 40.60 -16.01 -43.88
N LYS B 630 41.69 -15.26 -43.68
CA LYS B 630 42.84 -15.80 -42.96
C LYS B 630 42.52 -16.02 -41.49
N VAL B 631 41.71 -15.13 -40.90
CA VAL B 631 41.53 -15.14 -39.45
C VAL B 631 40.33 -15.96 -39.03
N ILE B 632 39.30 -16.07 -39.89
CA ILE B 632 38.11 -16.84 -39.55
C ILE B 632 37.94 -17.98 -40.54
N GLY B 633 37.87 -17.65 -41.83
CA GLY B 633 37.69 -18.64 -42.87
C GLY B 633 37.00 -18.06 -44.09
N PRO B 634 37.08 -18.76 -45.21
CA PRO B 634 36.49 -18.21 -46.45
C PRO B 634 35.00 -17.95 -46.32
N PHE B 635 34.30 -18.79 -45.55
CA PHE B 635 32.84 -18.62 -45.41
C PHE B 635 32.50 -17.29 -44.75
N ALA B 636 33.41 -16.73 -43.96
CA ALA B 636 33.15 -15.46 -43.28
C ALA B 636 33.56 -14.24 -44.11
N ALA B 637 34.36 -14.43 -45.16
CA ALA B 637 34.82 -13.32 -45.98
C ALA B 637 33.64 -12.63 -46.64
N PRO B 638 33.54 -11.30 -46.57
CA PRO B 638 32.38 -10.62 -47.17
C PRO B 638 32.29 -10.85 -48.66
N LYS B 639 31.09 -11.19 -49.12
CA LYS B 639 30.84 -11.31 -50.56
CA LYS B 639 30.84 -11.31 -50.56
C LYS B 639 30.84 -9.94 -51.22
N LYS B 640 30.41 -8.90 -50.50
CA LYS B 640 30.44 -7.54 -50.98
C LYS B 640 30.70 -6.62 -49.80
N ILE B 641 31.47 -5.56 -50.06
CA ILE B 641 31.84 -4.58 -49.04
C ILE B 641 31.42 -3.21 -49.54
N TYR B 642 30.68 -2.48 -48.71
CA TYR B 642 30.26 -1.12 -49.00
C TYR B 642 31.02 -0.17 -48.09
N LEU B 643 31.73 0.78 -48.68
CA LEU B 643 32.40 1.83 -47.90
C LEU B 643 31.39 2.96 -47.68
N VAL B 644 31.19 3.33 -46.41
CA VAL B 644 30.23 4.36 -46.04
C VAL B 644 30.90 5.34 -45.09
N SER B 645 30.36 6.55 -45.04
CA SER B 645 30.93 7.57 -44.17
C SER B 645 30.61 7.31 -42.71
N ASP B 646 29.51 6.60 -42.43
CA ASP B 646 29.10 6.29 -41.08
C ASP B 646 28.07 5.17 -41.14
N LEU B 647 27.77 4.60 -39.97
CA LEU B 647 26.80 3.53 -39.85
C LEU B 647 25.56 4.02 -39.09
N PRO B 648 24.38 3.50 -39.41
CA PRO B 648 23.18 3.86 -38.63
C PRO B 648 23.30 3.35 -37.20
N LYS B 649 23.12 4.25 -36.24
CA LYS B 649 23.31 3.94 -34.83
C LYS B 649 22.22 4.59 -33.99
N THR B 650 21.89 3.93 -32.87
CA THR B 650 21.00 4.54 -31.91
C THR B 650 21.76 5.60 -31.10
N ARG B 651 21.00 6.39 -30.35
CA ARG B 651 21.59 7.42 -29.51
C ARG B 651 22.66 6.85 -28.58
N SER B 652 22.49 5.61 -28.13
CA SER B 652 23.40 5.01 -27.16
C SER B 652 24.63 4.37 -27.81
N GLY B 653 24.65 4.22 -29.13
CA GLY B 653 25.80 3.70 -29.83
C GLY B 653 25.59 2.34 -30.46
N LYS B 654 24.45 1.71 -30.23
CA LYS B 654 24.17 0.43 -30.89
C LYS B 654 24.15 0.63 -32.40
N ILE B 655 24.84 -0.25 -33.12
CA ILE B 655 24.81 -0.26 -34.57
C ILE B 655 23.57 -1.01 -35.03
N MET B 656 22.73 -0.36 -35.84
CA MET B 656 21.41 -0.89 -36.18
C MET B 656 21.54 -1.83 -37.39
N ARG B 657 22.01 -3.03 -37.09
CA ARG B 657 22.24 -3.99 -38.17
C ARG B 657 20.93 -4.44 -38.81
N ARG B 658 19.81 -4.38 -38.10
CA ARG B 658 18.55 -4.75 -38.71
C ARG B 658 18.25 -3.84 -39.90
N VAL B 659 18.51 -2.53 -39.76
CA VAL B 659 18.27 -1.59 -40.85
C VAL B 659 19.12 -1.96 -42.06
N LEU B 660 20.41 -2.24 -41.82
CA LEU B 660 21.30 -2.62 -42.92
C LEU B 660 20.85 -3.92 -43.54
N ARG B 661 20.43 -4.89 -42.72
CA ARG B 661 20.00 -6.19 -43.24
C ARG B 661 18.79 -6.03 -44.15
N LYS B 662 17.84 -5.17 -43.77
CA LYS B 662 16.65 -4.98 -44.59
C LYS B 662 16.97 -4.19 -45.85
N ILE B 663 17.93 -3.27 -45.79
CA ILE B 663 18.31 -2.52 -46.99
C ILE B 663 18.94 -3.46 -48.01
N VAL B 664 19.89 -4.29 -47.58
CA VAL B 664 20.53 -5.24 -48.48
C VAL B 664 19.50 -6.21 -49.05
N ALA B 665 18.54 -6.62 -48.22
CA ALA B 665 17.46 -7.50 -48.64
C ALA B 665 16.44 -6.81 -49.51
N GLY B 666 16.64 -5.55 -49.89
CA GLY B 666 15.69 -4.86 -50.73
C GLY B 666 14.42 -4.43 -50.02
N GLU B 667 14.43 -4.40 -48.70
CA GLU B 667 13.25 -4.04 -47.91
C GLU B 667 13.45 -2.69 -47.24
N GLY B 668 14.12 -1.77 -47.93
CA GLY B 668 14.38 -0.44 -47.40
C GLY B 668 13.16 0.44 -47.27
N ASP B 669 12.01 0.02 -47.81
CA ASP B 669 10.79 0.80 -47.71
C ASP B 669 9.92 0.38 -46.53
N GLN B 670 10.36 -0.58 -45.73
CA GLN B 670 9.60 -1.07 -44.56
C GLN B 670 10.56 -1.14 -43.36
N LEU B 671 10.99 0.02 -42.87
CA LEU B 671 12.00 0.10 -41.82
C LEU B 671 11.47 0.62 -40.49
N GLY B 672 10.37 1.36 -40.49
CA GLY B 672 9.79 1.85 -39.24
C GLY B 672 10.33 3.19 -38.83
N ASP B 673 10.01 3.56 -37.58
CA ASP B 673 10.31 4.88 -37.05
C ASP B 673 11.80 4.97 -36.68
N LEU B 674 12.60 5.42 -37.65
CA LEU B 674 14.02 5.67 -37.43
C LEU B 674 14.29 7.15 -37.20
N SER B 675 13.25 7.93 -36.87
CA SER B 675 13.38 9.38 -36.77
C SER B 675 14.25 9.82 -35.61
N SER B 676 14.49 8.97 -34.62
CA SER B 676 15.21 9.36 -33.42
C SER B 676 16.57 8.67 -33.30
N ILE B 677 17.01 7.97 -34.35
CA ILE B 677 18.33 7.36 -34.35
C ILE B 677 19.34 8.49 -34.48
N ALA B 678 20.62 8.19 -34.27
CA ALA B 678 21.62 9.24 -34.09
C ALA B 678 21.66 10.18 -35.29
N ASP B 679 21.76 9.64 -36.50
CA ASP B 679 21.75 10.46 -37.72
C ASP B 679 20.86 9.80 -38.77
N PRO B 680 19.61 10.23 -38.90
CA PRO B 680 18.75 9.66 -39.94
C PRO B 680 19.29 9.84 -41.35
N GLN B 681 20.12 10.85 -41.59
CA GLN B 681 20.66 11.08 -42.92
C GLN B 681 21.53 9.92 -43.39
N ILE B 682 22.14 9.19 -42.45
CA ILE B 682 23.02 8.09 -42.82
C ILE B 682 22.25 6.98 -43.52
N VAL B 683 20.97 6.83 -43.20
CA VAL B 683 20.20 5.75 -43.83
C VAL B 683 20.05 6.01 -45.33
N GLU B 684 19.95 7.27 -45.73
CA GLU B 684 19.84 7.57 -47.16
C GLU B 684 21.15 7.25 -47.88
N GLU B 685 22.28 7.61 -47.28
CA GLU B 685 23.57 7.33 -47.92
C GLU B 685 23.75 5.83 -48.12
N VAL B 686 23.45 5.04 -47.09
CA VAL B 686 23.61 3.59 -47.19
C VAL B 686 22.72 3.05 -48.32
N LYS B 687 21.50 3.55 -48.42
CA LYS B 687 20.62 3.14 -49.51
C LYS B 687 21.25 3.44 -50.87
N GLN B 688 21.85 4.62 -51.01
CA GLN B 688 22.48 4.98 -52.28
C GLN B 688 23.65 4.05 -52.59
N LYS B 689 24.51 3.82 -51.61
CA LYS B 689 25.71 3.02 -51.85
C LYS B 689 25.34 1.59 -52.23
N VAL B 690 24.28 1.04 -51.62
CA VAL B 690 23.89 -0.32 -51.94
C VAL B 690 23.26 -0.40 -53.32
N THR B 691 22.55 0.65 -53.74
CA THR B 691 21.91 0.68 -55.05
C THR B 691 22.92 1.06 -56.14
N ASN C 61 18.01 27.87 40.73
CA ASN C 61 19.17 28.75 40.72
C ASN C 61 19.77 28.84 39.31
N TYR C 62 20.72 29.76 39.13
CA TYR C 62 21.33 29.93 37.81
C TYR C 62 22.03 28.66 37.36
N GLU C 63 22.73 27.98 38.28
CA GLU C 63 23.43 26.75 37.94
C GLU C 63 22.49 25.58 37.67
N SER C 64 21.17 25.78 37.69
CA SER C 64 20.21 24.73 37.39
C SER C 64 19.63 24.88 35.99
N TYR C 65 19.07 26.03 35.67
CA TYR C 65 18.55 26.26 34.33
C TYR C 65 19.67 26.34 33.29
N VAL C 66 20.84 26.84 33.70
CA VAL C 66 21.96 26.95 32.75
C VAL C 66 22.66 25.60 32.58
N LYS C 67 22.73 24.80 33.65
CA LYS C 67 23.34 23.47 33.54
C LYS C 67 22.57 22.61 32.55
N GLU C 68 21.23 22.61 32.65
CA GLU C 68 20.42 21.80 31.75
C GLU C 68 20.41 22.39 30.35
N TRP C 69 20.28 23.71 30.24
CA TRP C 69 20.22 24.36 28.93
C TRP C 69 21.47 24.08 28.11
N ALA C 70 22.63 23.92 28.77
CA ALA C 70 23.86 23.63 28.04
C ALA C 70 23.77 22.32 27.28
N LYS C 71 22.95 21.38 27.76
CA LYS C 71 22.80 20.08 27.11
C LYS C 71 21.83 20.13 25.93
N THR C 72 21.06 21.20 25.79
CA THR C 72 20.05 21.30 24.75
C THR C 72 20.48 22.16 23.57
N VAL C 73 21.63 22.82 23.67
CA VAL C 73 22.16 23.65 22.60
C VAL C 73 23.62 23.29 22.37
N GLY C 74 24.11 23.60 21.18
CA GLY C 74 25.49 23.37 20.84
C GLY C 74 25.70 22.08 20.08
N PRO C 75 26.97 21.71 19.89
CA PRO C 75 27.28 20.53 19.06
C PRO C 75 27.03 19.19 19.74
N ASN C 76 26.68 19.17 21.03
CA ASN C 76 26.47 17.93 21.76
C ASN C 76 25.03 17.78 22.22
N SER C 77 24.09 18.52 21.63
CA SER C 77 22.71 18.56 22.10
C SER C 77 21.81 17.50 21.49
N ASP C 78 22.26 16.79 20.45
CA ASP C 78 21.41 15.76 19.84
C ASP C 78 21.03 14.68 20.86
N GLU C 79 21.97 14.32 21.74
CA GLU C 79 21.68 13.30 22.75
C GLU C 79 20.47 13.69 23.59
N TRP C 80 20.51 14.87 24.19
CA TRP C 80 19.39 15.33 25.00
C TRP C 80 18.09 15.36 24.20
N TRP C 81 18.15 15.88 22.97
CA TRP C 81 16.92 16.04 22.19
C TRP C 81 16.35 14.70 21.74
N ALA C 82 17.21 13.73 21.42
CA ALA C 82 16.71 12.41 21.05
C ALA C 82 15.98 11.74 22.21
N ALA C 83 16.54 11.87 23.42
CA ALA C 83 15.93 11.25 24.60
C ALA C 83 14.60 11.91 24.94
N LYS C 84 14.50 13.23 24.82
CA LYS C 84 13.25 13.91 25.14
C LYS C 84 12.18 13.61 24.11
N ALA C 85 12.54 13.57 22.83
CA ALA C 85 11.56 13.18 21.81
C ALA C 85 11.01 11.80 22.07
N ARG C 86 11.87 10.87 22.52
CA ARG C 86 11.43 9.49 22.73
C ARG C 86 10.70 9.31 24.05
N GLU C 87 10.99 10.16 25.05
CA GLU C 87 10.28 10.13 26.33
C GLU C 87 8.93 10.84 26.25
N THR C 88 8.84 11.89 25.44
CA THR C 88 7.68 12.78 25.49
C THR C 88 6.59 12.36 24.53
N LEU C 89 6.92 11.77 23.40
CA LEU C 89 5.94 11.40 22.40
C LEU C 89 5.92 9.89 22.17
N ASP C 90 4.75 9.40 21.75
CA ASP C 90 4.59 8.04 21.28
C ASP C 90 4.80 8.00 19.77
N TRP C 91 5.66 7.10 19.31
CA TRP C 91 6.03 7.01 17.91
C TRP C 91 5.60 5.67 17.33
N TYR C 92 5.07 5.69 16.11
CA TYR C 92 4.84 4.46 15.38
C TYR C 92 6.16 3.88 14.86
N ASP C 93 7.01 4.73 14.29
CA ASP C 93 8.34 4.35 13.83
C ASP C 93 9.36 5.27 14.47
N ASP C 94 10.48 4.70 14.89
CA ASP C 94 11.54 5.49 15.50
C ASP C 94 12.25 6.32 14.44
N PHE C 95 12.83 7.42 14.88
CA PHE C 95 13.69 8.22 14.03
C PHE C 95 15.12 7.74 14.19
N LYS C 96 15.95 8.12 13.23
CA LYS C 96 17.38 7.85 13.25
C LYS C 96 18.17 9.14 13.37
N THR C 97 17.88 10.12 12.53
CA THR C 97 18.55 11.41 12.52
C THR C 97 17.81 12.35 13.47
N VAL C 98 18.56 13.04 14.32
CA VAL C 98 17.93 14.01 15.22
C VAL C 98 17.58 15.29 14.48
N ARG C 99 18.56 15.92 13.83
CA ARG C 99 18.29 17.17 13.15
C ARG C 99 19.14 17.27 11.88
N ALA C 100 18.68 18.11 10.96
CA ALA C 100 19.44 18.43 9.76
C ALA C 100 18.86 19.70 9.15
N GLY C 101 19.55 20.23 8.15
CA GLY C 101 19.11 21.44 7.49
C GLY C 101 19.47 22.68 8.29
N GLY C 102 18.90 23.80 7.84
CA GLY C 102 19.26 25.07 8.45
C GLY C 102 18.45 26.20 7.86
N PHE C 103 18.79 27.41 8.31
CA PHE C 103 18.04 28.60 7.94
C PHE C 103 18.21 28.94 6.47
N GLU C 104 19.44 28.84 5.94
CA GLU C 104 19.79 29.44 4.66
C GLU C 104 18.79 29.07 3.56
N HIS C 105 18.51 27.79 3.40
CA HIS C 105 17.60 27.34 2.35
C HIS C 105 16.24 26.93 2.88
N GLY C 106 16.04 26.97 4.19
CA GLY C 106 14.77 26.58 4.78
C GLY C 106 14.49 25.11 4.54
N ASP C 107 15.37 24.25 5.03
CA ASP C 107 15.20 22.80 4.95
C ASP C 107 15.38 22.17 6.32
N VAL C 108 14.92 22.89 7.35
CA VAL C 108 15.02 22.42 8.72
C VAL C 108 14.34 21.06 8.85
N GLN C 109 15.04 20.11 9.47
CA GLN C 109 14.55 18.76 9.69
C GLN C 109 14.80 18.37 11.13
N TRP C 110 13.81 17.71 11.74
CA TRP C 110 13.94 17.14 13.08
C TRP C 110 13.31 15.76 13.06
N PHE C 111 14.05 14.76 13.53
CA PHE C 111 13.57 13.39 13.65
C PHE C 111 12.96 12.92 12.32
N PRO C 112 13.63 13.16 11.18
CA PRO C 112 12.95 12.98 9.88
C PRO C 112 12.38 11.59 9.64
N GLU C 113 13.07 10.52 10.06
CA GLU C 113 12.60 9.18 9.73
C GLU C 113 11.48 8.67 10.65
N GLY C 114 11.23 9.35 11.76
CA GLY C 114 10.20 8.90 12.66
C GLY C 114 8.81 9.14 12.10
N THR C 115 7.85 8.36 12.60
CA THR C 115 6.44 8.55 12.28
C THR C 115 5.63 8.56 13.58
N LEU C 116 4.55 9.32 13.56
CA LEU C 116 3.71 9.52 14.73
C LEU C 116 2.40 10.13 14.27
N ASN C 117 1.50 10.36 15.21
CA ASN C 117 0.27 11.08 14.91
C ASN C 117 -0.05 12.00 16.07
N ALA C 118 -0.40 13.26 15.76
CA ALA C 118 -0.65 14.21 16.83
C ALA C 118 -1.91 13.84 17.59
N ALA C 119 -2.94 13.35 16.90
CA ALA C 119 -4.16 12.96 17.59
C ALA C 119 -3.92 11.77 18.51
N TYR C 120 -3.09 10.81 18.08
CA TYR C 120 -2.77 9.70 18.97
C TYR C 120 -2.10 10.19 20.24
N ASN C 121 -1.20 11.17 20.12
CA ASN C 121 -0.46 11.64 21.28
C ASN C 121 -1.29 12.55 22.19
N CYS C 122 -2.31 13.21 21.63
CA CYS C 122 -3.14 14.13 22.40
C CYS C 122 -4.43 13.50 22.89
N LEU C 123 -4.85 12.37 22.33
CA LEU C 123 -6.10 11.73 22.71
C LEU C 123 -5.91 10.26 23.06
N ASP C 124 -5.60 9.44 22.05
CA ASP C 124 -5.65 7.99 22.21
C ASP C 124 -4.85 7.51 23.41
N ARG C 125 -3.57 7.90 23.49
CA ARG C 125 -2.71 7.30 24.52
C ARG C 125 -3.18 7.66 25.92
N HIS C 126 -3.80 8.83 26.08
CA HIS C 126 -4.35 9.18 27.39
C HIS C 126 -5.69 8.52 27.63
N TYR C 127 -6.51 8.40 26.58
CA TYR C 127 -7.77 7.67 26.68
C TYR C 127 -7.53 6.23 27.11
N TYR C 128 -6.49 5.59 26.56
CA TYR C 128 -6.20 4.21 26.94
C TYR C 128 -5.83 4.10 28.40
N LYS C 129 -5.23 5.15 28.96
CA LYS C 129 -4.76 5.12 30.35
C LYS C 129 -5.86 5.50 31.34
N ASN C 130 -6.59 6.59 31.08
CA ASN C 130 -7.63 7.07 31.99
C ASN C 130 -8.73 7.73 31.18
N PRO C 131 -9.64 6.96 30.61
CA PRO C 131 -10.64 7.54 29.69
C PRO C 131 -11.55 8.57 30.34
N LYS C 132 -11.82 8.48 31.63
CA LYS C 132 -12.74 9.40 32.30
C LYS C 132 -12.07 10.68 32.77
N LYS C 133 -10.77 10.82 32.61
CA LYS C 133 -10.10 12.05 32.98
C LYS C 133 -10.64 13.19 32.14
N THR C 134 -10.81 14.36 32.74
CA THR C 134 -11.28 15.50 31.98
C THR C 134 -10.18 15.98 31.03
N ALA C 135 -10.49 16.02 29.73
CA ALA C 135 -9.58 16.61 28.77
C ALA C 135 -9.79 18.12 28.70
N ILE C 136 -11.04 18.56 28.59
CA ILE C 136 -11.36 19.96 28.40
C ILE C 136 -12.37 20.38 29.45
N ILE C 137 -12.00 21.38 30.25
CA ILE C 137 -12.98 22.18 30.98
C ILE C 137 -13.55 23.18 29.98
N TYR C 138 -14.80 22.98 29.60
CA TYR C 138 -15.46 23.86 28.64
C TYR C 138 -16.21 24.92 29.45
N GLU C 139 -15.62 26.12 29.53
CA GLU C 139 -16.25 27.24 30.22
C GLU C 139 -17.06 28.01 29.20
N ALA C 140 -18.36 27.71 29.12
CA ALA C 140 -19.24 28.32 28.15
C ALA C 140 -19.33 29.83 28.38
N ASP C 141 -19.88 30.52 27.39
CA ASP C 141 -20.09 31.95 27.53
C ASP C 141 -20.97 32.26 28.73
N GLU C 142 -22.00 31.45 28.94
CA GLU C 142 -22.79 31.51 30.17
C GLU C 142 -22.14 30.59 31.21
N PRO C 143 -21.71 31.09 32.36
CA PRO C 143 -21.05 30.21 33.34
C PRO C 143 -21.83 28.96 33.70
N SER C 144 -23.17 29.04 33.73
CA SER C 144 -23.99 27.90 34.14
C SER C 144 -23.95 26.75 33.15
N GLU C 145 -23.59 27.01 31.89
CA GLU C 145 -23.59 25.99 30.85
C GLU C 145 -22.25 25.30 30.70
N SER C 146 -21.30 25.58 31.59
CA SER C 146 -19.99 24.95 31.50
C SER C 146 -20.08 23.47 31.89
N ARG C 147 -19.13 22.69 31.40
CA ARG C 147 -19.04 21.29 31.79
C ARG C 147 -17.66 20.75 31.44
N GLU C 148 -17.35 19.59 32.02
CA GLU C 148 -16.11 18.88 31.72
C GLU C 148 -16.32 17.93 30.55
N VAL C 149 -15.32 17.85 29.68
CA VAL C 149 -15.32 16.90 28.57
C VAL C 149 -14.18 15.91 28.80
N SER C 150 -14.53 14.65 28.96
CA SER C 150 -13.54 13.61 29.23
C SER C 150 -12.72 13.30 27.99
N TYR C 151 -11.55 12.70 28.22
CA TYR C 151 -10.73 12.24 27.11
C TYR C 151 -11.50 11.26 26.25
N GLU C 152 -12.33 10.41 26.87
CA GLU C 152 -13.13 9.48 26.07
C GLU C 152 -14.08 10.23 25.15
N GLU C 153 -14.81 11.21 25.68
CA GLU C 153 -15.77 11.93 24.85
C GLU C 153 -15.08 12.72 23.76
N LEU C 154 -13.97 13.38 24.08
CA LEU C 154 -13.27 14.16 23.06
C LEU C 154 -12.74 13.26 21.95
N MET C 155 -12.15 12.13 22.32
CA MET C 155 -11.63 11.21 21.31
C MET C 155 -12.75 10.67 20.43
N GLN C 156 -13.89 10.32 21.02
CA GLN C 156 -15.02 9.83 20.24
C GLN C 156 -15.48 10.90 19.25
N GLU C 157 -15.62 12.14 19.70
CA GLU C 157 -16.03 13.22 18.82
CA GLU C 157 -16.05 13.19 18.79
C GLU C 157 -15.01 13.45 17.72
N THR C 158 -13.72 13.48 18.08
CA THR C 158 -12.66 13.65 17.09
C THR C 158 -12.71 12.56 16.03
N CYS C 159 -12.94 11.32 16.45
CA CYS C 159 -12.97 10.20 15.49
C CYS C 159 -14.18 10.29 14.58
N ARG C 160 -15.35 10.64 15.11
CA ARG C 160 -16.52 10.83 14.26
CA ARG C 160 -16.52 10.82 14.26
C ARG C 160 -16.27 11.90 13.21
N VAL C 161 -15.77 13.06 13.63
CA VAL C 161 -15.51 14.11 12.66
C VAL C 161 -14.47 13.65 11.65
N ALA C 162 -13.44 12.93 12.12
CA ALA C 162 -12.42 12.42 11.21
C ALA C 162 -13.05 11.50 10.17
N ASN C 163 -13.99 10.64 10.59
CA ASN C 163 -14.66 9.76 9.65
C ASN C 163 -15.52 10.56 8.68
N VAL C 164 -16.15 11.64 9.17
CA VAL C 164 -16.92 12.49 8.26
C VAL C 164 -16.00 13.09 7.20
N LEU C 165 -14.83 13.58 7.61
CA LEU C 165 -13.92 14.20 6.64
C LEU C 165 -13.49 13.17 5.59
N LYS C 166 -13.12 11.97 6.02
CA LYS C 166 -12.75 10.94 5.05
C LYS C 166 -13.89 10.65 4.09
N SER C 167 -15.13 10.70 4.57
CA SER C 167 -16.27 10.45 3.70
C SER C 167 -16.43 11.54 2.64
N TYR C 168 -15.89 12.74 2.89
CA TYR C 168 -15.84 13.81 1.90
C TYR C 168 -14.65 13.68 0.94
N GLY C 169 -13.80 12.68 1.14
CA GLY C 169 -12.63 12.50 0.31
C GLY C 169 -11.39 13.24 0.76
N VAL C 170 -11.37 13.75 1.98
CA VAL C 170 -10.18 14.39 2.52
C VAL C 170 -9.08 13.35 2.65
N LYS C 171 -7.93 13.61 2.02
CA LYS C 171 -6.79 12.73 2.05
C LYS C 171 -5.65 13.35 2.85
N LYS C 172 -4.71 12.49 3.25
CA LYS C 172 -3.47 12.96 3.85
C LYS C 172 -2.86 14.07 3.00
N GLY C 173 -2.52 15.19 3.65
CA GLY C 173 -1.91 16.32 2.96
C GLY C 173 -2.88 17.37 2.44
N ASP C 174 -4.20 17.09 2.51
CA ASP C 174 -5.21 18.06 2.10
C ASP C 174 -5.40 19.11 3.17
N ALA C 175 -5.65 20.34 2.75
CA ALA C 175 -5.98 21.42 3.66
C ALA C 175 -7.46 21.39 3.99
N VAL C 176 -7.78 21.77 5.23
CA VAL C 176 -9.16 21.92 5.72
C VAL C 176 -9.21 23.20 6.52
N SER C 177 -10.07 24.14 6.12
CA SER C 177 -10.22 25.39 6.86
C SER C 177 -11.18 25.20 8.02
N ILE C 178 -10.87 25.86 9.13
CA ILE C 178 -11.69 25.79 10.34
C ILE C 178 -12.03 27.21 10.77
N TYR C 179 -13.32 27.51 10.84
CA TYR C 179 -13.82 28.83 11.22
C TYR C 179 -14.76 28.63 12.41
N LEU C 180 -14.17 28.37 13.58
CA LEU C 180 -14.90 28.01 14.77
C LEU C 180 -14.60 28.97 15.91
N PRO C 181 -15.62 29.34 16.70
CA PRO C 181 -15.37 30.08 17.94
C PRO C 181 -14.92 29.16 19.06
N MET C 182 -14.82 29.68 20.28
CA MET C 182 -14.19 28.95 21.38
C MET C 182 -15.18 28.04 22.10
N THR C 183 -15.68 27.05 21.37
CA THR C 183 -16.40 25.93 21.96
C THR C 183 -15.48 24.71 21.91
N TRP C 184 -15.72 23.75 22.81
CA TRP C 184 -14.74 22.68 22.99
C TRP C 184 -14.57 21.84 21.73
N GLN C 185 -15.60 21.77 20.88
CA GLN C 185 -15.48 20.99 19.66
C GLN C 185 -14.42 21.55 18.71
N ALA C 186 -13.91 22.75 18.97
CA ALA C 186 -12.81 23.26 18.15
C ALA C 186 -11.59 22.34 18.27
N ALA C 187 -11.34 21.81 19.46
CA ALA C 187 -10.26 20.85 19.63
C ALA C 187 -10.51 19.59 18.83
N ALA C 188 -11.75 19.09 18.85
CA ALA C 188 -12.10 17.92 18.06
C ALA C 188 -11.86 18.17 16.58
N ALA C 189 -12.16 19.39 16.11
CA ALA C 189 -11.99 19.70 14.70
C ALA C 189 -10.51 19.73 14.32
N PHE C 190 -9.68 20.40 15.14
CA PHE C 190 -8.24 20.40 14.90
C PHE C 190 -7.70 18.99 14.86
N LEU C 191 -7.98 18.21 15.91
CA LEU C 191 -7.37 16.89 16.04
C LEU C 191 -7.94 15.89 15.05
N ALA C 192 -9.16 16.10 14.57
CA ALA C 192 -9.69 15.23 13.52
C ALA C 192 -8.87 15.37 12.24
N CYS C 193 -8.57 16.61 11.86
CA CYS C 193 -7.68 16.85 10.73
C CYS C 193 -6.32 16.19 10.96
N ALA C 194 -5.73 16.43 12.14
CA ALA C 194 -4.44 15.82 12.43
C ALA C 194 -4.53 14.30 12.41
N ARG C 195 -5.67 13.74 12.82
CA ARG C 195 -5.78 12.30 12.90
C ARG C 195 -5.63 11.64 11.54
N ILE C 196 -6.12 12.29 10.48
CA ILE C 196 -6.09 11.70 9.15
C ILE C 196 -4.98 12.28 8.29
N GLY C 197 -4.13 13.12 8.86
CA GLY C 197 -3.05 13.73 8.11
C GLY C 197 -3.44 14.93 7.28
N ALA C 198 -4.65 15.44 7.46
CA ALA C 198 -5.05 16.68 6.83
C ALA C 198 -4.34 17.84 7.51
N ILE C 199 -4.30 18.97 6.81
CA ILE C 199 -3.64 20.17 7.30
C ILE C 199 -4.74 21.16 7.66
N HIS C 200 -4.98 21.39 8.95
CA HIS C 200 -6.00 22.35 9.30
C HIS C 200 -5.45 23.77 9.21
N SER C 201 -6.32 24.70 8.79
CA SER C 201 -6.03 26.13 8.71
C SER C 201 -7.13 26.82 9.50
N ALA C 202 -6.82 27.19 10.74
CA ALA C 202 -7.80 27.82 11.61
C ALA C 202 -7.87 29.32 11.34
N VAL C 203 -9.09 29.82 11.17
CA VAL C 203 -9.35 31.24 10.91
C VAL C 203 -10.14 31.78 12.09
N PHE C 204 -9.58 32.79 12.75
CA PHE C 204 -10.21 33.43 13.91
C PHE C 204 -11.65 33.81 13.60
N ALA C 205 -12.55 33.40 14.51
CA ALA C 205 -13.99 33.59 14.28
C ALA C 205 -14.41 35.06 14.25
N GLY C 206 -13.51 35.98 14.59
CA GLY C 206 -13.78 37.40 14.49
C GLY C 206 -13.40 38.02 13.17
N PHE C 207 -13.04 37.22 12.18
CA PHE C 207 -12.62 37.72 10.88
C PHE C 207 -13.82 37.93 9.97
N SER C 208 -13.73 38.95 9.13
CA SER C 208 -14.77 39.30 8.18
C SER C 208 -14.80 38.29 7.03
N ALA C 209 -15.88 38.36 6.24
CA ALA C 209 -16.04 37.45 5.11
C ALA C 209 -14.85 37.54 4.15
N GLU C 210 -14.32 38.74 3.95
CA GLU C 210 -13.21 38.92 3.03
C GLU C 210 -11.94 38.25 3.55
N SER C 211 -11.60 38.48 4.82
CA SER C 211 -10.43 37.84 5.40
C SER C 211 -10.57 36.32 5.40
N LEU C 212 -11.79 35.83 5.67
CA LEU C 212 -12.03 34.39 5.63
C LEU C 212 -11.80 33.85 4.23
N ARG C 213 -12.44 34.48 3.23
CA ARG C 213 -12.27 34.06 1.85
C ARG C 213 -10.79 34.01 1.47
N ASP C 214 -10.04 35.06 1.77
CA ASP C 214 -8.64 35.10 1.37
C ASP C 214 -7.87 33.91 1.93
N ARG C 215 -8.13 33.55 3.19
CA ARG C 215 -7.39 32.44 3.80
C ARG C 215 -7.90 31.10 3.26
N VAL C 216 -9.21 30.99 3.04
CA VAL C 216 -9.75 29.75 2.46
C VAL C 216 -9.19 29.53 1.07
N ASN C 217 -9.12 30.59 0.25
CA ASN C 217 -8.63 30.44 -1.11
C ASN C 217 -7.14 30.16 -1.13
N ASP C 218 -6.37 30.82 -0.26
CA ASP C 218 -4.92 30.65 -0.30
C ASP C 218 -4.53 29.20 -0.03
N CYS C 219 -5.19 28.56 0.94
CA CYS C 219 -4.82 27.20 1.31
C CYS C 219 -5.44 26.14 0.39
N GLU C 220 -6.35 26.55 -0.50
CA GLU C 220 -6.93 25.67 -1.51
C GLU C 220 -7.72 24.52 -0.90
N CYS C 221 -8.18 24.68 0.34
CA CYS C 221 -8.98 23.64 0.98
C CYS C 221 -10.25 23.39 0.19
N LYS C 222 -10.75 22.15 0.29
CA LYS C 222 -12.03 21.77 -0.29
C LYS C 222 -13.13 21.61 0.77
N VAL C 223 -12.77 21.64 2.05
CA VAL C 223 -13.71 21.46 3.14
C VAL C 223 -13.50 22.58 4.14
N LEU C 224 -14.61 23.07 4.70
CA LEU C 224 -14.61 24.09 5.75
C LEU C 224 -15.48 23.58 6.90
N ILE C 225 -14.97 23.70 8.12
CA ILE C 225 -15.70 23.37 9.34
C ILE C 225 -16.03 24.66 10.06
N THR C 226 -17.30 24.87 10.37
CA THR C 226 -17.70 26.12 11.02
C THR C 226 -18.87 25.84 11.96
N THR C 227 -19.59 26.88 12.33
CA THR C 227 -20.69 26.79 13.26
C THR C 227 -21.83 27.64 12.75
N ASP C 228 -23.03 27.37 13.26
CA ASP C 228 -24.17 28.19 12.86
C ASP C 228 -24.03 29.60 13.41
N GLU C 229 -23.67 29.72 14.69
CA GLU C 229 -23.43 31.00 15.32
C GLU C 229 -22.42 30.80 16.45
N GLY C 230 -21.77 31.89 16.83
CA GLY C 230 -20.90 31.89 18.00
C GLY C 230 -21.49 32.71 19.13
N ARG C 231 -21.05 32.47 20.36
CA ARG C 231 -21.54 33.18 21.54
C ARG C 231 -20.34 33.71 22.32
N ARG C 232 -20.23 35.02 22.45
CA ARG C 232 -19.11 35.62 23.17
C ARG C 232 -19.56 36.90 23.84
N GLY C 233 -19.41 36.97 25.16
CA GLY C 233 -19.79 38.16 25.90
C GLY C 233 -21.27 38.46 25.86
N GLY C 234 -22.11 37.43 25.74
CA GLY C 234 -23.53 37.63 25.64
C GLY C 234 -24.03 38.09 24.28
N LYS C 235 -23.16 38.12 23.28
CA LYS C 235 -23.51 38.55 21.93
C LYS C 235 -23.43 37.36 20.98
N THR C 236 -24.06 37.52 19.81
CA THR C 236 -24.18 36.48 18.82
C THR C 236 -23.31 36.81 17.61
N ILE C 237 -22.43 35.88 17.24
CA ILE C 237 -21.59 36.00 16.06
C ILE C 237 -22.29 35.25 14.93
N ALA C 238 -22.58 35.94 13.83
CA ALA C 238 -23.29 35.33 12.71
C ALA C 238 -22.29 34.62 11.80
N THR C 239 -21.71 33.54 12.34
CA THR C 239 -20.62 32.86 11.64
C THR C 239 -21.08 32.27 10.31
N LYS C 240 -22.21 31.57 10.31
CA LYS C 240 -22.65 30.94 9.06
C LYS C 240 -22.98 32.00 8.01
N GLN C 241 -23.54 33.14 8.44
CA GLN C 241 -23.80 34.23 7.51
C GLN C 241 -22.49 34.74 6.89
N ILE C 242 -21.47 34.93 7.72
CA ILE C 242 -20.17 35.35 7.20
C ILE C 242 -19.61 34.30 6.26
N VAL C 243 -19.77 33.02 6.62
CA VAL C 243 -19.25 31.94 5.79
C VAL C 243 -19.90 31.96 4.42
N ASP C 244 -21.22 32.15 4.37
CA ASP C 244 -21.90 32.14 3.08
C ASP C 244 -21.42 33.29 2.20
N ALA C 245 -21.21 34.45 2.81
CA ALA C 245 -20.67 35.59 2.05
C ALA C 245 -19.30 35.25 1.48
N ALA C 246 -18.41 34.71 2.32
CA ALA C 246 -17.07 34.38 1.85
C ALA C 246 -17.11 33.34 0.74
N LEU C 247 -17.83 32.23 0.96
CA LEU C 247 -17.77 31.12 0.03
C LEU C 247 -18.33 31.44 -1.34
N GLN C 248 -19.01 32.59 -1.52
CA GLN C 248 -19.45 32.97 -2.84
C GLN C 248 -18.27 33.13 -3.79
N GLN C 249 -17.08 33.41 -3.26
CA GLN C 249 -15.88 33.61 -4.06
C GLN C 249 -14.80 32.59 -3.71
N CYS C 250 -15.21 31.40 -3.25
CA CYS C 250 -14.30 30.30 -2.92
C CYS C 250 -14.69 29.09 -3.76
N PRO C 251 -14.18 28.98 -4.99
CA PRO C 251 -14.70 27.95 -5.91
C PRO C 251 -14.25 26.54 -5.60
N LEU C 252 -13.28 26.34 -4.71
CA LEU C 252 -12.79 25.00 -4.41
C LEU C 252 -13.56 24.31 -3.29
N VAL C 253 -14.22 25.07 -2.41
CA VAL C 253 -14.90 24.49 -1.26
C VAL C 253 -16.16 23.76 -1.71
N GLU C 254 -16.20 22.45 -1.47
CA GLU C 254 -17.31 21.60 -1.87
C GLU C 254 -18.18 21.16 -0.71
N ASN C 255 -17.63 21.10 0.51
CA ASN C 255 -18.34 20.59 1.66
C ASN C 255 -18.13 21.51 2.85
N VAL C 256 -19.21 21.82 3.56
CA VAL C 256 -19.15 22.62 4.78
C VAL C 256 -19.82 21.81 5.88
N LEU C 257 -19.11 21.63 6.99
CA LEU C 257 -19.62 20.96 8.18
C LEU C 257 -19.94 22.01 9.23
N VAL C 258 -21.20 22.04 9.68
CA VAL C 258 -21.74 23.15 10.47
C VAL C 258 -22.13 22.65 11.84
N LEU C 259 -21.39 23.06 12.87
CA LEU C 259 -21.71 22.71 14.24
C LEU C 259 -22.91 23.52 14.72
N ARG C 260 -23.85 22.85 15.38
CA ARG C 260 -25.08 23.47 15.86
C ARG C 260 -24.84 24.00 17.27
N ARG C 261 -24.19 25.16 17.34
CA ARG C 261 -23.84 25.75 18.63
C ARG C 261 -25.03 26.44 19.28
N THR C 262 -25.87 27.12 18.49
CA THR C 262 -27.04 27.79 19.03
C THR C 262 -28.36 27.15 18.60
N GLY C 263 -28.40 26.48 17.46
CA GLY C 263 -29.65 25.97 16.94
C GLY C 263 -30.57 27.02 16.36
N ASN C 264 -30.16 28.28 16.32
CA ASN C 264 -30.95 29.31 15.67
C ASN C 264 -30.91 29.13 14.15
N LYS C 265 -31.97 29.58 13.49
CA LYS C 265 -32.09 29.39 12.05
C LYS C 265 -30.97 30.12 11.32
N VAL C 266 -30.19 29.38 10.53
CA VAL C 266 -29.18 29.96 9.66
C VAL C 266 -29.34 29.38 8.26
N PRO C 267 -28.94 30.08 7.20
CA PRO C 267 -29.02 29.50 5.87
C PRO C 267 -28.14 28.27 5.75
N MET C 268 -28.63 27.29 4.98
CA MET C 268 -27.89 26.07 4.70
C MET C 268 -28.09 25.72 3.23
N THR C 269 -26.99 25.58 2.50
CA THR C 269 -27.03 25.27 1.09
C THR C 269 -27.14 23.76 0.91
N GLU C 270 -28.21 23.31 0.26
CA GLU C 270 -28.40 21.89 0.03
C GLU C 270 -27.21 21.31 -0.72
N GLY C 271 -26.79 20.12 -0.31
CA GLY C 271 -25.63 19.46 -0.89
C GLY C 271 -24.30 19.88 -0.31
N ARG C 272 -24.04 21.19 -0.27
CA ARG C 272 -22.77 21.68 0.23
C ARG C 272 -22.70 21.63 1.76
N ASP C 273 -23.78 22.00 2.43
CA ASP C 273 -23.80 22.19 3.88
C ASP C 273 -24.51 21.04 4.57
N LYS C 274 -23.89 20.51 5.61
CA LYS C 274 -24.45 19.43 6.41
C LYS C 274 -24.23 19.76 7.88
N TRP C 275 -25.10 19.24 8.74
CA TRP C 275 -24.98 19.47 10.17
C TRP C 275 -23.95 18.53 10.79
N TRP C 276 -23.08 19.08 11.63
CA TRP C 276 -22.11 18.29 12.39
C TRP C 276 -22.77 17.10 13.07
N ASP C 277 -23.83 17.32 13.84
CA ASP C 277 -24.41 16.22 14.61
C ASP C 277 -24.96 15.13 13.70
N GLU C 278 -25.65 15.51 12.62
CA GLU C 278 -26.27 14.51 11.75
C GLU C 278 -25.21 13.72 10.98
N GLU C 279 -24.14 14.38 10.54
CA GLU C 279 -23.07 13.68 9.86
C GLU C 279 -22.32 12.74 10.82
N CYS C 280 -22.00 13.22 12.02
CA CYS C 280 -21.27 12.38 12.96
C CYS C 280 -22.12 11.19 13.40
N ALA C 281 -23.43 11.35 13.48
CA ALA C 281 -24.29 10.24 13.91
C ALA C 281 -24.22 9.07 12.95
N LYS C 282 -23.82 9.30 11.70
CA LYS C 282 -23.70 8.22 10.73
C LYS C 282 -22.42 7.42 10.86
N MET C 283 -21.44 7.92 11.63
CA MET C 283 -20.08 7.40 11.63
C MET C 283 -19.74 6.66 12.92
N PRO C 284 -18.87 5.65 12.84
CA PRO C 284 -18.36 5.04 14.06
C PRO C 284 -17.56 6.05 14.87
N ALA C 285 -17.47 5.75 16.16
CA ALA C 285 -16.79 6.61 17.11
C ALA C 285 -15.33 6.23 17.29
N TYR C 286 -14.78 5.40 16.39
CA TYR C 286 -13.34 5.25 16.30
C TYR C 286 -12.91 5.37 14.85
N CYS C 287 -11.68 5.85 14.66
CA CYS C 287 -11.09 6.07 13.36
C CYS C 287 -9.61 5.77 13.54
N PRO C 288 -8.97 5.03 12.63
CA PRO C 288 -7.52 4.82 12.75
C PRO C 288 -6.78 6.13 12.58
N CYS C 289 -5.55 6.15 13.09
CA CYS C 289 -4.65 7.31 12.94
C CYS C 289 -3.73 7.13 11.74
N GLU C 290 -3.64 8.17 10.92
CA GLU C 290 -2.70 8.15 9.80
C GLU C 290 -1.28 8.27 10.34
N ARG C 291 -0.38 7.42 9.86
CA ARG C 291 1.00 7.46 10.32
C ARG C 291 1.74 8.55 9.57
N MET C 292 2.09 9.62 10.27
CA MET C 292 2.63 10.82 9.67
C MET C 292 4.15 10.88 9.84
N ALA C 293 4.84 11.27 8.77
CA ALA C 293 6.26 11.58 8.90
C ALA C 293 6.43 12.78 9.84
N SER C 294 7.55 12.78 10.57
CA SER C 294 7.82 13.88 11.49
CA SER C 294 7.82 13.88 11.49
C SER C 294 7.66 15.24 10.80
N GLU C 295 8.05 15.33 9.55
CA GLU C 295 8.05 16.60 8.81
C GLU C 295 6.81 16.79 7.95
N ASP C 296 5.85 15.88 8.01
CA ASP C 296 4.58 16.17 7.33
C ASP C 296 3.96 17.41 7.96
N PRO C 297 3.38 18.30 7.17
CA PRO C 297 2.77 19.50 7.77
C PRO C 297 1.59 19.14 8.66
N LEU C 298 1.53 19.83 9.80
CA LEU C 298 0.44 19.68 10.77
C LEU C 298 -0.63 20.75 10.58
N PHE C 299 -0.26 22.01 10.40
CA PHE C 299 -1.26 23.03 10.18
C PHE C 299 -0.65 24.25 9.48
N ILE C 300 -1.52 25.01 8.83
CA ILE C 300 -1.23 26.35 8.33
C ILE C 300 -1.90 27.32 9.29
N LEU C 301 -1.20 28.39 9.65
CA LEU C 301 -1.80 29.43 10.49
C LEU C 301 -1.49 30.78 9.85
N TYR C 302 -2.51 31.41 9.25
CA TYR C 302 -2.30 32.67 8.58
C TYR C 302 -2.12 33.78 9.60
N THR C 303 -1.00 34.50 9.49
CA THR C 303 -0.70 35.63 10.35
C THR C 303 -0.36 36.84 9.48
N PRO C 310 -1.94 37.98 3.55
CA PRO C 310 -1.93 36.93 4.58
C PRO C 310 -0.93 35.82 4.30
N LYS C 311 0.00 35.59 5.23
CA LYS C 311 1.03 34.58 5.10
C LYS C 311 0.66 33.35 5.91
N GLY C 312 0.66 32.18 5.26
CA GLY C 312 0.33 30.94 5.94
C GLY C 312 1.54 30.30 6.59
N VAL C 313 1.74 30.54 7.89
CA VAL C 313 2.85 29.93 8.59
C VAL C 313 2.58 28.44 8.75
N VAL C 314 3.53 27.61 8.29
CA VAL C 314 3.35 26.17 8.27
C VAL C 314 4.23 25.57 9.36
N HIS C 315 3.64 24.72 10.19
CA HIS C 315 4.35 23.93 11.18
C HIS C 315 4.27 22.46 10.83
N SER C 316 5.38 21.74 11.03
CA SER C 316 5.36 20.30 10.83
C SER C 316 4.87 19.64 12.11
N THR C 317 5.05 18.33 12.23
CA THR C 317 4.32 17.55 13.24
C THR C 317 5.14 17.27 14.49
N ALA C 318 6.25 16.55 14.35
CA ALA C 318 6.95 16.04 15.52
C ALA C 318 7.63 17.16 16.29
N GLY C 319 8.38 18.01 15.59
CA GLY C 319 9.09 19.10 16.25
C GLY C 319 8.14 20.06 16.95
N TYR C 320 7.07 20.45 16.26
CA TYR C 320 6.11 21.36 16.85
C TYR C 320 5.46 20.75 18.09
N LEU C 321 5.06 19.48 18.00
CA LEU C 321 4.37 18.86 19.14
C LEU C 321 5.33 18.67 20.32
N LEU C 322 6.58 18.31 20.04
CA LEU C 322 7.57 18.20 21.11
C LEU C 322 7.81 19.56 21.76
N GLY C 323 7.97 20.61 20.93
CA GLY C 323 8.16 21.93 21.50
C GLY C 323 7.04 22.34 22.44
N THR C 324 5.79 22.17 22.00
CA THR C 324 4.68 22.59 22.85
C THR C 324 4.62 21.76 24.13
N ALA C 325 4.89 20.46 24.03
CA ALA C 325 4.78 19.60 25.21
C ALA C 325 5.85 19.93 26.23
N LEU C 326 7.08 20.18 25.78
CA LEU C 326 8.18 20.47 26.70
C LEU C 326 8.00 21.83 27.35
N THR C 327 7.71 22.87 26.55
CA THR C 327 7.51 24.20 27.13
C THR C 327 6.37 24.20 28.14
N LEU C 328 5.26 23.52 27.80
CA LEU C 328 4.15 23.45 28.74
C LEU C 328 4.58 22.81 30.06
N LYS C 329 5.38 21.75 29.98
CA LYS C 329 5.80 21.05 31.19
C LYS C 329 6.83 21.85 32.00
N TYR C 330 7.70 22.60 31.33
CA TYR C 330 8.79 23.27 32.02
C TYR C 330 8.44 24.72 32.38
N VAL C 331 8.07 25.52 31.38
CA VAL C 331 7.80 26.93 31.64
C VAL C 331 6.64 27.09 32.61
N PHE C 332 5.65 26.21 32.54
CA PHE C 332 4.50 26.25 33.43
C PHE C 332 4.55 25.18 34.51
N ASP C 333 5.64 24.41 34.58
CA ASP C 333 5.83 23.40 35.61
C ASP C 333 4.59 22.54 35.78
N ALA C 334 4.08 22.04 34.66
CA ALA C 334 2.86 21.25 34.67
C ALA C 334 3.09 19.94 35.43
N HIS C 335 2.00 19.40 35.96
CA HIS C 335 1.99 18.14 36.67
C HIS C 335 0.76 17.35 36.26
N PRO C 336 0.78 16.03 36.41
CA PRO C 336 -0.19 15.20 35.66
C PRO C 336 -1.65 15.56 35.88
N ASP C 337 -2.03 16.03 37.07
CA ASP C 337 -3.43 16.32 37.34
C ASP C 337 -3.73 17.81 37.30
N ASP C 338 -2.84 18.60 36.71
CA ASP C 338 -3.05 20.05 36.62
C ASP C 338 -4.28 20.38 35.79
N ARG C 339 -4.77 21.60 35.99
CA ARG C 339 -5.90 22.15 35.24
C ARG C 339 -5.41 23.47 34.65
N PHE C 340 -4.85 23.36 33.45
CA PHE C 340 -4.20 24.49 32.78
C PHE C 340 -5.23 25.33 32.05
N ALA C 341 -5.22 26.63 32.32
CA ALA C 341 -6.23 27.55 31.80
C ALA C 341 -5.54 28.63 30.97
N CYS C 342 -5.43 28.41 29.67
CA CYS C 342 -4.97 29.42 28.74
C CYS C 342 -6.18 30.15 28.17
N MET C 343 -6.26 31.46 28.41
CA MET C 343 -7.43 32.25 28.03
C MET C 343 -7.32 32.82 26.63
N ALA C 344 -6.42 32.28 25.81
CA ALA C 344 -6.24 32.77 24.45
C ALA C 344 -7.34 32.20 23.55
N ASP C 345 -7.17 32.34 22.24
CA ASP C 345 -8.13 31.83 21.26
C ASP C 345 -7.43 30.86 20.32
N ILE C 346 -8.10 29.73 20.04
CA ILE C 346 -7.53 28.74 19.15
C ILE C 346 -7.35 29.25 17.72
N GLY C 347 -7.87 30.43 17.41
CA GLY C 347 -7.59 31.05 16.13
C GLY C 347 -6.19 31.60 15.99
N TRP C 348 -5.44 31.66 17.09
CA TRP C 348 -4.07 32.15 17.10
C TRP C 348 -3.14 31.09 17.67
N ILE C 349 -1.84 31.28 17.45
CA ILE C 349 -0.87 30.26 17.83
C ILE C 349 -0.90 29.99 19.32
N THR C 350 -1.23 30.99 20.13
CA THR C 350 -1.28 30.75 21.57
C THR C 350 -2.34 29.68 21.90
N GLY C 351 -3.49 29.74 21.22
CA GLY C 351 -4.49 28.69 21.40
C GLY C 351 -4.11 27.38 20.76
N HIS C 352 -3.36 27.43 19.66
CA HIS C 352 -2.85 26.20 19.05
C HIS C 352 -1.94 25.47 20.04
N SER C 353 -0.97 26.18 20.59
CA SER C 353 0.11 25.53 21.32
C SER C 353 -0.23 25.27 22.78
N TYR C 354 -0.96 26.18 23.43
CA TYR C 354 -1.17 26.09 24.87
C TYR C 354 -2.63 26.01 25.28
N ILE C 355 -3.55 25.78 24.34
CA ILE C 355 -4.88 25.26 24.66
C ILE C 355 -5.02 23.82 24.23
N ILE C 356 -4.64 23.52 22.98
CA ILE C 356 -4.87 22.20 22.39
C ILE C 356 -3.61 21.34 22.49
N TYR C 357 -2.57 21.68 21.73
CA TYR C 357 -1.53 20.69 21.47
C TYR C 357 -0.64 20.46 22.69
N GLY C 358 -0.18 21.54 23.34
CA GLY C 358 0.66 21.41 24.51
C GLY C 358 -0.01 20.66 25.65
N PRO C 359 -1.17 21.15 26.11
CA PRO C 359 -1.81 20.49 27.26
C PRO C 359 -2.30 19.08 26.97
N LEU C 360 -2.93 18.84 25.83
CA LEU C 360 -3.44 17.50 25.56
C LEU C 360 -2.32 16.52 25.26
N ALA C 361 -1.22 16.98 24.67
CA ALA C 361 -0.08 16.09 24.51
C ALA C 361 0.43 15.60 25.86
N ASN C 362 0.44 16.49 26.86
CA ASN C 362 0.86 16.13 28.21
C ASN C 362 -0.19 15.32 28.95
N GLY C 363 -1.41 15.19 28.42
CA GLY C 363 -2.44 14.42 29.08
C GLY C 363 -3.08 15.07 30.28
N ILE C 364 -3.02 16.40 30.39
CA ILE C 364 -3.61 17.09 31.53
C ILE C 364 -4.97 17.65 31.12
N THR C 365 -5.53 18.51 31.97
CA THR C 365 -6.80 19.18 31.70
C THR C 365 -6.53 20.58 31.19
N THR C 366 -7.20 20.96 30.10
CA THR C 366 -7.05 22.27 29.50
C THR C 366 -8.41 22.95 29.43
N ALA C 367 -8.40 24.27 29.49
CA ALA C 367 -9.61 25.06 29.49
C ALA C 367 -9.90 25.62 28.10
N VAL C 368 -11.17 25.60 27.72
CA VAL C 368 -11.64 26.25 26.52
C VAL C 368 -12.62 27.32 26.98
N PHE C 369 -12.15 28.56 27.03
CA PHE C 369 -12.90 29.68 27.59
C PHE C 369 -13.61 30.39 26.45
N GLU C 370 -14.95 30.33 26.46
CA GLU C 370 -15.74 30.87 25.37
C GLU C 370 -16.06 32.36 25.52
N SER C 371 -15.90 32.92 26.71
CA SER C 371 -16.40 34.25 27.02
C SER C 371 -15.31 35.30 26.89
N THR C 372 -15.57 36.49 27.41
CA THR C 372 -14.61 37.57 27.51
C THR C 372 -14.18 37.76 28.96
N PRO C 373 -13.13 38.55 29.20
CA PRO C 373 -12.69 38.79 30.59
C PRO C 373 -13.72 39.54 31.44
N VAL C 374 -14.74 40.16 30.84
CA VAL C 374 -15.65 41.00 31.59
C VAL C 374 -17.11 40.63 31.34
N TYR C 375 -17.38 39.34 31.12
CA TYR C 375 -18.76 38.87 31.01
C TYR C 375 -18.97 37.65 31.90
N PRO C 376 -20.03 37.63 32.73
CA PRO C 376 -21.01 38.70 32.97
C PRO C 376 -20.40 39.94 33.63
N THR C 377 -19.41 39.78 34.50
CA THR C 377 -18.75 40.87 35.19
C THR C 377 -17.24 40.74 35.07
N PRO C 378 -16.49 41.79 35.42
CA PRO C 378 -15.01 41.71 35.34
C PRO C 378 -14.39 40.71 36.31
N SER C 379 -15.16 40.04 37.14
CA SER C 379 -14.62 39.02 38.02
C SER C 379 -14.57 37.65 37.36
N ARG C 380 -14.84 37.56 36.07
CA ARG C 380 -15.03 36.26 35.42
C ARG C 380 -13.78 35.38 35.53
N TYR C 381 -12.61 35.95 35.22
CA TYR C 381 -11.38 35.17 35.30
C TYR C 381 -11.21 34.55 36.68
N TRP C 382 -11.38 35.36 37.73
CA TRP C 382 -11.15 34.88 39.08
C TRP C 382 -12.25 33.93 39.54
N ASP C 383 -13.49 34.18 39.09
CA ASP C 383 -14.56 33.23 39.35
C ASP C 383 -14.23 31.88 38.71
N PHE C 384 -13.77 31.91 37.45
CA PHE C 384 -13.41 30.68 36.77
C PHE C 384 -12.30 29.94 37.51
N VAL C 385 -11.27 30.68 37.94
CA VAL C 385 -10.14 30.03 38.62
C VAL C 385 -10.60 29.39 39.92
N ASP C 386 -11.45 30.08 40.68
CA ASP C 386 -11.95 29.50 41.92
C ASP C 386 -12.86 28.31 41.66
N LYS C 387 -13.70 28.39 40.61
CA LYS C 387 -14.67 27.33 40.37
C LYS C 387 -13.99 26.03 40.00
N TRP C 388 -12.99 26.08 39.12
CA TRP C 388 -12.33 24.87 38.62
C TRP C 388 -11.00 24.60 39.33
N LYS C 389 -10.60 25.46 40.26
CA LYS C 389 -9.32 25.30 40.96
C LYS C 389 -8.16 25.24 39.96
N ALA C 390 -8.17 26.17 39.01
CA ALA C 390 -7.14 26.20 37.98
C ALA C 390 -5.75 26.27 38.61
N THR C 391 -4.83 25.48 38.08
CA THR C 391 -3.46 25.44 38.59
C THR C 391 -2.54 26.37 37.82
N GLN C 392 -2.93 26.83 36.64
CA GLN C 392 -2.18 27.83 35.89
C GLN C 392 -3.16 28.69 35.12
N LEU C 393 -2.74 29.92 34.84
CA LEU C 393 -3.56 30.87 34.09
C LEU C 393 -2.65 31.65 33.15
N TYR C 394 -2.94 31.56 31.85
CA TYR C 394 -2.08 32.09 30.80
C TYR C 394 -2.90 33.10 30.00
N THR C 395 -2.53 34.38 30.08
CA THR C 395 -3.27 35.43 29.40
C THR C 395 -2.31 36.48 28.86
N ALA C 396 -2.87 37.43 28.12
CA ALA C 396 -2.12 38.57 27.62
C ALA C 396 -2.24 39.74 28.59
N PRO C 397 -1.28 40.67 28.56
CA PRO C 397 -1.42 41.87 29.40
C PRO C 397 -2.69 42.66 29.09
N THR C 398 -3.09 42.72 27.81
CA THR C 398 -4.31 43.42 27.43
C THR C 398 -5.48 43.02 28.31
N ALA C 399 -5.73 41.71 28.42
CA ALA C 399 -6.86 41.25 29.23
C ALA C 399 -6.58 41.43 30.72
N ILE C 400 -5.34 41.17 31.15
CA ILE C 400 -5.04 41.28 32.58
C ILE C 400 -5.15 42.71 33.06
N ARG C 401 -4.95 43.69 32.16
CA ARG C 401 -5.13 45.08 32.54
C ARG C 401 -6.59 45.49 32.49
N LEU C 402 -7.38 44.91 31.59
CA LEU C 402 -8.79 45.27 31.49
C LEU C 402 -9.58 44.82 32.72
N LEU C 403 -9.13 43.76 33.39
CA LEU C 403 -9.79 43.32 34.61
C LEU C 403 -9.44 44.23 35.78
N HIS C 410 -13.21 43.69 42.14
CA HIS C 410 -13.72 42.52 41.44
C HIS C 410 -12.72 41.37 41.46
N VAL C 411 -11.73 41.46 42.35
CA VAL C 411 -10.70 40.42 42.47
C VAL C 411 -10.26 40.29 43.93
N LYS C 412 -11.06 40.85 44.84
CA LYS C 412 -10.61 41.02 46.23
C LYS C 412 -10.77 39.73 47.03
N ASN C 413 -12.01 39.31 47.26
CA ASN C 413 -12.31 38.19 48.15
C ASN C 413 -12.23 36.84 47.47
N HIS C 414 -11.63 36.75 46.29
CA HIS C 414 -11.45 35.48 45.63
C HIS C 414 -10.27 34.71 46.25
N ASP C 415 -10.36 33.39 46.20
CA ASP C 415 -9.31 32.54 46.76
C ASP C 415 -8.07 32.56 45.86
N LEU C 416 -8.20 32.00 44.66
CA LEU C 416 -7.13 32.01 43.65
C LEU C 416 -5.85 31.37 44.15
N SER C 417 -5.94 30.53 45.19
CA SER C 417 -4.74 29.91 45.75
C SER C 417 -4.32 28.66 45.00
N SER C 418 -5.23 28.04 44.25
CA SER C 418 -4.85 26.87 43.47
C SER C 418 -3.84 27.21 42.37
N LEU C 419 -3.70 28.49 42.02
CA LEU C 419 -2.79 28.89 40.97
C LEU C 419 -1.35 28.77 41.43
N ARG C 420 -0.54 28.06 40.64
CA ARG C 420 0.90 27.96 40.87
C ARG C 420 1.72 28.82 39.92
N VAL C 421 1.18 29.12 38.74
CA VAL C 421 1.89 29.94 37.75
C VAL C 421 0.89 30.86 37.07
N LEU C 422 1.21 32.14 37.01
CA LEU C 422 0.50 33.11 36.21
C LEU C 422 1.39 33.49 35.04
N GLY C 423 0.96 33.19 33.83
CA GLY C 423 1.73 33.45 32.63
C GLY C 423 1.20 34.65 31.87
N SER C 424 2.13 35.37 31.23
CA SER C 424 1.78 36.49 30.38
C SER C 424 2.51 36.34 29.04
N VAL C 425 1.91 36.90 27.99
CA VAL C 425 2.42 36.72 26.64
C VAL C 425 1.79 37.76 25.74
N GLY C 426 2.51 38.11 24.66
CA GLY C 426 1.97 38.90 23.57
C GLY C 426 2.43 40.34 23.53
N GLU C 427 2.85 40.89 24.66
CA GLU C 427 3.25 42.29 24.73
C GLU C 427 4.03 42.50 26.02
N PRO C 428 4.84 43.54 26.09
CA PRO C 428 5.54 43.83 27.34
C PRO C 428 4.53 44.07 28.47
N ILE C 429 4.90 43.62 29.66
CA ILE C 429 4.07 43.83 30.84
C ILE C 429 4.56 45.04 31.63
N GLY C 442 -1.98 36.51 41.94
CA GLY C 442 -0.76 35.95 42.49
C GLY C 442 -0.46 36.42 43.90
N LYS C 443 -0.47 37.75 44.09
CA LYS C 443 -0.25 38.38 45.39
C LYS C 443 0.62 37.56 46.33
N ASN C 444 1.90 37.43 46.00
CA ASN C 444 2.87 36.71 46.82
C ASN C 444 2.44 35.24 47.01
N GLN C 445 2.55 34.49 45.92
CA GLN C 445 2.25 33.06 45.92
C GLN C 445 2.36 32.46 44.52
N CYS C 446 1.30 32.58 43.72
CA CYS C 446 1.35 32.13 42.34
C CYS C 446 2.47 32.85 41.60
N ALA C 447 3.30 32.08 40.90
CA ALA C 447 4.43 32.66 40.19
C ALA C 447 3.96 33.55 39.05
N ILE C 448 4.90 34.31 38.49
CA ILE C 448 4.66 35.14 37.31
C ILE C 448 5.75 34.81 36.31
N VAL C 449 5.39 34.17 35.20
CA VAL C 449 6.32 33.83 34.13
C VAL C 449 5.95 34.64 32.90
N ASP C 450 6.87 35.48 32.45
CA ASP C 450 6.69 36.28 31.25
C ASP C 450 7.31 35.52 30.07
N THR C 451 6.49 35.15 29.09
CA THR C 451 6.88 34.26 28.02
C THR C 451 6.91 35.02 26.70
N TYR C 452 8.06 34.99 26.03
CA TYR C 452 8.22 35.60 24.71
C TYR C 452 8.34 34.51 23.65
N TRP C 453 7.56 34.64 22.59
CA TRP C 453 7.70 33.79 21.41
C TRP C 453 6.85 34.40 20.30
N MET C 454 6.74 33.68 19.19
CA MET C 454 6.01 34.14 18.02
C MET C 454 5.34 32.96 17.36
N THR C 455 4.42 33.25 16.44
CA THR C 455 3.80 32.18 15.67
C THR C 455 4.85 31.33 14.97
N GLU C 456 5.90 31.94 14.46
CA GLU C 456 6.93 31.22 13.71
C GLU C 456 7.85 30.40 14.61
N THR C 457 7.80 30.59 15.92
CA THR C 457 8.65 29.83 16.82
C THR C 457 7.98 28.58 17.35
N GLY C 458 6.66 28.46 17.20
CA GLY C 458 5.94 27.27 17.60
C GLY C 458 5.63 27.14 19.09
N SER C 459 6.62 27.44 19.92
CA SER C 459 6.47 27.36 21.37
C SER C 459 7.32 28.46 22.00
N ILE C 460 7.24 28.54 23.35
CA ILE C 460 7.91 29.63 24.07
C ILE C 460 9.42 29.52 23.91
N SER C 461 10.06 30.66 23.64
CA SER C 461 11.48 30.70 23.35
C SER C 461 12.33 31.23 24.51
N ILE C 462 11.84 32.23 25.22
CA ILE C 462 12.55 32.83 26.35
C ILE C 462 11.58 32.97 27.51
N ALA C 463 11.97 32.51 28.69
CA ALA C 463 11.12 32.58 29.86
C ALA C 463 11.96 32.23 31.09
N PRO C 464 11.46 32.53 32.28
CA PRO C 464 12.06 32.00 33.51
C PRO C 464 11.46 30.65 33.89
N LEU C 465 12.29 29.83 34.52
CA LEU C 465 11.84 28.55 35.04
C LEU C 465 11.62 28.67 36.54
N PRO C 466 10.39 28.50 37.04
CA PRO C 466 10.09 28.71 38.46
C PRO C 466 10.57 27.57 39.35
N THR C 477 14.52 36.83 29.83
CA THR C 477 15.00 36.16 31.03
C THR C 477 16.06 35.13 30.69
N PHE C 478 15.64 33.88 30.44
CA PHE C 478 16.55 32.79 30.11
C PHE C 478 16.02 32.04 28.90
N PRO C 479 16.84 31.79 27.88
CA PRO C 479 16.34 31.10 26.68
C PRO C 479 15.96 29.66 26.99
N PHE C 480 14.86 29.21 26.38
CA PHE C 480 14.40 27.85 26.61
C PHE C 480 15.35 26.85 25.96
N PHE C 481 15.24 25.61 26.42
CA PHE C 481 16.00 24.51 25.84
C PHE C 481 15.94 24.55 24.32
N GLY C 482 17.12 24.48 23.69
CA GLY C 482 17.24 24.51 22.26
C GLY C 482 17.28 25.90 21.65
N MET C 483 17.04 26.95 22.44
CA MET C 483 17.05 28.32 21.95
C MET C 483 18.37 28.97 22.34
N ASP C 484 19.14 29.38 21.33
CA ASP C 484 20.38 30.12 21.53
C ASP C 484 20.21 31.44 20.80
N VAL C 485 19.99 32.51 21.55
CA VAL C 485 19.66 33.81 20.98
C VAL C 485 20.81 34.78 21.21
N ASP C 486 20.92 35.76 20.32
CA ASP C 486 21.98 36.75 20.37
C ASP C 486 21.42 38.11 19.97
N ILE C 487 22.17 39.15 20.32
CA ILE C 487 21.85 40.53 19.95
C ILE C 487 22.77 40.94 18.82
N ILE C 488 22.22 41.51 17.76
CA ILE C 488 22.97 41.93 16.59
C ILE C 488 22.70 43.41 16.33
N ASP C 489 23.77 44.16 16.06
CA ASP C 489 23.62 45.53 15.61
C ASP C 489 23.13 45.51 14.17
N PRO C 490 21.94 46.06 13.86
CA PRO C 490 21.50 46.07 12.46
C PRO C 490 22.43 46.87 11.55
N GLN C 491 23.14 47.86 12.10
CA GLN C 491 24.02 48.69 11.28
C GLN C 491 25.26 47.93 10.81
N THR C 492 25.60 46.82 11.45
CA THR C 492 26.80 46.06 11.11
C THR C 492 26.53 44.59 10.81
N GLY C 493 25.38 44.05 11.21
CA GLY C 493 25.15 42.63 11.06
C GLY C 493 25.97 41.76 11.98
N GLN C 494 26.65 42.36 12.96
CA GLN C 494 27.53 41.64 13.88
C GLN C 494 26.88 41.52 15.24
N VAL C 495 27.20 40.41 15.93
CA VAL C 495 26.66 40.16 17.26
C VAL C 495 27.23 41.18 18.24
N LEU C 496 26.38 41.68 19.14
CA LEU C 496 26.81 42.58 20.20
C LEU C 496 27.07 41.75 21.47
N GLU C 497 28.16 41.00 21.41
CA GLU C 497 28.57 40.20 22.56
C GLU C 497 28.76 41.10 23.78
N GLY C 498 28.44 40.54 24.95
CA GLY C 498 28.42 41.30 26.18
C GLY C 498 27.02 41.38 26.75
N ASN C 499 26.84 42.30 27.69
CA ASN C 499 25.58 42.45 28.41
C ASN C 499 24.87 43.76 28.06
N ASP C 500 25.50 44.90 28.30
CA ASP C 500 24.83 46.20 28.13
C ASP C 500 24.95 46.68 26.68
N VAL C 501 24.32 45.91 25.80
CA VAL C 501 24.23 46.24 24.38
C VAL C 501 22.78 46.08 23.95
N GLU C 502 22.44 46.72 22.82
CA GLU C 502 21.07 46.75 22.34
C GLU C 502 21.04 46.64 20.82
N GLY C 503 20.19 45.76 20.31
CA GLY C 503 20.05 45.57 18.88
C GLY C 503 18.82 44.74 18.53
N VAL C 504 18.93 43.92 17.48
CA VAL C 504 17.83 43.05 17.07
C VAL C 504 18.09 41.66 17.62
N LEU C 505 17.01 40.95 17.96
CA LEU C 505 17.12 39.59 18.46
C LEU C 505 17.21 38.62 17.28
N VAL C 506 18.08 37.61 17.43
CA VAL C 506 18.28 36.59 16.41
C VAL C 506 18.50 35.25 17.11
N ALA C 507 18.29 34.17 16.37
CA ALA C 507 18.54 32.82 16.86
C ALA C 507 19.74 32.22 16.15
N ARG C 508 20.56 31.48 16.90
CA ARG C 508 21.78 30.92 16.34
C ARG C 508 21.50 29.74 15.43
N ARG C 509 20.70 28.79 15.90
CA ARG C 509 20.47 27.52 15.23
C ARG C 509 18.99 27.21 15.18
N PRO C 510 18.57 26.26 14.34
CA PRO C 510 17.18 25.83 14.34
C PRO C 510 16.80 25.18 15.66
N TRP C 511 15.52 25.29 16.00
CA TRP C 511 14.92 24.59 17.13
C TRP C 511 13.79 23.72 16.63
N PRO C 512 13.38 22.70 17.39
CA PRO C 512 12.45 21.71 16.84
C PRO C 512 11.13 22.27 16.35
N SER C 513 10.56 23.27 17.02
CA SER C 513 9.22 23.75 16.70
C SER C 513 9.22 24.95 15.75
N ILE C 514 10.35 25.23 15.08
CA ILE C 514 10.39 26.39 14.21
C ILE C 514 9.52 26.16 12.99
N ALA C 515 8.83 27.20 12.55
CA ALA C 515 8.03 27.10 11.33
C ALA C 515 8.91 26.69 10.15
N ARG C 516 8.40 25.78 9.33
CA ARG C 516 9.20 25.22 8.25
C ARG C 516 9.09 25.98 6.93
N THR C 517 8.00 26.72 6.71
CA THR C 517 7.84 27.46 5.47
C THR C 517 6.64 28.39 5.60
N VAL C 518 6.40 29.17 4.55
CA VAL C 518 5.16 29.91 4.35
C VAL C 518 4.44 29.25 3.18
N TYR C 519 3.19 28.85 3.41
CA TYR C 519 2.50 27.97 2.48
C TYR C 519 2.62 28.48 1.05
N ARG C 520 3.20 27.64 0.20
CA ARG C 520 3.36 27.93 -1.23
C ARG C 520 4.00 29.30 -1.47
N ASP C 521 4.80 29.77 -0.51
CA ASP C 521 5.54 31.01 -0.66
C ASP C 521 6.84 30.89 0.14
N HIS C 522 7.63 29.86 -0.16
CA HIS C 522 8.90 29.67 0.55
C HIS C 522 9.83 30.85 0.35
N LYS C 523 9.72 31.55 -0.78
CA LYS C 523 10.57 32.71 -1.02
C LYS C 523 10.34 33.78 0.04
N ARG C 524 9.07 34.01 0.40
CA ARG C 524 8.75 34.98 1.45
C ARG C 524 9.29 34.52 2.80
N TYR C 525 9.24 33.21 3.05
CA TYR C 525 9.80 32.65 4.28
C TYR C 525 11.29 32.99 4.39
N LEU C 526 12.04 32.73 3.33
CA LEU C 526 13.48 33.00 3.38
C LEU C 526 13.76 34.49 3.48
N GLU C 527 13.11 35.31 2.65
CA GLU C 527 13.38 36.74 2.64
C GLU C 527 13.07 37.38 3.99
N THR C 528 11.96 36.97 4.62
CA THR C 528 11.54 37.59 5.87
C THR C 528 12.46 37.22 7.02
N TYR C 529 12.76 35.92 7.17
CA TYR C 529 13.37 35.39 8.37
C TYR C 529 14.83 35.02 8.21
N MET C 530 15.29 34.67 7.01
CA MET C 530 16.59 34.06 6.86
C MET C 530 17.61 34.90 6.10
N LYS C 531 17.15 35.88 5.33
CA LYS C 531 18.07 36.71 4.55
C LYS C 531 18.60 37.92 5.31
N PRO C 532 17.79 38.59 6.14
CA PRO C 532 18.28 39.81 6.79
C PRO C 532 19.58 39.65 7.54
N TYR C 533 19.87 38.45 8.05
CA TYR C 533 21.13 38.18 8.73
C TYR C 533 21.54 36.75 8.39
N PRO C 534 22.29 36.57 7.31
CA PRO C 534 22.61 35.21 6.87
C PRO C 534 23.25 34.40 7.98
N GLY C 535 22.74 33.18 8.16
CA GLY C 535 23.16 32.31 9.24
C GLY C 535 22.28 32.36 10.47
N TYR C 536 21.41 33.36 10.57
CA TYR C 536 20.57 33.55 11.73
C TYR C 536 19.09 33.52 11.35
N PHE C 537 18.24 33.38 12.35
CA PHE C 537 16.82 33.58 12.23
C PHE C 537 16.46 34.94 12.80
N PHE C 538 15.73 35.74 12.02
CA PHE C 538 15.41 37.11 12.37
C PHE C 538 14.00 37.18 12.93
N PHE C 539 13.89 37.37 14.25
CA PHE C 539 12.58 37.44 14.89
C PHE C 539 11.80 38.65 14.40
N GLY C 540 12.46 39.79 14.24
CA GLY C 540 11.81 41.02 13.89
C GLY C 540 11.45 41.91 15.05
N ASP C 541 12.18 41.84 16.16
CA ASP C 541 11.96 42.75 17.27
C ASP C 541 13.30 43.09 17.91
N GLY C 542 13.31 44.21 18.64
CA GLY C 542 14.51 44.63 19.32
C GLY C 542 14.67 43.96 20.67
N ALA C 543 15.89 44.01 21.20
CA ALA C 543 16.17 43.43 22.51
C ALA C 543 17.48 43.99 23.05
N ALA C 544 17.64 43.91 24.37
CA ALA C 544 18.85 44.33 25.04
C ALA C 544 18.98 43.56 26.35
N ARG C 545 20.21 43.47 26.85
CA ARG C 545 20.49 42.68 28.05
C ARG C 545 20.90 43.58 29.22
N MET C 551 17.98 39.73 29.85
CA MET C 551 17.40 39.95 28.53
C MET C 551 16.09 40.74 28.65
N TRP C 552 16.01 41.84 27.91
CA TRP C 552 14.81 42.67 27.82
C TRP C 552 14.36 42.73 26.37
N ILE C 553 13.06 42.51 26.14
CA ILE C 553 12.48 42.45 24.81
C ILE C 553 11.81 43.78 24.51
N LYS C 554 12.36 44.51 23.55
CA LYS C 554 11.83 45.82 23.16
C LYS C 554 10.92 45.70 21.96
C1 EDO D . 7.55 -9.00 8.29
O1 EDO D . 8.19 -7.74 8.52
C2 EDO D . 6.06 -8.78 8.10
O2 EDO D . 5.40 -10.03 7.90
C1 EDO E . -13.10 -19.96 -15.26
O1 EDO E . -12.08 -19.53 -16.17
C2 EDO E . -12.67 -21.24 -14.54
O2 EDO E . -13.72 -21.69 -13.67
C1 YHQ F . -29.01 -15.69 14.13
C2 YHQ F . -30.06 -16.76 14.44
C3 YHQ F . -29.80 -17.75 13.30
C4 YHQ F . -27.61 -19.02 13.01
C5 YHQ F . -27.84 -20.57 14.45
C6 YHQ F . -28.99 -19.80 14.53
O1 YHQ F . -29.30 -14.41 14.68
C7 YHQ F . -29.84 -21.08 16.11
C8 YHQ F . -27.75 -21.68 15.31
C9 YHQ F . -29.07 -15.64 12.61
C10 YHQ F . -27.82 -15.07 11.95
C11 YHQ F . -25.11 -16.56 9.73
C12 YHQ F . -23.91 -16.99 10.52
C13 YHQ F . -26.27 -17.47 9.95
O2 YHQ F . -29.29 -17.01 12.20
O3 YHQ F . -31.38 -16.27 14.31
O4 YHQ F . -27.99 -15.03 10.52
O5 YHQ F . -26.57 -13.01 10.03
N1 YHQ F . -28.83 -18.80 13.60
O6 YHQ F . -25.49 -15.22 10.17
N4 YHQ F . -28.79 -21.90 16.15
O7 YHQ F . -27.11 -14.79 8.26
N2 YHQ F . -26.97 -20.06 13.48
N3 YHQ F . -30.03 -20.00 15.34
N5 YHQ F . -26.71 -22.52 15.33
P1 YHQ F . -26.79 -14.43 9.66
C1 EDO G . 16.10 4.31 8.59
O1 EDO G . 15.95 5.23 7.49
C2 EDO G . 15.09 4.66 9.66
O2 EDO G . 15.30 3.85 10.82
C1 EDO H . 20.54 24.98 -15.71
O1 EDO H . 19.76 25.82 -14.84
C2 EDO H . 21.96 24.82 -15.14
O2 EDO H . 22.73 24.01 -16.05
C1 YHQ I . 22.55 -6.79 -25.13
C2 YHQ I . 23.63 -7.07 -26.17
C3 YHQ I . 24.38 -5.74 -26.20
C4 YHQ I . 25.61 -4.72 -24.23
C5 YHQ I . 27.42 -5.81 -24.23
C6 YHQ I . 26.68 -6.31 -25.27
O1 YHQ I . 21.40 -7.60 -25.23
C7 YHQ I . 28.26 -7.76 -25.80
C8 YHQ I . 28.70 -6.36 -24.01
C9 YHQ I . 22.19 -5.33 -25.46
C10 YHQ I . 21.57 -4.56 -24.31
C11 YHQ I . 22.67 -1.54 -22.17
C12 YHQ I . 23.26 -1.91 -20.85
C13 YHQ I . 23.55 -1.86 -23.31
O2 YHQ I . 23.44 -4.72 -25.85
O3 YHQ I . 23.10 -7.30 -27.45
O4 YHQ I . 21.23 -3.23 -24.73
O5 YHQ I . 19.22 -2.91 -23.22
N1 YHQ I . 25.50 -5.61 -25.27
O6 YHQ I . 21.43 -2.32 -22.34
N4 YHQ I . 29.08 -7.37 -24.83
O7 YHQ I . 20.46 -0.94 -24.25
N2 YHQ I . 26.74 -4.80 -23.57
N3 YHQ I . 27.04 -7.30 -26.11
N5 YHQ I . 29.52 -5.98 -23.04
P1 YHQ I . 20.51 -2.29 -23.65
C1 EDO J . 2.83 3.85 19.14
O1 EDO J . 1.52 4.29 18.73
C2 EDO J . 2.77 2.42 19.64
O2 EDO J . 3.16 1.51 18.61
C1 EDO K . -22.57 22.14 22.15
O1 EDO K . -21.60 23.17 22.43
C2 EDO K . -22.98 22.20 20.68
O2 EDO K . -23.73 21.02 20.32
C1 YHQ L . 6.64 39.07 19.41
C2 YHQ L . 6.64 40.42 20.14
C3 YHQ L . 5.38 40.26 20.99
C4 YHQ L . 5.41 38.23 22.53
C5 YHQ L . 6.29 39.05 24.27
C6 YHQ L . 6.22 40.08 23.37
O1 YHQ L . 7.52 39.02 18.30
C7 YHQ L . 7.14 41.51 24.78
C8 YHQ L . 6.85 39.34 25.54
C9 YHQ L . 5.16 39.00 19.03
C10 YHQ L . 4.64 37.63 18.65
C11 YHQ L . 2.26 35.17 20.21
C12 YHQ L . 3.02 34.16 21.02
C13 YHQ L . 2.20 36.52 20.84
O2 YHQ L . 4.47 39.49 20.21
O3 YHQ L . 6.48 41.50 19.24
O4 YHQ L . 3.24 37.72 18.32
O5 YHQ L . 3.21 35.96 16.53
N1 YHQ L . 5.65 39.55 22.24
O6 YHQ L . 2.95 35.30 18.92
N4 YHQ L . 7.27 40.61 25.76
O7 YHQ L . 1.09 36.62 17.81
N2 YHQ L . 5.77 37.88 23.74
N3 YHQ L . 6.64 41.35 23.56
N5 YHQ L . 6.97 38.44 26.52
P1 YHQ L . 2.55 36.37 17.79
#